data_6K1W
# 
_entry.id   6K1W 
# 
_audit_conform.dict_name       mmcif_pdbx.dic 
_audit_conform.dict_version    5.380 
_audit_conform.dict_location   http://mmcif.pdb.org/dictionaries/ascii/mmcif_pdbx.dic 
# 
loop_
_database_2.database_id 
_database_2.database_code 
_database_2.pdbx_database_accession 
_database_2.pdbx_DOI 
PDB   6K1W         pdb_00006k1w 10.2210/pdb6k1w/pdb 
WWPDB D_1300012167 ?            ?                   
# 
_pdbx_database_status.status_code                     REL 
_pdbx_database_status.status_code_sf                  REL 
_pdbx_database_status.status_code_mr                  ? 
_pdbx_database_status.entry_id                        6K1W 
_pdbx_database_status.recvd_initial_deposition_date   2019-05-13 
_pdbx_database_status.SG_entry                        N 
_pdbx_database_status.deposit_site                    PDBJ 
_pdbx_database_status.process_site                    PDBJ 
_pdbx_database_status.status_code_cs                  ? 
_pdbx_database_status.methods_development_category    ? 
_pdbx_database_status.pdb_format_compatible           Y 
_pdbx_database_status.status_code_nmr_data            ? 
# 
_audit_author.name               'Nam, K.H.' 
_audit_author.pdbx_ordinal       1 
_audit_author.identifier_ORCID   0000-0003-3268-354X 
# 
_citation.abstract                  ? 
_citation.abstract_id_CAS           ? 
_citation.book_id_ISBN              ? 
_citation.book_publisher            ? 
_citation.book_publisher_city       ? 
_citation.book_title                ? 
_citation.coordinate_linkage        ? 
_citation.country                   ? 
_citation.database_id_Medline       ? 
_citation.details                   ? 
_citation.id                        primary 
_citation.journal_abbrev            'To Be Published' 
_citation.journal_id_ASTM           ? 
_citation.journal_id_CSD            0353 
_citation.journal_id_ISSN           ? 
_citation.journal_full              ? 
_citation.journal_issue             ? 
_citation.journal_volume            ? 
_citation.language                  ? 
_citation.page_first                ? 
_citation.page_last                 ? 
_citation.title                     'Crystal structure of Rhodothermus marinus substrate-binding protein at pH 5.5' 
_citation.year                      ? 
_citation.database_id_CSD           ? 
_citation.pdbx_database_id_DOI      ? 
_citation.pdbx_database_id_PubMed   ? 
_citation.unpublished_flag          ? 
# 
_citation_author.citation_id        primary 
_citation_author.name               'Nam, K.H.' 
_citation_author.ordinal            1 
_citation_author.identifier_ORCID   0000-0003-3268-354X 
# 
_cell.angle_alpha                  90.000 
_cell.angle_alpha_esd              ? 
_cell.angle_beta                   90.000 
_cell.angle_beta_esd               ? 
_cell.angle_gamma                  90.000 
_cell.angle_gamma_esd              ? 
_cell.entry_id                     6K1W 
_cell.details                      ? 
_cell.formula_units_Z              ? 
_cell.length_a                     46.421 
_cell.length_a_esd                 ? 
_cell.length_b                     48.613 
_cell.length_b_esd                 ? 
_cell.length_c                     58.111 
_cell.length_c_esd                 ? 
_cell.volume                       ? 
_cell.volume_esd                   ? 
_cell.Z_PDB                        4 
_cell.reciprocal_angle_alpha       ? 
_cell.reciprocal_angle_beta        ? 
_cell.reciprocal_angle_gamma       ? 
_cell.reciprocal_angle_alpha_esd   ? 
_cell.reciprocal_angle_beta_esd    ? 
_cell.reciprocal_angle_gamma_esd   ? 
_cell.reciprocal_length_a          ? 
_cell.reciprocal_length_b          ? 
_cell.reciprocal_length_c          ? 
_cell.reciprocal_length_a_esd      ? 
_cell.reciprocal_length_b_esd      ? 
_cell.reciprocal_length_c_esd      ? 
_cell.pdbx_unique_axis             ? 
# 
_symmetry.entry_id                         6K1W 
_symmetry.cell_setting                     ? 
_symmetry.Int_Tables_number                19 
_symmetry.space_group_name_Hall            ? 
_symmetry.space_group_name_H-M             'P 21 21 21' 
_symmetry.pdbx_full_space_group_name_H-M   ? 
# 
loop_
_entity.id 
_entity.type 
_entity.src_method 
_entity.pdbx_description 
_entity.formula_weight 
_entity.pdbx_number_of_molecules 
_entity.pdbx_ec 
_entity.pdbx_mutation 
_entity.pdbx_fragment 
_entity.details 
1 polymer man 'ABC-type uncharacterized transport system periplasmic component-like protein' 18394.193 1   ? ? ? ? 
2 water   nat water                                                                          18.015    140 ? ? ? ? 
# 
_entity_poly.entity_id                      1 
_entity_poly.type                           'polypeptide(L)' 
_entity_poly.nstd_linkage                   no 
_entity_poly.nstd_monomer                   no 
_entity_poly.pdbx_seq_one_letter_code       
;GSHMPETETEVTPIQQLFLIKELKPGIARIGVIWDKNAANRDEVLPQLQRASAATGIKVVVAEVASLQEVAPQFRTLLRD
HQVEALWVLEESGLLGQAAARSFLIKNATQAGMPVFAPSETWLKEGACVTWRKDAEGIRLVVNKAVAEAMGITIPAKYQD
RTAFLAMN
;
_entity_poly.pdbx_seq_one_letter_code_can   
;GSHMPETETEVTPIQQLFLIKELKPGIARIGVIWDKNAANRDEVLPQLQRASAATGIKVVVAEVASLQEVAPQFRTLLRD
HQVEALWVLEESGLLGQAAARSFLIKNATQAGMPVFAPSETWLKEGACVTWRKDAEGIRLVVNKAVAEAMGITIPAKYQD
RTAFLAMN
;
_entity_poly.pdbx_strand_id                 A 
_entity_poly.pdbx_target_identifier         ? 
# 
loop_
_entity_poly_seq.entity_id 
_entity_poly_seq.num 
_entity_poly_seq.mon_id 
_entity_poly_seq.hetero 
1 1   GLY n 
1 2   SER n 
1 3   HIS n 
1 4   MET n 
1 5   PRO n 
1 6   GLU n 
1 7   THR n 
1 8   GLU n 
1 9   THR n 
1 10  GLU n 
1 11  VAL n 
1 12  THR n 
1 13  PRO n 
1 14  ILE n 
1 15  GLN n 
1 16  GLN n 
1 17  LEU n 
1 18  PHE n 
1 19  LEU n 
1 20  ILE n 
1 21  LYS n 
1 22  GLU n 
1 23  LEU n 
1 24  LYS n 
1 25  PRO n 
1 26  GLY n 
1 27  ILE n 
1 28  ALA n 
1 29  ARG n 
1 30  ILE n 
1 31  GLY n 
1 32  VAL n 
1 33  ILE n 
1 34  TRP n 
1 35  ASP n 
1 36  LYS n 
1 37  ASN n 
1 38  ALA n 
1 39  ALA n 
1 40  ASN n 
1 41  ARG n 
1 42  ASP n 
1 43  GLU n 
1 44  VAL n 
1 45  LEU n 
1 46  PRO n 
1 47  GLN n 
1 48  LEU n 
1 49  GLN n 
1 50  ARG n 
1 51  ALA n 
1 52  SER n 
1 53  ALA n 
1 54  ALA n 
1 55  THR n 
1 56  GLY n 
1 57  ILE n 
1 58  LYS n 
1 59  VAL n 
1 60  VAL n 
1 61  VAL n 
1 62  ALA n 
1 63  GLU n 
1 64  VAL n 
1 65  ALA n 
1 66  SER n 
1 67  LEU n 
1 68  GLN n 
1 69  GLU n 
1 70  VAL n 
1 71  ALA n 
1 72  PRO n 
1 73  GLN n 
1 74  PHE n 
1 75  ARG n 
1 76  THR n 
1 77  LEU n 
1 78  LEU n 
1 79  ARG n 
1 80  ASP n 
1 81  HIS n 
1 82  GLN n 
1 83  VAL n 
1 84  GLU n 
1 85  ALA n 
1 86  LEU n 
1 87  TRP n 
1 88  VAL n 
1 89  LEU n 
1 90  GLU n 
1 91  GLU n 
1 92  SER n 
1 93  GLY n 
1 94  LEU n 
1 95  LEU n 
1 96  GLY n 
1 97  GLN n 
1 98  ALA n 
1 99  ALA n 
1 100 ALA n 
1 101 ARG n 
1 102 SER n 
1 103 PHE n 
1 104 LEU n 
1 105 ILE n 
1 106 LYS n 
1 107 ASN n 
1 108 ALA n 
1 109 THR n 
1 110 GLN n 
1 111 ALA n 
1 112 GLY n 
1 113 MET n 
1 114 PRO n 
1 115 VAL n 
1 116 PHE n 
1 117 ALA n 
1 118 PRO n 
1 119 SER n 
1 120 GLU n 
1 121 THR n 
1 122 TRP n 
1 123 LEU n 
1 124 LYS n 
1 125 GLU n 
1 126 GLY n 
1 127 ALA n 
1 128 CYS n 
1 129 VAL n 
1 130 THR n 
1 131 TRP n 
1 132 ARG n 
1 133 LYS n 
1 134 ASP n 
1 135 ALA n 
1 136 GLU n 
1 137 GLY n 
1 138 ILE n 
1 139 ARG n 
1 140 LEU n 
1 141 VAL n 
1 142 VAL n 
1 143 ASN n 
1 144 LYS n 
1 145 ALA n 
1 146 VAL n 
1 147 ALA n 
1 148 GLU n 
1 149 ALA n 
1 150 MET n 
1 151 GLY n 
1 152 ILE n 
1 153 THR n 
1 154 ILE n 
1 155 PRO n 
1 156 ALA n 
1 157 LYS n 
1 158 TYR n 
1 159 GLN n 
1 160 ASP n 
1 161 ARG n 
1 162 THR n 
1 163 ALA n 
1 164 PHE n 
1 165 LEU n 
1 166 ALA n 
1 167 MET n 
1 168 ASN n 
# 
_entity_src_gen.entity_id                          1 
_entity_src_gen.pdbx_src_id                        1 
_entity_src_gen.pdbx_alt_source_flag               sample 
_entity_src_gen.pdbx_seq_type                      'Biological sequence' 
_entity_src_gen.pdbx_beg_seq_num                   1 
_entity_src_gen.pdbx_end_seq_num                   168 
_entity_src_gen.gene_src_common_name               ? 
_entity_src_gen.gene_src_genus                     ? 
_entity_src_gen.pdbx_gene_src_gene                 Rmar_2176 
_entity_src_gen.gene_src_species                   ? 
_entity_src_gen.gene_src_strain                    'ATCC 43812 / DSM 4252 / R-10' 
_entity_src_gen.gene_src_tissue                    ? 
_entity_src_gen.gene_src_tissue_fraction           ? 
_entity_src_gen.gene_src_details                   ? 
_entity_src_gen.pdbx_gene_src_fragment             ? 
_entity_src_gen.pdbx_gene_src_scientific_name      'Rhodothermus marinus (strain ATCC 43812 / DSM 4252 / R-10)' 
_entity_src_gen.pdbx_gene_src_ncbi_taxonomy_id     518766 
_entity_src_gen.pdbx_gene_src_variant              ? 
_entity_src_gen.pdbx_gene_src_cell_line            ? 
_entity_src_gen.pdbx_gene_src_atcc                 ? 
_entity_src_gen.pdbx_gene_src_organ                ? 
_entity_src_gen.pdbx_gene_src_organelle            ? 
_entity_src_gen.pdbx_gene_src_cell                 ? 
_entity_src_gen.pdbx_gene_src_cellular_location    ? 
_entity_src_gen.host_org_common_name               ? 
_entity_src_gen.pdbx_host_org_scientific_name      'Escherichia coli BL21(DE3)' 
_entity_src_gen.pdbx_host_org_ncbi_taxonomy_id     469008 
_entity_src_gen.host_org_genus                     ? 
_entity_src_gen.pdbx_host_org_gene                 ? 
_entity_src_gen.pdbx_host_org_organ                ? 
_entity_src_gen.host_org_species                   ? 
_entity_src_gen.pdbx_host_org_tissue               ? 
_entity_src_gen.pdbx_host_org_tissue_fraction      ? 
_entity_src_gen.pdbx_host_org_strain               ? 
_entity_src_gen.pdbx_host_org_variant              ? 
_entity_src_gen.pdbx_host_org_cell_line            ? 
_entity_src_gen.pdbx_host_org_atcc                 ? 
_entity_src_gen.pdbx_host_org_culture_collection   ? 
_entity_src_gen.pdbx_host_org_cell                 ? 
_entity_src_gen.pdbx_host_org_organelle            ? 
_entity_src_gen.pdbx_host_org_cellular_location    ? 
_entity_src_gen.pdbx_host_org_vector_type          ? 
_entity_src_gen.pdbx_host_org_vector               ? 
_entity_src_gen.host_org_details                   ? 
_entity_src_gen.expression_system_id               ? 
_entity_src_gen.plasmid_name                       ? 
_entity_src_gen.plasmid_details                    ? 
_entity_src_gen.pdbx_description                   ? 
# 
_struct_ref.id                         1 
_struct_ref.db_name                    UNP 
_struct_ref.db_code                    D0MDR1_RHOM4 
_struct_ref.pdbx_db_accession          D0MDR1 
_struct_ref.pdbx_db_isoform            ? 
_struct_ref.entity_id                  1 
_struct_ref.pdbx_seq_one_letter_code   
;PETETEVTPIQQLFLIKELKPGIARIGVIWDKNAANRDEVLPQLQRASAATGIKVVVAEVASLQEVAPQFRTLLRDHQVE
ALWVLEESGLLGQAAARSFLIKNATQAGMPVFAPSETWLKEGACVTWRKDAEGIRLVVNKAVAEAMGITIPAKYQDRTAF
LAMN
;
_struct_ref.pdbx_align_begin           22 
# 
_struct_ref_seq.align_id                      1 
_struct_ref_seq.ref_id                        1 
_struct_ref_seq.pdbx_PDB_id_code              6K1W 
_struct_ref_seq.pdbx_strand_id                A 
_struct_ref_seq.seq_align_beg                 5 
_struct_ref_seq.pdbx_seq_align_beg_ins_code   ? 
_struct_ref_seq.seq_align_end                 168 
_struct_ref_seq.pdbx_seq_align_end_ins_code   ? 
_struct_ref_seq.pdbx_db_accession             D0MDR1 
_struct_ref_seq.db_align_beg                  22 
_struct_ref_seq.pdbx_db_align_beg_ins_code    ? 
_struct_ref_seq.db_align_end                  185 
_struct_ref_seq.pdbx_db_align_end_ins_code    ? 
_struct_ref_seq.pdbx_auth_seq_align_beg       22 
_struct_ref_seq.pdbx_auth_seq_align_end       185 
# 
loop_
_struct_ref_seq_dif.align_id 
_struct_ref_seq_dif.pdbx_pdb_id_code 
_struct_ref_seq_dif.mon_id 
_struct_ref_seq_dif.pdbx_pdb_strand_id 
_struct_ref_seq_dif.seq_num 
_struct_ref_seq_dif.pdbx_pdb_ins_code 
_struct_ref_seq_dif.pdbx_seq_db_name 
_struct_ref_seq_dif.pdbx_seq_db_accession_code 
_struct_ref_seq_dif.db_mon_id 
_struct_ref_seq_dif.pdbx_seq_db_seq_num 
_struct_ref_seq_dif.details 
_struct_ref_seq_dif.pdbx_auth_seq_num 
_struct_ref_seq_dif.pdbx_ordinal 
1 6K1W GLY A 1 ? UNP D0MDR1 ? ? 'expression tag' 18 1 
1 6K1W SER A 2 ? UNP D0MDR1 ? ? 'expression tag' 19 2 
1 6K1W HIS A 3 ? UNP D0MDR1 ? ? 'expression tag' 20 3 
1 6K1W MET A 4 ? UNP D0MDR1 ? ? 'expression tag' 21 4 
# 
loop_
_chem_comp.id 
_chem_comp.type 
_chem_comp.mon_nstd_flag 
_chem_comp.name 
_chem_comp.pdbx_synonyms 
_chem_comp.formula 
_chem_comp.formula_weight 
ALA 'L-peptide linking' y ALANINE         ? 'C3 H7 N O2'     89.093  
ARG 'L-peptide linking' y ARGININE        ? 'C6 H15 N4 O2 1' 175.209 
ASN 'L-peptide linking' y ASPARAGINE      ? 'C4 H8 N2 O3'    132.118 
ASP 'L-peptide linking' y 'ASPARTIC ACID' ? 'C4 H7 N O4'     133.103 
CYS 'L-peptide linking' y CYSTEINE        ? 'C3 H7 N O2 S'   121.158 
GLN 'L-peptide linking' y GLUTAMINE       ? 'C5 H10 N2 O3'   146.144 
GLU 'L-peptide linking' y 'GLUTAMIC ACID' ? 'C5 H9 N O4'     147.129 
GLY 'peptide linking'   y GLYCINE         ? 'C2 H5 N O2'     75.067  
HIS 'L-peptide linking' y HISTIDINE       ? 'C6 H10 N3 O2 1' 156.162 
HOH non-polymer         . WATER           ? 'H2 O'           18.015  
ILE 'L-peptide linking' y ISOLEUCINE      ? 'C6 H13 N O2'    131.173 
LEU 'L-peptide linking' y LEUCINE         ? 'C6 H13 N O2'    131.173 
LYS 'L-peptide linking' y LYSINE          ? 'C6 H15 N2 O2 1' 147.195 
MET 'L-peptide linking' y METHIONINE      ? 'C5 H11 N O2 S'  149.211 
PHE 'L-peptide linking' y PHENYLALANINE   ? 'C9 H11 N O2'    165.189 
PRO 'L-peptide linking' y PROLINE         ? 'C5 H9 N O2'     115.130 
SER 'L-peptide linking' y SERINE          ? 'C3 H7 N O3'     105.093 
THR 'L-peptide linking' y THREONINE       ? 'C4 H9 N O3'     119.119 
TRP 'L-peptide linking' y TRYPTOPHAN      ? 'C11 H12 N2 O2'  204.225 
TYR 'L-peptide linking' y TYROSINE        ? 'C9 H11 N O3'    181.189 
VAL 'L-peptide linking' y VALINE          ? 'C5 H11 N O2'    117.146 
# 
_exptl.absorpt_coefficient_mu     ? 
_exptl.absorpt_correction_T_max   ? 
_exptl.absorpt_correction_T_min   ? 
_exptl.absorpt_correction_type    ? 
_exptl.absorpt_process_details    ? 
_exptl.entry_id                   6K1W 
_exptl.crystals_number            1 
_exptl.details                    ? 
_exptl.method                     'X-RAY DIFFRACTION' 
_exptl.method_details             ? 
# 
_exptl_crystal.colour                      ? 
_exptl_crystal.density_diffrn              ? 
_exptl_crystal.density_Matthews            1.78 
_exptl_crystal.density_method              ? 
_exptl_crystal.density_percent_sol         30.99 
_exptl_crystal.description                 ? 
_exptl_crystal.F_000                       ? 
_exptl_crystal.id                          1 
_exptl_crystal.preparation                 ? 
_exptl_crystal.size_max                    ? 
_exptl_crystal.size_mid                    ? 
_exptl_crystal.size_min                    ? 
_exptl_crystal.size_rad                    ? 
_exptl_crystal.colour_lustre               ? 
_exptl_crystal.colour_modifier             ? 
_exptl_crystal.colour_primary              ? 
_exptl_crystal.density_meas                ? 
_exptl_crystal.density_meas_esd            ? 
_exptl_crystal.density_meas_gt             ? 
_exptl_crystal.density_meas_lt             ? 
_exptl_crystal.density_meas_temp           ? 
_exptl_crystal.density_meas_temp_esd       ? 
_exptl_crystal.density_meas_temp_gt        ? 
_exptl_crystal.density_meas_temp_lt        ? 
_exptl_crystal.pdbx_crystal_image_url      ? 
_exptl_crystal.pdbx_crystal_image_format   ? 
_exptl_crystal.pdbx_mosaicity              ? 
_exptl_crystal.pdbx_mosaicity_esd          ? 
# 
_exptl_crystal_grow.apparatus       ? 
_exptl_crystal_grow.atmosphere      ? 
_exptl_crystal_grow.crystal_id      1 
_exptl_crystal_grow.details         ? 
_exptl_crystal_grow.method          'VAPOR DIFFUSION, SITTING DROP' 
_exptl_crystal_grow.method_ref      ? 
_exptl_crystal_grow.pH              5.5 
_exptl_crystal_grow.pressure        ? 
_exptl_crystal_grow.pressure_esd    ? 
_exptl_crystal_grow.seeding         ? 
_exptl_crystal_grow.seeding_ref     ? 
_exptl_crystal_grow.temp            293.15 
_exptl_crystal_grow.temp_details    ? 
_exptl_crystal_grow.temp_esd        ? 
_exptl_crystal_grow.time            ? 
_exptl_crystal_grow.pdbx_details    'Magnesium chloride, BIS-Tris, PEG 3350' 
_exptl_crystal_grow.pdbx_pH_range   ? 
# 
_diffrn.ambient_environment              ? 
_diffrn.ambient_temp                     100 
_diffrn.ambient_temp_details             ? 
_diffrn.ambient_temp_esd                 ? 
_diffrn.crystal_id                       1 
_diffrn.crystal_support                  ? 
_diffrn.crystal_treatment                ? 
_diffrn.details                          ? 
_diffrn.id                               1 
_diffrn.ambient_pressure                 ? 
_diffrn.ambient_pressure_esd             ? 
_diffrn.ambient_pressure_gt              ? 
_diffrn.ambient_pressure_lt              ? 
_diffrn.ambient_temp_gt                  ? 
_diffrn.ambient_temp_lt                  ? 
_diffrn.pdbx_serial_crystal_experiment   N 
# 
_diffrn_detector.details                      ? 
_diffrn_detector.detector                     CCD 
_diffrn_detector.diffrn_id                    1 
_diffrn_detector.type                         'ADSC QUANTUM 270' 
_diffrn_detector.area_resol_mean              ? 
_diffrn_detector.dtime                        ? 
_diffrn_detector.pdbx_frames_total            ? 
_diffrn_detector.pdbx_collection_time_total   ? 
_diffrn_detector.pdbx_collection_date         2018-05-10 
_diffrn_detector.pdbx_frequency               ? 
# 
_diffrn_radiation.collimation                      ? 
_diffrn_radiation.diffrn_id                        1 
_diffrn_radiation.filter_edge                      ? 
_diffrn_radiation.inhomogeneity                    ? 
_diffrn_radiation.monochromator                    ? 
_diffrn_radiation.polarisn_norm                    ? 
_diffrn_radiation.polarisn_ratio                   ? 
_diffrn_radiation.probe                            ? 
_diffrn_radiation.type                             ? 
_diffrn_radiation.xray_symbol                      ? 
_diffrn_radiation.wavelength_id                    1 
_diffrn_radiation.pdbx_monochromatic_or_laue_m_l   M 
_diffrn_radiation.pdbx_wavelength_list             ? 
_diffrn_radiation.pdbx_wavelength                  ? 
_diffrn_radiation.pdbx_diffrn_protocol             'SINGLE WAVELENGTH' 
_diffrn_radiation.pdbx_analyzer                    ? 
_diffrn_radiation.pdbx_scattering_type             x-ray 
# 
_diffrn_radiation_wavelength.id           1 
_diffrn_radiation_wavelength.wavelength   0.9796 
_diffrn_radiation_wavelength.wt           1.0 
# 
_diffrn_source.current                     ? 
_diffrn_source.details                     ? 
_diffrn_source.diffrn_id                   1 
_diffrn_source.power                       ? 
_diffrn_source.size                        ? 
_diffrn_source.source                      SYNCHROTRON 
_diffrn_source.target                      ? 
_diffrn_source.type                        'PAL/PLS BEAMLINE 7A (6B, 6C1)' 
_diffrn_source.voltage                     ? 
_diffrn_source.take-off_angle              ? 
_diffrn_source.pdbx_wavelength_list        0.9796 
_diffrn_source.pdbx_wavelength             ? 
_diffrn_source.pdbx_synchrotron_beamline   '7A (6B, 6C1)' 
_diffrn_source.pdbx_synchrotron_site       PAL/PLS 
# 
_reflns.B_iso_Wilson_estimate            ? 
_reflns.entry_id                         6K1W 
_reflns.data_reduction_details           ? 
_reflns.data_reduction_method            ? 
_reflns.d_resolution_high                1.50 
_reflns.d_resolution_low                 39.29 
_reflns.details                          ? 
_reflns.limit_h_max                      ? 
_reflns.limit_h_min                      ? 
_reflns.limit_k_max                      ? 
_reflns.limit_k_min                      ? 
_reflns.limit_l_max                      ? 
_reflns.limit_l_min                      ? 
_reflns.number_all                       ? 
_reflns.number_obs                       21337 
_reflns.observed_criterion               ? 
_reflns.observed_criterion_F_max         ? 
_reflns.observed_criterion_F_min         ? 
_reflns.observed_criterion_I_max         ? 
_reflns.observed_criterion_I_min         ? 
_reflns.observed_criterion_sigma_F       ? 
_reflns.observed_criterion_sigma_I       ? 
_reflns.percent_possible_obs             97.7 
_reflns.R_free_details                   ? 
_reflns.Rmerge_F_all                     ? 
_reflns.Rmerge_F_obs                     ? 
_reflns.Friedel_coverage                 ? 
_reflns.number_gt                        ? 
_reflns.threshold_expression             ? 
_reflns.pdbx_redundancy                  5.4 
_reflns.pdbx_Rmerge_I_obs                0.065 
_reflns.pdbx_Rmerge_I_all                ? 
_reflns.pdbx_Rsym_value                  ? 
_reflns.pdbx_netI_over_av_sigmaI         ? 
_reflns.pdbx_netI_over_sigmaI            40.125 
_reflns.pdbx_res_netI_over_av_sigmaI_2   ? 
_reflns.pdbx_res_netI_over_sigmaI_2      ? 
_reflns.pdbx_chi_squared                 ? 
_reflns.pdbx_scaling_rejects             ? 
_reflns.pdbx_d_res_high_opt              ? 
_reflns.pdbx_d_res_low_opt               ? 
_reflns.pdbx_d_res_opt_method            ? 
_reflns.phase_calculation_details        ? 
_reflns.pdbx_Rrim_I_all                  0.073 
_reflns.pdbx_Rpim_I_all                  0.031 
_reflns.pdbx_d_opt                       ? 
_reflns.pdbx_number_measured_all         ? 
_reflns.pdbx_diffrn_id                   1 
_reflns.pdbx_ordinal                     1 
_reflns.pdbx_CC_half                     1.0 
_reflns.pdbx_R_split                     ? 
# 
_reflns_shell.d_res_high                  1.5 
_reflns_shell.d_res_low                   1.53 
_reflns_shell.meanI_over_sigI_all         ? 
_reflns_shell.meanI_over_sigI_obs         5.57 
_reflns_shell.number_measured_all         ? 
_reflns_shell.number_measured_obs         ? 
_reflns_shell.number_possible             ? 
_reflns_shell.number_unique_all           ? 
_reflns_shell.number_unique_obs           1064 
_reflns_shell.percent_possible_all        99.2 
_reflns_shell.percent_possible_obs        ? 
_reflns_shell.Rmerge_F_all                ? 
_reflns_shell.Rmerge_F_obs                ? 
_reflns_shell.Rmerge_I_all                ? 
_reflns_shell.Rmerge_I_obs                0.349 
_reflns_shell.meanI_over_sigI_gt          ? 
_reflns_shell.meanI_over_uI_all           ? 
_reflns_shell.meanI_over_uI_gt            ? 
_reflns_shell.number_measured_gt          ? 
_reflns_shell.number_unique_gt            ? 
_reflns_shell.percent_possible_gt         ? 
_reflns_shell.Rmerge_F_gt                 ? 
_reflns_shell.Rmerge_I_gt                 ? 
_reflns_shell.pdbx_redundancy             4.9 
_reflns_shell.pdbx_Rsym_value             ? 
_reflns_shell.pdbx_chi_squared            ? 
_reflns_shell.pdbx_netI_over_sigmaI_all   ? 
_reflns_shell.pdbx_netI_over_sigmaI_obs   ? 
_reflns_shell.pdbx_Rrim_I_all             0.390 
_reflns_shell.pdbx_Rpim_I_all             0.170 
_reflns_shell.pdbx_rejects                ? 
_reflns_shell.pdbx_ordinal                1 
_reflns_shell.pdbx_diffrn_id              1 
_reflns_shell.pdbx_CC_half                0.888 
_reflns_shell.pdbx_R_split                ? 
# 
_refine.aniso_B[1][1]                            0.0100 
_refine.aniso_B[1][2]                            0.0000 
_refine.aniso_B[1][3]                            0.0000 
_refine.aniso_B[2][2]                            0.0000 
_refine.aniso_B[2][3]                            0.0000 
_refine.aniso_B[3][3]                            -0.0100 
_refine.B_iso_max                                128.550 
_refine.B_iso_mean                               22.6140 
_refine.B_iso_min                                9.050 
_refine.correlation_coeff_Fo_to_Fc               0.9550 
_refine.correlation_coeff_Fo_to_Fc_free          0.9420 
_refine.details                                  
'HYDROGENS HAVE BEEN ADDED IN THE RIDING POSITIONS U VALUES      : REFINED INDIVIDUALLY' 
_refine.diff_density_max                         ? 
_refine.diff_density_max_esd                     ? 
_refine.diff_density_min                         ? 
_refine.diff_density_min_esd                     ? 
_refine.diff_density_rms                         ? 
_refine.diff_density_rms_esd                     ? 
_refine.entry_id                                 6K1W 
_refine.pdbx_refine_id                           'X-RAY DIFFRACTION' 
_refine.ls_abs_structure_details                 ? 
_refine.ls_abs_structure_Flack                   ? 
_refine.ls_abs_structure_Flack_esd               ? 
_refine.ls_abs_structure_Rogers                  ? 
_refine.ls_abs_structure_Rogers_esd              ? 
_refine.ls_d_res_high                            1.5000 
_refine.ls_d_res_low                             37.2900 
_refine.ls_extinction_coef                       ? 
_refine.ls_extinction_coef_esd                   ? 
_refine.ls_extinction_expression                 ? 
_refine.ls_extinction_method                     ? 
_refine.ls_goodness_of_fit_all                   ? 
_refine.ls_goodness_of_fit_all_esd               ? 
_refine.ls_goodness_of_fit_obs                   ? 
_refine.ls_goodness_of_fit_obs_esd               ? 
_refine.ls_hydrogen_treatment                    ? 
_refine.ls_matrix_type                           ? 
_refine.ls_number_constraints                    ? 
_refine.ls_number_parameters                     ? 
_refine.ls_number_reflns_all                     ? 
_refine.ls_number_reflns_obs                     19186 
_refine.ls_number_reflns_R_free                  2007 
_refine.ls_number_reflns_R_work                  ? 
_refine.ls_number_restraints                     ? 
_refine.ls_percent_reflns_obs                    97.7100 
_refine.ls_percent_reflns_R_free                 9.5000 
_refine.ls_R_factor_all                          ? 
_refine.ls_R_factor_obs                          0.1887 
_refine.ls_R_factor_R_free                       0.2183 
_refine.ls_R_factor_R_free_error                 ? 
_refine.ls_R_factor_R_free_error_details         ? 
_refine.ls_R_factor_R_work                       0.1855 
_refine.ls_R_Fsqd_factor_obs                     ? 
_refine.ls_R_I_factor_obs                        ? 
_refine.ls_redundancy_reflns_all                 ? 
_refine.ls_redundancy_reflns_obs                 ? 
_refine.ls_restrained_S_all                      ? 
_refine.ls_restrained_S_obs                      ? 
_refine.ls_shift_over_esd_max                    ? 
_refine.ls_shift_over_esd_mean                   ? 
_refine.ls_structure_factor_coef                 ? 
_refine.ls_weighting_details                     ? 
_refine.ls_weighting_scheme                      ? 
_refine.ls_wR_factor_all                         ? 
_refine.ls_wR_factor_obs                         ? 
_refine.ls_wR_factor_R_free                      ? 
_refine.ls_wR_factor_R_work                      ? 
_refine.occupancy_max                            ? 
_refine.occupancy_min                            ? 
_refine.solvent_model_details                    ? 
_refine.solvent_model_param_bsol                 ? 
_refine.solvent_model_param_ksol                 ? 
_refine.ls_R_factor_gt                           ? 
_refine.ls_goodness_of_fit_gt                    ? 
_refine.ls_goodness_of_fit_ref                   ? 
_refine.ls_shift_over_su_max                     ? 
_refine.ls_shift_over_su_max_lt                  ? 
_refine.ls_shift_over_su_mean                    ? 
_refine.ls_shift_over_su_mean_lt                 ? 
_refine.pdbx_ls_sigma_I                          ? 
_refine.pdbx_ls_sigma_F                          0.000 
_refine.pdbx_ls_sigma_Fsqd                       ? 
_refine.pdbx_data_cutoff_high_absF               ? 
_refine.pdbx_data_cutoff_high_rms_absF           ? 
_refine.pdbx_data_cutoff_low_absF                ? 
_refine.pdbx_isotropic_thermal_model             ? 
_refine.pdbx_ls_cross_valid_method               THROUGHOUT 
_refine.pdbx_method_to_determine_struct          'MOLECULAR REPLACEMENT' 
_refine.pdbx_starting_model                      5Z6V 
_refine.pdbx_stereochemistry_target_values       ? 
_refine.pdbx_R_Free_selection_details            RANDOM 
_refine.pdbx_stereochem_target_val_spec_case     ? 
_refine.pdbx_overall_ESU_R                       0.0880 
_refine.pdbx_overall_ESU_R_Free                  0.0880 
_refine.pdbx_solvent_vdw_probe_radii             1.2000 
_refine.pdbx_solvent_ion_probe_radii             0.8000 
_refine.pdbx_solvent_shrinkage_radii             0.8000 
_refine.pdbx_real_space_R                        ? 
_refine.pdbx_density_correlation                 ? 
_refine.pdbx_pd_number_of_powder_patterns        ? 
_refine.pdbx_pd_number_of_points                 ? 
_refine.pdbx_pd_meas_number_of_points            ? 
_refine.pdbx_pd_proc_ls_prof_R_factor            ? 
_refine.pdbx_pd_proc_ls_prof_wR_factor           ? 
_refine.pdbx_pd_Marquardt_correlation_coeff      ? 
_refine.pdbx_pd_Fsqrd_R_factor                   ? 
_refine.pdbx_pd_ls_matrix_band_width             ? 
_refine.pdbx_overall_phase_error                 ? 
_refine.pdbx_overall_SU_R_free_Cruickshank_DPI   ? 
_refine.pdbx_overall_SU_R_free_Blow_DPI          ? 
_refine.pdbx_overall_SU_R_Blow_DPI               ? 
_refine.pdbx_TLS_residual_ADP_flag               ? 
_refine.pdbx_diffrn_id                           1 
_refine.overall_SU_B                             1.4030 
_refine.overall_SU_ML                            0.0530 
_refine.overall_SU_R_Cruickshank_DPI             ? 
_refine.overall_SU_R_free                        ? 
_refine.overall_FOM_free_R_set                   ? 
_refine.overall_FOM_work_R_set                   ? 
_refine.pdbx_average_fsc_overall                 ? 
_refine.pdbx_average_fsc_work                    ? 
_refine.pdbx_average_fsc_free                    ? 
# 
_refine_hist.pdbx_refine_id                   'X-RAY DIFFRACTION' 
_refine_hist.cycle_id                         final 
_refine_hist.details                          ? 
_refine_hist.d_res_high                       1.5000 
_refine_hist.d_res_low                        37.2900 
_refine_hist.number_atoms_solvent             140 
_refine_hist.number_atoms_total               1291 
_refine_hist.number_reflns_all                ? 
_refine_hist.number_reflns_obs                ? 
_refine_hist.number_reflns_R_free             ? 
_refine_hist.number_reflns_R_work             ? 
_refine_hist.R_factor_all                     ? 
_refine_hist.R_factor_obs                     ? 
_refine_hist.R_factor_R_free                  ? 
_refine_hist.R_factor_R_work                  ? 
_refine_hist.pdbx_number_residues_total       149 
_refine_hist.pdbx_B_iso_mean_ligand           ? 
_refine_hist.pdbx_B_iso_mean_solvent          36.67 
_refine_hist.pdbx_number_atoms_protein        1151 
_refine_hist.pdbx_number_atoms_nucleic_acid   0 
_refine_hist.pdbx_number_atoms_ligand         0 
_refine_hist.pdbx_number_atoms_lipid          ? 
_refine_hist.pdbx_number_atoms_carb           ? 
_refine_hist.pdbx_pseudo_atom_details         ? 
# 
_refine_ls_shell.pdbx_refine_id                   'X-RAY DIFFRACTION' 
_refine_ls_shell.d_res_high                       1.5000 
_refine_ls_shell.d_res_low                        1.5390 
_refine_ls_shell.number_reflns_all                1566 
_refine_ls_shell.number_reflns_obs                ? 
_refine_ls_shell.number_reflns_R_free             159 
_refine_ls_shell.number_reflns_R_work             1407 
_refine_ls_shell.percent_reflns_obs               99.3000 
_refine_ls_shell.percent_reflns_R_free            ? 
_refine_ls_shell.R_factor_all                     ? 
_refine_ls_shell.R_factor_obs                     ? 
_refine_ls_shell.R_factor_R_free                  0.2640 
_refine_ls_shell.R_factor_R_free_error            0.0000 
_refine_ls_shell.R_factor_R_work                  0.2340 
_refine_ls_shell.redundancy_reflns_all            ? 
_refine_ls_shell.redundancy_reflns_obs            ? 
_refine_ls_shell.wR_factor_all                    ? 
_refine_ls_shell.wR_factor_obs                    ? 
_refine_ls_shell.wR_factor_R_free                 ? 
_refine_ls_shell.wR_factor_R_work                 ? 
_refine_ls_shell.pdbx_total_number_of_bins_used   20 
_refine_ls_shell.pdbx_phase_error                 ? 
_refine_ls_shell.pdbx_fsc_work                    ? 
_refine_ls_shell.pdbx_fsc_free                    ? 
# 
_struct.entry_id                     6K1W 
_struct.title                        'Crystal structure of Rhodothermus marinus substrate-binding protein at pH 5.5' 
_struct.pdbx_model_details           ? 
_struct.pdbx_formula_weight          ? 
_struct.pdbx_formula_weight_method   ? 
_struct.pdbx_model_type_details      ? 
_struct.pdbx_CASP_flag               N 
# 
_struct_keywords.entry_id        6K1W 
_struct_keywords.text            'substrate binding protein, SBP, substrate binding domain, TRANSPORT PROTEIN' 
_struct_keywords.pdbx_keywords   'TRANSPORT PROTEIN' 
# 
loop_
_struct_asym.id 
_struct_asym.pdbx_blank_PDB_chainid_flag 
_struct_asym.pdbx_modified 
_struct_asym.entity_id 
_struct_asym.details 
A N N 1 ? 
B N N 2 ? 
# 
loop_
_struct_conf.conf_type_id 
_struct_conf.id 
_struct_conf.pdbx_PDB_helix_id 
_struct_conf.beg_label_comp_id 
_struct_conf.beg_label_asym_id 
_struct_conf.beg_label_seq_id 
_struct_conf.pdbx_beg_PDB_ins_code 
_struct_conf.end_label_comp_id 
_struct_conf.end_label_asym_id 
_struct_conf.end_label_seq_id 
_struct_conf.pdbx_end_PDB_ins_code 
_struct_conf.beg_auth_comp_id 
_struct_conf.beg_auth_asym_id 
_struct_conf.beg_auth_seq_id 
_struct_conf.end_auth_comp_id 
_struct_conf.end_auth_asym_id 
_struct_conf.end_auth_seq_id 
_struct_conf.pdbx_PDB_helix_class 
_struct_conf.details 
_struct_conf.pdbx_PDB_helix_length 
HELX_P HELX_P1 AA1 THR A 12  ? LYS A 24  ? THR A 29  LYS A 41  1 ? 13 
HELX_P HELX_P2 AA2 ASN A 40  ? GLY A 56  ? ASN A 57  GLY A 73  1 ? 17 
HELX_P HELX_P3 AA3 SER A 66  ? GLN A 68  ? SER A 83  GLN A 85  5 ? 3  
HELX_P HELX_P4 AA4 GLU A 69  ? GLN A 82  ? GLU A 86  GLN A 99  1 ? 14 
HELX_P HELX_P5 AA5 GLY A 93  ? GLY A 96  ? GLY A 110 GLY A 113 5 ? 4  
HELX_P HELX_P6 AA6 GLN A 97  ? ALA A 111 ? GLN A 114 ALA A 128 1 ? 15 
HELX_P HELX_P7 AA7 SER A 119 ? GLU A 125 ? SER A 136 GLU A 142 1 ? 7  
HELX_P HELX_P8 AA8 ASN A 143 ? MET A 150 ? ASN A 160 MET A 167 1 ? 8  
HELX_P HELX_P9 AA9 PRO A 155 ? GLN A 159 ? PRO A 172 GLN A 176 5 ? 5  
# 
_struct_conf_type.id          HELX_P 
_struct_conf_type.criteria    ? 
_struct_conf_type.reference   ? 
# 
loop_
_struct_sheet.id 
_struct_sheet.type 
_struct_sheet.number_strands 
_struct_sheet.details 
AA1 ? 4 ? 
AA2 ? 2 ? 
# 
loop_
_struct_sheet_order.sheet_id 
_struct_sheet_order.range_id_1 
_struct_sheet_order.range_id_2 
_struct_sheet_order.offset 
_struct_sheet_order.sense 
AA1 1 2 ? parallel      
AA1 2 3 ? parallel      
AA1 3 4 ? parallel      
AA2 1 2 ? anti-parallel 
# 
loop_
_struct_sheet_range.sheet_id 
_struct_sheet_range.id 
_struct_sheet_range.beg_label_comp_id 
_struct_sheet_range.beg_label_asym_id 
_struct_sheet_range.beg_label_seq_id 
_struct_sheet_range.pdbx_beg_PDB_ins_code 
_struct_sheet_range.end_label_comp_id 
_struct_sheet_range.end_label_asym_id 
_struct_sheet_range.end_label_seq_id 
_struct_sheet_range.pdbx_end_PDB_ins_code 
_struct_sheet_range.beg_auth_comp_id 
_struct_sheet_range.beg_auth_asym_id 
_struct_sheet_range.beg_auth_seq_id 
_struct_sheet_range.end_auth_comp_id 
_struct_sheet_range.end_auth_asym_id 
_struct_sheet_range.end_auth_seq_id 
AA1 1 LYS A 58  ? VAL A 64  ? LYS A 75  VAL A 81  
AA1 2 ARG A 29  ? ASP A 35  ? ARG A 46  ASP A 52  
AA1 3 LEU A 86  ? TRP A 87  ? LEU A 103 TRP A 104 
AA1 4 VAL A 115 ? PHE A 116 ? VAL A 132 PHE A 133 
AA2 1 VAL A 129 ? ARG A 132 ? VAL A 146 ARG A 149 
AA2 2 ARG A 139 ? VAL A 142 ? ARG A 156 VAL A 159 
# 
loop_
_pdbx_struct_sheet_hbond.sheet_id 
_pdbx_struct_sheet_hbond.range_id_1 
_pdbx_struct_sheet_hbond.range_id_2 
_pdbx_struct_sheet_hbond.range_1_label_atom_id 
_pdbx_struct_sheet_hbond.range_1_label_comp_id 
_pdbx_struct_sheet_hbond.range_1_label_asym_id 
_pdbx_struct_sheet_hbond.range_1_label_seq_id 
_pdbx_struct_sheet_hbond.range_1_PDB_ins_code 
_pdbx_struct_sheet_hbond.range_1_auth_atom_id 
_pdbx_struct_sheet_hbond.range_1_auth_comp_id 
_pdbx_struct_sheet_hbond.range_1_auth_asym_id 
_pdbx_struct_sheet_hbond.range_1_auth_seq_id 
_pdbx_struct_sheet_hbond.range_2_label_atom_id 
_pdbx_struct_sheet_hbond.range_2_label_comp_id 
_pdbx_struct_sheet_hbond.range_2_label_asym_id 
_pdbx_struct_sheet_hbond.range_2_label_seq_id 
_pdbx_struct_sheet_hbond.range_2_PDB_ins_code 
_pdbx_struct_sheet_hbond.range_2_auth_atom_id 
_pdbx_struct_sheet_hbond.range_2_auth_comp_id 
_pdbx_struct_sheet_hbond.range_2_auth_asym_id 
_pdbx_struct_sheet_hbond.range_2_auth_seq_id 
AA1 1 2 O VAL A 60  ? O VAL A 77  N VAL A 32  ? N VAL A 49  
AA1 2 3 N GLY A 31  ? N GLY A 48  O TRP A 87  ? O TRP A 104 
AA1 3 4 N LEU A 86  ? N LEU A 103 O PHE A 116 ? O PHE A 133 
AA2 1 2 N ARG A 132 ? N ARG A 149 O ARG A 139 ? O ARG A 156 
# 
_atom_sites.entry_id                    6K1W 
_atom_sites.fract_transf_matrix[1][1]   -0.00324387 
_atom_sites.fract_transf_matrix[1][2]   -0.01770693 
_atom_sites.fract_transf_matrix[1][3]   -0.01183214 
_atom_sites.fract_transf_matrix[2][1]   -0.00392632 
_atom_sites.fract_transf_matrix[2][2]   0.01171136 
_atom_sites.fract_transf_matrix[2][3]   -0.01644975 
_atom_sites.fract_transf_matrix[3][1]   0.01669171 
_atom_sites.fract_transf_matrix[3][2]   -0.00026810 
_atom_sites.fract_transf_matrix[3][3]   -0.00417495 
_atom_sites.fract_transf_vector[1]      -0.199368 
_atom_sites.fract_transf_vector[2]      -0.178520 
_atom_sites.fract_transf_vector[3]      0.291997 
# 
loop_
_atom_type.symbol 
C 
N 
O 
S 
# 
loop_
_atom_site.group_PDB 
_atom_site.id 
_atom_site.type_symbol 
_atom_site.label_atom_id 
_atom_site.label_alt_id 
_atom_site.label_comp_id 
_atom_site.label_asym_id 
_atom_site.label_entity_id 
_atom_site.label_seq_id 
_atom_site.pdbx_PDB_ins_code 
_atom_site.Cartn_x 
_atom_site.Cartn_y 
_atom_site.Cartn_z 
_atom_site.occupancy 
_atom_site.B_iso_or_equiv 
_atom_site.pdbx_formal_charge 
_atom_site.auth_seq_id 
_atom_site.auth_comp_id 
_atom_site.auth_asym_id 
_atom_site.auth_atom_id 
_atom_site.pdbx_PDB_model_num 
ATOM   1    N N   . GLU A 1 10  ? -9.943  -8.458  6.996   1.00 47.77  ? 27  GLU A N   1 
ATOM   2    C CA  . GLU A 1 10  ? -11.320 -7.898  7.049   1.00 44.08  ? 27  GLU A CA  1 
ATOM   3    C C   . GLU A 1 10  ? -11.484 -6.366  6.873   1.00 35.58  ? 27  GLU A C   1 
ATOM   4    O O   . GLU A 1 10  ? -12.609 -5.899  6.794   1.00 35.41  ? 27  GLU A O   1 
ATOM   5    C CB  . GLU A 1 10  ? -11.970 -8.302  8.369   1.00 50.20  ? 27  GLU A CB  1 
ATOM   6    C CG  . GLU A 1 10  ? -11.974 -9.789  8.641   1.00 54.98  ? 27  GLU A CG  1 
ATOM   7    C CD  . GLU A 1 10  ? -13.293 -10.255 9.218   1.00 55.85  ? 27  GLU A CD  1 
ATOM   8    O OE1 . GLU A 1 10  ? -13.742 -11.354 8.845   1.00 59.93  ? 27  GLU A OE1 1 
ATOM   9    O OE2 . GLU A 1 10  ? -13.902 -9.499  9.998   1.00 58.18  ? 27  GLU A OE2 1 
ATOM   10   N N   . VAL A 1 11  ? -10.425 -5.551  6.830   1.00 28.51  ? 28  VAL A N   1 
ATOM   11   C CA  . VAL A 1 11  ? -10.605 -4.112  6.516   1.00 26.35  ? 28  VAL A CA  1 
ATOM   12   C C   . VAL A 1 11  ? -10.708 -3.952  5.009   1.00 24.15  ? 28  VAL A C   1 
ATOM   13   O O   . VAL A 1 11  ? -9.855  -4.421  4.246   1.00 23.54  ? 28  VAL A O   1 
ATOM   14   C CB  . VAL A 1 11  ? -9.489  -3.200  7.105   1.00 24.35  ? 28  VAL A CB  1 
ATOM   15   C CG1 . VAL A 1 11  ? -9.773  -1.726  6.858   1.00 25.79  ? 28  VAL A CG1 1 
ATOM   16   C CG2 . VAL A 1 11  ? -9.360  -3.494  8.618   1.00 25.58  ? 28  VAL A CG2 1 
ATOM   17   N N   . THR A 1 12  ? -11.798 -3.321  4.551   1.00 20.33  ? 29  THR A N   1 
ATOM   18   C CA  . THR A 1 12  ? -12.036 -3.213  3.163   1.00 20.23  ? 29  THR A CA  1 
ATOM   19   C C   . THR A 1 12  ? -11.152 -2.152  2.464   1.00 18.07  ? 29  THR A C   1 
ATOM   20   O O   . THR A 1 12  ? -10.676 -1.224  3.084   1.00 16.97  ? 29  THR A O   1 
ATOM   21   C CB  . THR A 1 12  ? -13.481 -2.820  2.868   1.00 20.86  ? 29  THR A CB  1 
ATOM   22   O OG1 . THR A 1 12  ? -13.776 -1.545  3.397   1.00 23.02  ? 29  THR A OG1 1 
ATOM   23   C CG2 . THR A 1 12  ? -14.472 -3.945  3.437   1.00 23.20  ? 29  THR A CG2 1 
ATOM   24   N N   . PRO A 1 13  ? -11.007 -2.285  1.148   1.00 16.83  ? 30  PRO A N   1 
ATOM   25   C CA  . PRO A 1 13  ? -10.230 -1.250  0.514   1.00 18.39  ? 30  PRO A CA  1 
ATOM   26   C C   . PRO A 1 13  ? -10.649 0.182   0.692   1.00 16.75  ? 30  PRO A C   1 
ATOM   27   O O   . PRO A 1 13  ? -9.783  1.076   0.816   1.00 16.34  ? 30  PRO A O   1 
ATOM   28   C CB  . PRO A 1 13  ? -10.323 -1.610  -0.950  1.00 18.25  ? 30  PRO A CB  1 
ATOM   29   C CG  . PRO A 1 13  ? -10.485 -3.057  -0.974  1.00 18.58  ? 30  PRO A CG  1 
ATOM   30   C CD  . PRO A 1 13  ? -11.298 -3.399  0.232   1.00 17.69  ? 30  PRO A CD  1 
ATOM   31   N N   . ILE A 1 14  ? -11.979 0.486   0.707   1.00 15.30  ? 31  ILE A N   1 
ATOM   32   C CA  . ILE A 1 14  ? -12.375 1.821   0.944   1.00 18.31  ? 31  ILE A CA  1 
ATOM   33   C C   . ILE A 1 14  ? -11.977 2.340   2.358   1.00 16.20  ? 31  ILE A C   1 
ATOM   34   O O   . ILE A 1 14  ? -11.569 3.506   2.500   1.00 16.80  ? 31  ILE A O   1 
ATOM   35   C CB  . ILE A 1 14  ? -13.860 2.050   0.583   1.00 19.70  ? 31  ILE A CB  1 
ATOM   36   C CG1 . ILE A 1 14  ? -14.232 3.525   0.659   1.00 20.05  ? 31  ILE A CG1 1 
ATOM   37   C CG2 . ILE A 1 14  ? -14.796 1.225   1.465   1.00 20.85  ? 31  ILE A CG2 1 
ATOM   38   C CD1 . ILE A 1 14  ? -15.534 3.823   -0.134  1.00 21.04  ? 31  ILE A CD1 1 
ATOM   39   N N   . GLN A 1 15  ? -12.141 1.492   3.345   1.00 17.01  ? 32  GLN A N   1 
ATOM   40   C CA  . GLN A 1 15  ? -11.810 1.806   4.715   1.00 17.70  ? 32  GLN A CA  1 
ATOM   41   C C   . GLN A 1 15  ? -10.270 2.040   4.773   1.00 14.89  ? 32  GLN A C   1 
ATOM   42   O O   . GLN A 1 15  ? -9.799  2.955   5.439   1.00 16.54  ? 32  GLN A O   1 
ATOM   43   C CB  . GLN A 1 15  ? -12.176 0.689   5.710   1.00 19.65  ? 32  GLN A CB  1 
ATOM   44   C CG  . GLN A 1 15  ? -13.680 0.224   5.831   1.00 25.41  ? 32  GLN A CG  1 
ATOM   45   C CD  . GLN A 1 15  ? -14.010 -0.912  6.866   1.00 27.15  ? 32  GLN A CD  1 
ATOM   46   O OE1 . GLN A 1 15  ? -13.675 -2.132  6.747   1.00 24.24  ? 32  GLN A OE1 1 
ATOM   47   N NE2 . GLN A 1 15  ? -14.829 -0.520  7.862   1.00 35.60  ? 32  GLN A NE2 1 
ATOM   48   N N   . GLN A 1 16  ? -9.531  1.206   4.058   1.00 14.71  ? 33  GLN A N   1 
ATOM   49   C CA  . GLN A 1 16  ? -8.061  1.349   4.060   1.00 14.56  ? 33  GLN A CA  1 
ATOM   50   C C   . GLN A 1 16  ? -7.695  2.738   3.497   1.00 12.25  ? 33  GLN A C   1 
ATOM   51   O O   . GLN A 1 16  ? -6.850  3.468   4.012   1.00 13.37  ? 33  GLN A O   1 
ATOM   52   C CB  . GLN A 1 16  ? -7.364  0.241   3.219   1.00 13.80  ? 33  GLN A CB  1 
ATOM   53   C CG  . GLN A 1 16  ? -7.443  -1.118  3.850   1.00 14.62  ? 33  GLN A CG  1 
ATOM   54   C CD  . GLN A 1 16  ? -6.870  -2.203  2.959   1.00 16.45  ? 33  GLN A CD  1 
ATOM   55   O OE1 . GLN A 1 16  ? -5.860  -2.017  2.251   1.00 14.92  ? 33  GLN A OE1 1 
ATOM   56   N NE2 . GLN A 1 16  ? -7.523  -3.352  2.943   1.00 19.44  ? 33  GLN A NE2 1 
ATOM   57   N N   . LEU A 1 17  ? -8.278  3.090   2.345   1.00 12.98  ? 34  LEU A N   1 
ATOM   58   C CA  . LEU A 1 17  ? -7.921  4.337   1.702   1.00 12.55  ? 34  LEU A CA  1 
ATOM   59   C C   . LEU A 1 17  ? -8.296  5.580   2.481   1.00 12.17  ? 34  LEU A C   1 
ATOM   60   O O   . LEU A 1 17  ? -7.610  6.555   2.458   1.00 12.73  ? 34  LEU A O   1 
ATOM   61   C CB  . LEU A 1 17  ? -8.408  4.394   0.239   1.00 12.71  ? 34  LEU A CB  1 
ATOM   62   C CG  . LEU A 1 17  ? -7.807  5.435   -0.673  1.00 12.96  ? 34  LEU A CG  1 
ATOM   63   C CD1 . LEU A 1 17  ? -6.266  5.277   -0.704  1.00 13.70  ? 34  LEU A CD1 1 
ATOM   64   C CD2 . LEU A 1 17  ? -8.398  5.283   -2.082  1.00 13.86  ? 34  LEU A CD2 1 
ATOM   65   N N   . PHE A 1 18  ? -9.451  5.526   3.148   1.00 14.26  ? 35  PHE A N   1 
ATOM   66   C CA  . PHE A 1 18  ? -9.785  6.623   4.025   1.00 15.13  ? 35  PHE A CA  1 
ATOM   67   C C   . PHE A 1 18  ? -8.807  6.753   5.166   1.00 15.92  ? 35  PHE A C   1 
ATOM   68   O O   . PHE A 1 18  ? -8.463  7.885   5.566   1.00 18.02  ? 35  PHE A O   1 
ATOM   69   C CB  . PHE A 1 18  ? -11.241 6.520   4.529   1.00 16.42  ? 35  PHE A CB  1 
ATOM   70   C CG  . PHE A 1 18  ? -12.255 7.177   3.593   1.00 16.59  ? 35  PHE A CG  1 
ATOM   71   C CD1 . PHE A 1 18  ? -12.293 8.572   3.468   1.00 19.04  ? 35  PHE A CD1 1 
ATOM   72   C CD2 . PHE A 1 18  ? -13.056 6.395   2.817   1.00 17.85  ? 35  PHE A CD2 1 
ATOM   73   C CE1 . PHE A 1 18  ? -13.215 9.159   2.639   1.00 19.33  ? 35  PHE A CE1 1 
ATOM   74   C CE2 . PHE A 1 18  ? -14.030 6.997   1.981   1.00 18.16  ? 35  PHE A CE2 1 
ATOM   75   C CZ  . PHE A 1 18  ? -14.044 8.374   1.860   1.00 18.57  ? 35  PHE A CZ  1 
ATOM   76   N N   . LEU A 1 19  ? -8.315  5.644   5.682   1.00 15.23  ? 36  LEU A N   1 
ATOM   77   C CA  . LEU A 1 19  ? -7.269  5.722   6.695   1.00 16.71  ? 36  LEU A CA  1 
ATOM   78   C C   . LEU A 1 19  ? -5.985  6.319   6.141   1.00 16.10  ? 36  LEU A C   1 
ATOM   79   O O   . LEU A 1 19  ? -5.322  7.134   6.810   1.00 15.75  ? 36  LEU A O   1 
ATOM   80   C CB  . LEU A 1 19  ? -7.002  4.379   7.321   1.00 18.52  ? 36  LEU A CB  1 
ATOM   81   C CG  . LEU A 1 19  ? -8.144  3.850   8.210   1.00 20.76  ? 36  LEU A CG  1 
ATOM   82   C CD1 . LEU A 1 19  ? -7.994  2.356   8.458   1.00 20.60  ? 36  LEU A CD1 1 
ATOM   83   C CD2 . LEU A 1 19  ? -8.172  4.674   9.506   1.00 21.69  ? 36  LEU A CD2 1 
ATOM   84   N N   . ILE A 1 20  ? -5.589  5.905   4.941   1.00 13.07  ? 37  ILE A N   1 
ATOM   85   C CA  . ILE A 1 20  ? -4.447  6.531   4.301   1.00 13.91  ? 37  ILE A CA  1 
ATOM   86   C C   . ILE A 1 20  ? -4.623  8.042   4.169   1.00 15.59  ? 37  ILE A C   1 
ATOM   87   O O   . ILE A 1 20  ? -3.685  8.795   4.385   1.00 15.49  ? 37  ILE A O   1 
ATOM   88   C CB  . ILE A 1 20  ? -4.217  5.838   2.922   1.00 13.38  ? 37  ILE A CB  1 
ATOM   89   C CG1 . ILE A 1 20  ? -3.724  4.386   3.111   1.00 12.29  ? 37  ILE A CG1 1 
ATOM   90   C CG2 . ILE A 1 20  ? -3.212  6.631   2.114   1.00 14.50  ? 37  ILE A CG2 1 
ATOM   91   C CD1 . ILE A 1 20  ? -3.743  3.550   1.831   1.00 13.54  ? 37  ILE A CD1 1 
ATOM   92   N N   . LYS A 1 21  ? -5.812  8.472   3.750   1.00 15.23  ? 38  LYS A N   1 
ATOM   93   C CA  . LYS A 1 21  ? -6.175  9.879   3.660   1.00 18.15  ? 38  LYS A CA  1 
ATOM   94   C C   . LYS A 1 21  ? -5.931  10.628  4.994   1.00 17.03  ? 38  LYS A C   1 
ATOM   95   O O   . LYS A 1 21  ? -5.374  11.753  4.998   1.00 19.77  ? 38  LYS A O   1 
ATOM   96   C CB  . LYS A 1 21  ? -7.624  10.001  3.166   1.00 18.23  ? 38  LYS A CB  1 
ATOM   97   C CG  . LYS A 1 21  ? -7.997  11.417  2.780   1.00 21.60  ? 38  LYS A CG  1 
ATOM   98   C CD  . LYS A 1 21  ? -9.326  11.460  2.033   1.00 22.53  ? 38  LYS A CD  1 
ATOM   99   C CE  . LYS A 1 21  ? -9.748  12.860  1.589   1.00 25.15  ? 38  LYS A CE  1 
ATOM   100  N NZ  . LYS A 1 21  ? -10.309 13.559  2.755   1.00 33.86  ? 38  LYS A NZ  1 
ATOM   101  N N   . GLU A 1 22  ? -6.294  9.996   6.105   1.00 16.56  ? 39  GLU A N   1 
ATOM   102  C CA  . GLU A 1 22  ? -6.069  10.586  7.455   1.00 20.23  ? 39  GLU A CA  1 
ATOM   103  C C   . GLU A 1 22  ? -4.610  10.627  7.828   1.00 20.31  ? 39  GLU A C   1 
ATOM   104  O O   . GLU A 1 22  ? -4.143  11.553  8.542   1.00 22.00  ? 39  GLU A O   1 
ATOM   105  C CB  . GLU A 1 22  ? -6.802  9.761   8.506   1.00 22.13  ? 39  GLU A CB  1 
ATOM   106  C CG  . GLU A 1 22  ? -8.293  9.838   8.350   1.00 29.00  ? 39  GLU A CG  1 
ATOM   107  C CD  . GLU A 1 22  ? -8.988  9.111   9.470   1.00 33.61  ? 39  GLU A CD  1 
ATOM   108  O OE1 . GLU A 1 22  ? -9.180  7.888   9.362   1.00 37.74  ? 39  GLU A OE1 1 
ATOM   109  O OE2 . GLU A 1 22  ? -9.315  9.777   10.478  1.00 45.35  ? 39  GLU A OE2 1 
ATOM   110  N N   . LEU A 1 23  ? -3.891  9.619   7.383   1.00 18.92  ? 40  LEU A N   1 
ATOM   111  C CA  . LEU A 1 23  ? -2.451  9.540   7.676   1.00 20.31  ? 40  LEU A CA  1 
ATOM   112  C C   . LEU A 1 23  ? -1.559  10.435  6.876   1.00 21.95  ? 40  LEU A C   1 
ATOM   113  O O   . LEU A 1 23  ? -0.481  10.821  7.359   1.00 23.86  ? 40  LEU A O   1 
ATOM   114  C CB  . LEU A 1 23  ? -2.012  8.093   7.607   1.00 20.90  ? 40  LEU A CB  1 
ATOM   115  C CG  . LEU A 1 23  ? -2.577  7.123   8.630   1.00 21.86  ? 40  LEU A CG  1 
ATOM   116  C CD1 . LEU A 1 23  ? -2.431  5.635   8.322   1.00 24.61  ? 40  LEU A CD1 1 
ATOM   117  C CD2 . LEU A 1 23  ? -2.000  7.454   9.968   1.00 23.64  ? 40  LEU A CD2 1 
ATOM   118  N N   . LYS A 1 24  ? -1.980  10.787  5.671   1.00 19.54  ? 41  LYS A N   1 
ATOM   119  C CA  . LYS A 1 24  ? -1.216  11.606  4.789   1.00 21.95  ? 41  LYS A CA  1 
ATOM   120  C C   . LYS A 1 24  ? -2.176  12.584  4.192   1.00 21.24  ? 41  LYS A C   1 
ATOM   121  O O   . LYS A 1 24  ? -2.568  12.477  3.046   1.00 20.37  ? 41  LYS A O   1 
ATOM   122  C CB  . LYS A 1 24  ? -0.572  10.760  3.700   1.00 20.30  ? 41  LYS A CB  1 
ATOM   123  C CG  . LYS A 1 24  ? 0.631   9.981   4.170   1.00 23.71  ? 41  LYS A CG  1 
ATOM   124  C CD  . LYS A 1 24  ? 1.304   9.217   3.048   1.00 25.09  ? 41  LYS A CD  1 
ATOM   125  C CE  . LYS A 1 24  ? 1.975   10.125  2.043   1.00 26.51  ? 41  LYS A CE  1 
ATOM   126  N NZ  . LYS A 1 24  ? 2.916   11.093  2.654   1.00 26.63  ? 41  LYS A NZ  1 
ATOM   127  N N   . PRO A 1 25  ? -2.599  13.604  4.971   1.00 22.91  ? 42  PRO A N   1 
ATOM   128  C CA  . PRO A 1 25  ? -3.448  14.630  4.426   1.00 25.83  ? 42  PRO A CA  1 
ATOM   129  C C   . PRO A 1 25  ? -2.938  15.264  3.142   1.00 21.21  ? 42  PRO A C   1 
ATOM   130  O O   . PRO A 1 25  ? -1.792  15.615  3.009   1.00 26.45  ? 42  PRO A O   1 
ATOM   131  C CB  . PRO A 1 25  ? -3.491  15.647  5.557   1.00 25.92  ? 42  PRO A CB  1 
ATOM   132  C CG  . PRO A 1 25  ? -3.489  14.757  6.736   1.00 25.77  ? 42  PRO A CG  1 
ATOM   133  C CD  . PRO A 1 25  ? -2.360  13.819  6.411   1.00 26.40  ? 42  PRO A CD  1 
ATOM   134  N N   . GLY A 1 26  ? -3.827  15.405  2.213   1.00 22.97  ? 43  GLY A N   1 
ATOM   135  C CA  . GLY A 1 26  ? -3.467  16.012  0.962   1.00 25.14  ? 43  GLY A CA  1 
ATOM   136  C C   . GLY A 1 26  ? -2.846  15.088  -0.054  1.00 22.26  ? 43  GLY A C   1 
ATOM   137  O O   . GLY A 1 26  ? -2.674  15.504  -1.231  1.00 22.55  ? 43  GLY A O   1 
ATOM   138  N N   . ILE A 1 27  ? -2.662  13.816  0.316   1.00 19.08  ? 44  ILE A N   1 
ATOM   139  C CA  . ILE A 1 27  ? -2.219  12.835  -0.713  1.00 16.79  ? 44  ILE A CA  1 
ATOM   140  C C   . ILE A 1 27  ? -3.100  12.887  -1.934  1.00 17.39  ? 44  ILE A C   1 
ATOM   141  O O   . ILE A 1 27  ? -4.340  12.886  -1.853  1.00 18.77  ? 44  ILE A O   1 
ATOM   142  C CB  . ILE A 1 27  ? -2.055  11.392  -0.115  1.00 16.54  ? 44  ILE A CB  1 
ATOM   143  C CG1 . ILE A 1 27  ? -1.409  10.423  -1.138  1.00 17.86  ? 44  ILE A CG1 1 
ATOM   144  C CG2 . ILE A 1 27  ? -3.403  10.816  0.302   1.00 16.00  ? 44  ILE A CG2 1 
ATOM   145  C CD1 . ILE A 1 27  ? -1.098  9.047   -0.566  1.00 18.42  ? 44  ILE A CD1 1 
ATOM   146  N N   . ALA A 1 28  ? -2.482  12.914  -3.099  1.00 15.01  ? 45  ALA A N   1 
ATOM   147  C CA  . ALA A 1 28  ? -3.182  12.990  -4.334  1.00 16.71  ? 45  ALA A CA  1 
ATOM   148  C C   . ALA A 1 28  ? -3.168  11.745  -5.174  1.00 17.33  ? 45  ALA A C   1 
ATOM   149  O O   . ALA A 1 28  ? -4.083  11.558  -5.941  1.00 16.76  ? 45  ALA A O   1 
ATOM   150  C CB  . ALA A 1 28  ? -2.659  14.192  -5.159  1.00 17.23  ? 45  ALA A CB  1 
ATOM   151  N N   . ARG A 1 29  ? -2.073  10.991  -5.134  1.00 15.16  ? 46  ARG A N   1 
ATOM   152  C CA  . ARG A 1 29  ? -1.937  9.859   -5.999  1.00 15.37  ? 46  ARG A CA  1 
ATOM   153  C C   . ARG A 1 29  ? -1.198  8.743   -5.203  1.00 12.96  ? 46  ARG A C   1 
ATOM   154  O O   . ARG A 1 29  ? -0.179  9.000   -4.542  1.00 13.33  ? 46  ARG A O   1 
ATOM   155  C CB  . ARG A 1 29  ? -1.015  10.247  -7.182  1.00 18.48  ? 46  ARG A CB  1 
ATOM   156  C CG  . ARG A 1 29  ? -1.546  11.354  -8.132  1.00 19.98  ? 46  ARG A CG  1 
ATOM   157  C CD  . ARG A 1 29  ? -0.463  12.001  -9.035  1.00 22.11  ? 46  ARG A CD  1 
ATOM   158  N NE  . ARG A 1 29  ? 0.636   12.450  -8.233  1.00 26.78  ? 46  ARG A NE  1 
ATOM   159  C CZ  . ARG A 1 29  ? 0.764   13.598  -7.587  1.00 34.76  ? 46  ARG A CZ  1 
ATOM   160  N NH1 . ARG A 1 29  ? -0.115  14.591  -7.736  1.00 34.40  ? 46  ARG A NH1 1 
ATOM   161  N NH2 . ARG A 1 29  ? 1.846   13.750  -6.831  1.00 40.97  ? 46  ARG A NH2 1 
ATOM   162  N N   . ILE A 1 30  ? -1.756  7.550   -5.332  1.00 11.76  ? 47  ILE A N   1 
ATOM   163  C CA  . ILE A 1 30  ? -1.201  6.377   -4.684  1.00 11.74  ? 47  ILE A CA  1 
ATOM   164  C C   . ILE A 1 30  ? -1.048  5.271   -5.728  1.00 11.50  ? 47  ILE A C   1 
ATOM   165  O O   . ILE A 1 30  ? -1.839  5.161   -6.685  1.00 12.86  ? 47  ILE A O   1 
ATOM   166  C CB  . ILE A 1 30  ? -2.061  5.961   -3.524  1.00 11.50  ? 47  ILE A CB  1 
ATOM   167  C CG1 . ILE A 1 30  ? -1.252  4.968   -2.665  1.00 11.88  ? 47  ILE A CG1 1 
ATOM   168  C CG2 . ILE A 1 30  ? -3.409  5.383   -3.904  1.00 12.12  ? 47  ILE A CG2 1 
ATOM   169  C CD1 . ILE A 1 30  ? -1.807  4.770   -1.273  1.00 12.57  ? 47  ILE A CD1 1 
ATOM   170  N N   . GLY A 1 31  ? 0.004   4.481   -5.601  1.00 10.33  ? 48  GLY A N   1 
ATOM   171  C CA  . GLY A 1 31  ? 0.240   3.386   -6.523  1.00 11.68  ? 48  GLY A CA  1 
ATOM   172  C C   . GLY A 1 31  ? -0.045  2.037   -5.913  1.00 11.57  ? 48  GLY A C   1 
ATOM   173  O O   . GLY A 1 31  ? 0.313   1.810   -4.722  1.00 12.36  ? 48  GLY A O   1 
ATOM   174  N N   . VAL A 1 32  ? -0.696  1.160   -6.666  1.00 11.32  ? 49  VAL A N   1 
ATOM   175  C CA  . VAL A 1 32  ? -0.927  -0.232  -6.217  1.00 11.44  ? 49  VAL A CA  1 
ATOM   176  C C   . VAL A 1 32  ? -0.157  -1.142  -7.125  1.00 11.36  ? 49  VAL A C   1 
ATOM   177  O O   . VAL A 1 32  ? -0.219  -0.985  -8.349  1.00 13.96  ? 49  VAL A O   1 
ATOM   178  C CB  . VAL A 1 32  ? -2.449  -0.554  -6.269  1.00 12.95  ? 49  VAL A CB  1 
ATOM   179  C CG1 . VAL A 1 32  ? -2.728  -2.010  -6.090  1.00 13.16  ? 49  VAL A CG1 1 
ATOM   180  C CG2 . VAL A 1 32  ? -3.189  0.222   -5.171  1.00 12.14  ? 49  VAL A CG2 1 
ATOM   181  N N   . ILE A 1 33  ? 0.539   -2.123  -6.581  1.00 11.24  ? 50  ILE A N   1 
ATOM   182  C CA  . ILE A 1 33  ? 1.052   -3.253  -7.378  1.00 12.13  ? 50  ILE A CA  1 
ATOM   183  C C   . ILE A 1 33  ? 0.125   -4.404  -7.078  1.00 13.13  ? 50  ILE A C   1 
ATOM   184  O O   . ILE A 1 33  ? -0.111  -4.770  -5.919  1.00 12.11  ? 50  ILE A O   1 
ATOM   185  C CB  . ILE A 1 33  ? 2.512   -3.601  -6.985  1.00 13.20  ? 50  ILE A CB  1 
ATOM   186  C CG1 . ILE A 1 33  ? 3.498   -2.542  -7.441  1.00 12.53  ? 50  ILE A CG1 1 
ATOM   187  C CG2 . ILE A 1 33  ? 2.861   -4.988  -7.436  1.00 12.59  ? 50  ILE A CG2 1 
ATOM   188  C CD1 . ILE A 1 33  ? 3.754   -2.523  -8.922  1.00 13.92  ? 50  ILE A CD1 1 
ATOM   189  N N   . TRP A 1 34  ? -0.448  -4.956  -8.159  1.00 13.48  ? 51  TRP A N   1 
ATOM   190  C CA  . TRP A 1 34  ? -1.506  -5.954  -8.110  1.00 13.72  ? 51  TRP A CA  1 
ATOM   191  C C   . TRP A 1 34  ? -1.095  -7.195  -8.827  1.00 12.24  ? 51  TRP A C   1 
ATOM   192  O O   . TRP A 1 34  ? -0.729  -7.128  -9.977  1.00 13.99  ? 51  TRP A O   1 
ATOM   193  C CB  . TRP A 1 34  ? -2.799  -5.397  -8.730  1.00 15.01  ? 51  TRP A CB  1 
ATOM   194  C CG  . TRP A 1 34  ? -3.930  -6.437  -8.754  1.00 16.13  ? 51  TRP A CG  1 
ATOM   195  C CD1 . TRP A 1 34  ? -4.314  -7.188  -9.807  1.00 18.21  ? 51  TRP A CD1 1 
ATOM   196  C CD2 . TRP A 1 34  ? -4.758  -6.810  -7.647  1.00 17.10  ? 51  TRP A CD2 1 
ATOM   197  N NE1 . TRP A 1 34  ? -5.351  -8.057  -9.415  1.00 20.08  ? 51  TRP A NE1 1 
ATOM   198  C CE2 . TRP A 1 34  ? -5.572  -7.880  -8.076  1.00 18.08  ? 51  TRP A CE2 1 
ATOM   199  C CE3 . TRP A 1 34  ? -4.831  -6.410  -6.321  1.00 17.81  ? 51  TRP A CE3 1 
ATOM   200  C CZ2 . TRP A 1 34  ? -6.479  -8.490  -7.232  1.00 20.56  ? 51  TRP A CZ2 1 
ATOM   201  C CZ3 . TRP A 1 34  ? -5.713  -7.031  -5.496  1.00 19.02  ? 51  TRP A CZ3 1 
ATOM   202  C CH2 . TRP A 1 34  ? -6.547  -8.062  -5.972  1.00 21.35  ? 51  TRP A CH2 1 
ATOM   203  N N   . ASP A 1 35  ? -1.235  -8.330  -8.165  1.00 13.41  ? 52  ASP A N   1 
ATOM   204  C CA  . ASP A 1 35  ? -0.980  -9.658  -8.796  1.00 14.23  ? 52  ASP A CA  1 
ATOM   205  C C   . ASP A 1 35  ? -2.128  -10.042 -9.761  1.00 17.26  ? 52  ASP A C   1 
ATOM   206  O O   . ASP A 1 35  ? -3.230  -10.261 -9.286  1.00 19.28  ? 52  ASP A O   1 
ATOM   207  C CB  . ASP A 1 35  ? -0.771  -10.688 -7.693  1.00 14.84  ? 52  ASP A CB  1 
ATOM   208  C CG  . ASP A 1 35  ? -0.512  -12.115 -8.206  1.00 14.60  ? 52  ASP A CG  1 
ATOM   209  O OD1 . ASP A 1 35  ? -0.493  -12.335 -9.470  1.00 17.11  ? 52  ASP A OD1 1 
ATOM   210  O OD2 . ASP A 1 35  ? -0.283  -12.986 -7.287  1.00 18.07  ? 52  ASP A OD2 1 
ATOM   211  N N   . LYS A 1 36  ? -1.837  -10.090 -11.063 1.00 19.08  ? 53  LYS A N   1 
ATOM   212  C CA  . LYS A 1 36  ? -2.786  -10.399 -12.103 1.00 22.00  ? 53  LYS A CA  1 
ATOM   213  C C   . LYS A 1 36  ? -3.523  -11.662 -11.758 1.00 24.51  ? 53  LYS A C   1 
ATOM   214  O O   . LYS A 1 36  ? -4.728  -11.775 -12.089 1.00 25.03  ? 53  LYS A O   1 
ATOM   215  C CB  . LYS A 1 36  ? -2.088  -10.543 -13.479 1.00 25.75  ? 53  LYS A CB  1 
ATOM   216  C CG  . LYS A 1 36  ? -3.028  -10.460 -14.689 1.00 35.59  ? 53  LYS A CG  1 
ATOM   217  C CD  . LYS A 1 36  ? -2.325  -9.886  -15.920 1.00 40.43  ? 53  LYS A CD  1 
ATOM   218  C CE  . LYS A 1 36  ? -1.933  -8.414  -15.777 1.00 42.48  ? 53  LYS A CE  1 
ATOM   219  N NZ  . LYS A 1 36  ? -2.044  -7.615  -17.041 1.00 41.62  ? 53  LYS A NZ  1 
ATOM   220  N N   . ASN A 1 37  ? -2.825  -12.609 -11.142 1.00 23.63  ? 54  ASN A N   1 
ATOM   221  C CA  . ASN A 1 37  ? -3.387  -13.940 -10.893 1.00 29.10  ? 54  ASN A CA  1 
ATOM   222  C C   . ASN A 1 37  ? -4.062  -14.100 -9.573  1.00 28.90  ? 54  ASN A C   1 
ATOM   223  O O   . ASN A 1 37  ? -4.433  -15.228 -9.224  1.00 34.84  ? 54  ASN A O   1 
ATOM   224  C CB  . ASN A 1 37  ? -2.299  -15.010 -11.025 1.00 29.94  ? 54  ASN A CB  1 
ATOM   225  C CG  . ASN A 1 37  ? -1.691  -15.029 -12.411 1.00 33.79  ? 54  ASN A CG  1 
ATOM   226  O OD1 . ASN A 1 37  ? -2.407  -14.883 -13.413 1.00 40.92  ? 54  ASN A OD1 1 
ATOM   227  N ND2 . ASN A 1 37  ? -0.401  -15.155 -12.487 1.00 34.04  ? 54  ASN A ND2 1 
ATOM   228  N N   . ALA A 1 38  ? -4.228  -13.040 -8.790  1.00 25.84  ? 55  ALA A N   1 
ATOM   229  C CA  . ALA A 1 38  ? -4.875  -13.184 -7.519  1.00 27.95  ? 55  ALA A CA  1 
ATOM   230  C C   . ALA A 1 38  ? -6.380  -13.394 -7.699  1.00 31.56  ? 55  ALA A C   1 
ATOM   231  O O   . ALA A 1 38  ? -6.966  -12.929 -8.680  1.00 31.42  ? 55  ALA A O   1 
ATOM   232  C CB  . ALA A 1 38  ? -4.644  -11.984 -6.614  1.00 29.00  ? 55  ALA A CB  1 
ATOM   233  N N   . ALA A 1 39  ? -6.953  -14.044 -6.704  1.00 40.70  ? 56  ALA A N   1 
ATOM   234  C CA  . ALA A 1 39  ? -8.392  -14.284 -6.620  1.00 52.79  ? 56  ALA A CA  1 
ATOM   235  C C   . ALA A 1 39  ? -9.074  -13.016 -6.161  1.00 61.98  ? 56  ALA A C   1 
ATOM   236  O O   . ALA A 1 39  ? -8.429  -12.111 -5.627  1.00 68.13  ? 56  ALA A O   1 
ATOM   237  C CB  . ALA A 1 39  ? -8.674  -15.409 -5.645  1.00 50.61  ? 56  ALA A CB  1 
ATOM   238  N N   . ASN A 1 40  ? -10.381 -12.950 -6.377  1.00 67.90  ? 57  ASN A N   1 
ATOM   239  C CA  . ASN A 1 40  ? -11.168 -11.788 -5.987  1.00 70.79  ? 57  ASN A CA  1 
ATOM   240  C C   . ASN A 1 40  ? -10.702 -10.514 -6.700  1.00 70.87  ? 57  ASN A C   1 
ATOM   241  O O   . ASN A 1 40  ? -11.112 -9.410  -6.354  1.00 68.67  ? 57  ASN A O   1 
ATOM   242  C CB  . ASN A 1 40  ? -11.196 -11.629 -4.459  1.00 70.73  ? 57  ASN A CB  1 
ATOM   243  C CG  . ASN A 1 40  ? -12.228 -12.525 -3.814  1.00 72.27  ? 57  ASN A CG  1 
ATOM   244  O OD1 . ASN A 1 40  ? -13.419 -12.432 -4.111  1.00 74.40  ? 57  ASN A OD1 1 
ATOM   245  N ND2 . ASN A 1 40  ? -11.778 -13.407 -2.940  1.00 70.04  ? 57  ASN A ND2 1 
ATOM   246  N N   . ARG A 1 41  ? -9.885  -10.691 -7.732  1.00 66.22  ? 58  ARG A N   1 
ATOM   247  C CA  . ARG A 1 41  ? -9.570  -9.630  -8.664  1.00 67.71  ? 58  ARG A CA  1 
ATOM   248  C C   . ARG A 1 41  ? -10.876 -9.059  -9.199  1.00 67.19  ? 58  ARG A C   1 
ATOM   249  O O   . ARG A 1 41  ? -10.971 -7.876  -9.560  1.00 54.21  ? 58  ARG A O   1 
ATOM   250  C CB  . ARG A 1 41  ? -8.707  -10.205 -9.799  1.00 71.19  ? 58  ARG A CB  1 
ATOM   251  C CG  . ARG A 1 41  ? -8.300  -9.211  -10.874 1.00 75.51  ? 58  ARG A CG  1 
ATOM   252  C CD  . ARG A 1 41  ? -7.517  -9.887  -12.002 1.00 77.48  ? 58  ARG A CD  1 
ATOM   253  N NE  . ARG A 1 41  ? -6.934  -8.924  -12.940 1.00 73.62  ? 58  ARG A NE  1 
ATOM   254  C CZ  . ARG A 1 41  ? -7.630  -8.132  -13.756 1.00 73.36  ? 58  ARG A CZ  1 
ATOM   255  N NH1 . ARG A 1 41  ? -8.966  -8.155  -13.777 1.00 73.56  ? 58  ARG A NH1 1 
ATOM   256  N NH2 . ARG A 1 41  ? -6.986  -7.289  -14.553 1.00 70.20  ? 58  ARG A NH2 1 
ATOM   257  N N   . ASP A 1 42  ? -11.880 -9.935  -9.244  1.00 70.57  ? 59  ASP A N   1 
ATOM   258  C CA  . ASP A 1 42  ? -13.221 -9.584  -9.675  1.00 67.66  ? 59  ASP A CA  1 
ATOM   259  C C   . ASP A 1 42  ? -13.861 -8.650  -8.647  1.00 54.15  ? 59  ASP A C   1 
ATOM   260  O O   . ASP A 1 42  ? -14.414 -7.602  -8.980  1.00 50.16  ? 59  ASP A O   1 
ATOM   261  C CB  . ASP A 1 42  ? -14.046 -10.868 -9.853  1.00 72.84  ? 59  ASP A CB  1 
ATOM   262  C CG  . ASP A 1 42  ? -14.996 -10.786 -11.018 1.00 88.60  ? 59  ASP A CG  1 
ATOM   263  O OD1 . ASP A 1 42  ? -15.032 -9.713  -11.666 1.00 98.03  ? 59  ASP A OD1 1 
ATOM   264  O OD2 . ASP A 1 42  ? -15.694 -11.794 -11.299 1.00 99.85  ? 59  ASP A OD2 1 
ATOM   265  N N   . GLU A 1 43  ? -13.742 -9.037  -7.390  1.00 47.18  ? 60  GLU A N   1 
ATOM   266  C CA  . GLU A 1 43  ? -14.175 -8.209  -6.278  1.00 45.13  ? 60  GLU A CA  1 
ATOM   267  C C   . GLU A 1 43  ? -13.338 -6.881  -6.164  1.00 39.62  ? 60  GLU A C   1 
ATOM   268  O O   . GLU A 1 43  ? -13.884 -5.765  -6.138  1.00 32.75  ? 60  GLU A O   1 
ATOM   269  C CB  . GLU A 1 43  ? -14.045 -9.040  -5.000  1.00 51.08  ? 60  GLU A CB  1 
ATOM   270  C CG  . GLU A 1 43  ? -15.046 -8.711  -3.919  1.00 57.43  ? 60  GLU A CG  1 
ATOM   271  C CD  . GLU A 1 43  ? -14.629 -9.231  -2.559  1.00 61.59  ? 60  GLU A CD  1 
ATOM   272  O OE1 . GLU A 1 43  ? -13.939 -10.280 -2.473  1.00 69.66  ? 60  GLU A OE1 1 
ATOM   273  O OE2 . GLU A 1 43  ? -15.002 -8.573  -1.568  1.00 60.21  ? 60  GLU A OE2 1 
ATOM   274  N N   . VAL A 1 44  ? -12.011 -7.009  -6.140  1.00 32.73  ? 61  VAL A N   1 
ATOM   275  C CA  . VAL A 1 44  ? -11.157 -5.910  -5.650  1.00 27.83  ? 61  VAL A CA  1 
ATOM   276  C C   . VAL A 1 44  ? -10.879 -4.772  -6.593  1.00 27.35  ? 61  VAL A C   1 
ATOM   277  O O   . VAL A 1 44  ? -10.961 -3.621  -6.187  1.00 24.71  ? 61  VAL A O   1 
ATOM   278  C CB  . VAL A 1 44  ? -9.842  -6.477  -5.075  1.00 27.00  ? 61  VAL A CB  1 
ATOM   279  C CG1 . VAL A 1 44  ? -8.929  -5.369  -4.573  1.00 23.99  ? 61  VAL A CG1 1 
ATOM   280  C CG2 . VAL A 1 44  ? -10.110 -7.452  -3.972  1.00 26.38  ? 61  VAL A CG2 1 
ATOM   281  N N   . LEU A 1 45  ? -10.536 -5.010  -7.858  1.00 25.25  ? 62  LEU A N   1 
ATOM   282  C CA  . LEU A 1 45  ? -10.221 -3.870  -8.704  1.00 28.50  ? 62  LEU A CA  1 
ATOM   283  C C   . LEU A 1 45  ? -11.368 -2.847  -8.773  1.00 26.05  ? 62  LEU A C   1 
ATOM   284  O O   . LEU A 1 45  ? -11.135 -1.634  -8.733  1.00 23.93  ? 62  LEU A O   1 
ATOM   285  C CB  . LEU A 1 45  ? -9.728  -4.295  -10.091 1.00 29.35  ? 62  LEU A CB  1 
ATOM   286  C CG  . LEU A 1 45  ? -8.469  -5.173  -9.947  1.00 31.79  ? 62  LEU A CG  1 
ATOM   287  C CD1 . LEU A 1 45  ? -8.005  -5.736  -11.264 1.00 33.07  ? 62  LEU A CD1 1 
ATOM   288  C CD2 . LEU A 1 45  ? -7.342  -4.413  -9.291  1.00 31.01  ? 62  LEU A CD2 1 
ATOM   289  N N   . PRO A 1 46  ? -12.634 -3.331  -8.883  1.00 28.59  ? 63  PRO A N   1 
ATOM   290  C CA  . PRO A 1 46  ? -13.707 -2.344  -8.849  1.00 26.76  ? 63  PRO A CA  1 
ATOM   291  C C   . PRO A 1 46  ? -13.856 -1.638  -7.488  1.00 24.79  ? 63  PRO A C   1 
ATOM   292  O O   . PRO A 1 46  ? -14.178 -0.459  -7.442  1.00 27.77  ? 63  PRO A O   1 
ATOM   293  C CB  . PRO A 1 46  ? -14.957 -3.174  -9.194  1.00 31.01  ? 63  PRO A CB  1 
ATOM   294  C CG  . PRO A 1 46  ? -14.431 -4.336  -9.968  1.00 32.66  ? 63  PRO A CG  1 
ATOM   295  C CD  . PRO A 1 46  ? -13.118 -4.662  -9.307  1.00 32.60  ? 63  PRO A CD  1 
ATOM   296  N N   . GLN A 1 47  ? -13.559 -2.345  -6.404  1.00 24.54  ? 64  GLN A N   1 
ATOM   297  C CA  . GLN A 1 47  ? -13.521 -1.693  -5.078  1.00 22.94  ? 64  GLN A CA  1 
ATOM   298  C C   . GLN A 1 47  ? -12.484 -0.575  -5.108  1.00 24.00  ? 64  GLN A C   1 
ATOM   299  O O   . GLN A 1 47  ? -12.694 0.463   -4.458  1.00 21.53  ? 64  GLN A O   1 
ATOM   300  C CB  . GLN A 1 47  ? -13.179 -2.654  -3.943  1.00 23.29  ? 64  GLN A CB  1 
ATOM   301  C CG  . GLN A 1 47  ? -14.299 -3.630  -3.594  1.00 27.99  ? 64  GLN A CG  1 
ATOM   302  C CD  . GLN A 1 47  ? -13.888 -4.664  -2.580  1.00 28.27  ? 64  GLN A CD  1 
ATOM   303  O OE1 . GLN A 1 47  ? -12.741 -5.098  -2.517  1.00 32.43  ? 64  GLN A OE1 1 
ATOM   304  N NE2 . GLN A 1 47  ? -14.851 -5.126  -1.810  1.00 38.20  ? 64  GLN A NE2 1 
ATOM   305  N N   . LEU A 1 48  ? -11.351 -0.798  -5.802  1.00 21.55  ? 65  LEU A N   1 
ATOM   306  C CA  . LEU A 1 48  ? -10.310 0.269   -5.803  1.00 21.20  ? 65  LEU A CA  1 
ATOM   307  C C   . LEU A 1 48  ? -10.743 1.508   -6.522  1.00 23.00  ? 65  LEU A C   1 
ATOM   308  O O   . LEU A 1 48  ? -10.458 2.630   -6.100  1.00 21.67  ? 65  LEU A O   1 
ATOM   309  C CB  . LEU A 1 48  ? -9.004  -0.224  -6.377  1.00 20.97  ? 65  LEU A CB  1 
ATOM   310  C CG  . LEU A 1 48  ? -8.307  -1.354  -5.619  1.00 23.66  ? 65  LEU A CG  1 
ATOM   311  C CD1 . LEU A 1 48  ? -7.065  -1.828  -6.353  1.00 21.96  ? 65  LEU A CD1 1 
ATOM   312  C CD2 . LEU A 1 48  ? -7.972  -1.027  -4.164  1.00 27.01  ? 65  LEU A CD2 1 
ATOM   313  N N   . GLN A 1 49  ? -11.439 1.323   -7.646  1.00 21.38  ? 66  GLN A N   1 
ATOM   314  C CA  . GLN A 1 49  ? -11.966 2.471   -8.374  1.00 24.96  ? 66  GLN A CA  1 
ATOM   315  C C   . GLN A 1 49  ? -13.011 3.200   -7.525  1.00 20.26  ? 66  GLN A C   1 
ATOM   316  O O   . GLN A 1 49  ? -12.991 4.428   -7.516  1.00 24.35  ? 66  GLN A O   1 
ATOM   317  C CB  . GLN A 1 49  ? -12.584 2.048   -9.735  1.00 29.30  ? 66  GLN A CB  1 
ATOM   318  C CG  . GLN A 1 49  ? -11.616 1.372   -10.742 1.00 37.07  ? 66  GLN A CG  1 
ATOM   319  C CD  . GLN A 1 49  ? -12.296 0.632   -11.945 1.00 40.21  ? 66  GLN A CD  1 
ATOM   320  O OE1 . GLN A 1 49  ? -13.077 -0.340  -11.795 1.00 45.28  ? 66  GLN A OE1 1 
ATOM   321  N NE2 . GLN A 1 49  ? -11.938 1.055   -13.137 1.00 33.51  ? 66  GLN A NE2 1 
ATOM   322  N N   . ARG A 1 50  ? -13.859 2.477   -6.788  1.00 23.84  ? 67  ARG A N   1 
ATOM   323  C CA  . ARG A 1 50  ? -14.892 3.131   -5.988  1.00 23.77  ? 67  ARG A CA  1 
ATOM   324  C C   . ARG A 1 50  ? -14.251 3.836   -4.801  1.00 23.47  ? 67  ARG A C   1 
ATOM   325  O O   . ARG A 1 50  ? -14.717 4.887   -4.351  1.00 21.77  ? 67  ARG A O   1 
ATOM   326  C CB  . ARG A 1 50  ? -15.877 2.080   -5.482  1.00 25.87  ? 67  ARG A CB  1 
ATOM   327  C CG  . ARG A 1 50  ? -16.773 1.479   -6.554  1.00 28.64  ? 67  ARG A CG  1 
ATOM   328  C CD  . ARG A 1 50  ? -18.015 0.849   -5.926  1.00 31.94  ? 67  ARG A CD  1 
ATOM   329  N NE  . ARG A 1 50  ? -17.874 -0.609  -5.893  1.00 37.49  ? 67  ARG A NE  1 
ATOM   330  C CZ  . ARG A 1 50  ? -17.599 -1.349  -4.833  1.00 36.08  ? 67  ARG A CZ  1 
ATOM   331  N NH1 . ARG A 1 50  ? -17.432 -0.779  -3.653  1.00 43.96  ? 67  ARG A NH1 1 
ATOM   332  N NH2 . ARG A 1 50  ? -17.514 -2.690  -4.955  1.00 35.49  ? 67  ARG A NH2 1 
ATOM   333  N N   . ALA A 1 51  ? -13.157 3.260   -4.275  1.00 20.58  ? 68  ALA A N   1 
ATOM   334  C CA  . ALA A 1 51  ? -12.458 3.891   -3.158  1.00 18.76  ? 68  ALA A CA  1 
ATOM   335  C C   . ALA A 1 51  ? -11.745 5.176   -3.590  1.00 17.51  ? 68  ALA A C   1 
ATOM   336  O O   . ALA A 1 51  ? -11.749 6.168   -2.844  1.00 16.32  ? 68  ALA A O   1 
ATOM   337  C CB  . ALA A 1 51  ? -11.478 2.907   -2.564  1.00 16.93  ? 68  ALA A CB  1 
ATOM   338  N N   . SER A 1 52  ? -11.116 5.141   -4.760  1.00 16.64  ? 69  SER A N   1 
ATOM   339  C CA  . SER A 1 52  ? -10.527 6.315   -5.392  1.00 17.55  ? 69  SER A CA  1 
ATOM   340  C C   . SER A 1 52  ? -11.575 7.436   -5.526  1.00 17.31  ? 69  SER A C   1 
ATOM   341  O O   . SER A 1 52  ? -11.322 8.569   -5.122  1.00 17.88  ? 69  SER A O   1 
ATOM   342  C CB  . SER A 1 52  ? -9.946  5.987   -6.756  1.00 19.76  ? 69  SER A CB  1 
ATOM   343  O OG  . SER A 1 52  ? -9.438  7.172   -7.328  1.00 21.91  ? 69  SER A OG  1 
ATOM   344  N N   . ALA A 1 53  ? -12.740 7.083   -6.087  1.00 17.95  ? 70  ALA A N   1 
ATOM   345  C CA  . ALA A 1 53  ? -13.791 8.057   -6.232  1.00 19.59  ? 70  ALA A CA  1 
ATOM   346  C C   . ALA A 1 53  ? -14.230 8.632   -4.911  1.00 17.31  ? 70  ALA A C   1 
ATOM   347  O O   . ALA A 1 53  ? -14.412 9.855   -4.784  1.00 19.13  ? 70  ALA A O   1 
ATOM   348  C CB  . ALA A 1 53  ? -14.948 7.475   -6.995  1.00 20.57  ? 70  ALA A CB  1 
ATOM   349  N N   . ALA A 1 54  ? -14.427 7.769   -3.925  1.00 17.91  ? 71  ALA A N   1 
ATOM   350  C CA  . ALA A 1 54  ? -14.944 8.240   -2.671  1.00 17.10  ? 71  ALA A CA  1 
ATOM   351  C C   . ALA A 1 54  ? -13.983 9.147   -1.926  1.00 18.89  ? 71  ALA A C   1 
ATOM   352  O O   . ALA A 1 54  ? -14.365 10.071  -1.249  1.00 20.26  ? 71  ALA A O   1 
ATOM   353  C CB  . ALA A 1 54  ? -15.311 7.093   -1.811  1.00 18.32  ? 71  ALA A CB  1 
ATOM   354  N N   . THR A 1 55  ? -12.663 8.855   -2.009  1.00 15.49  ? 72  THR A N   1 
ATOM   355  C CA  . THR A 1 55  ? -11.682 9.654   -1.320  1.00 16.36  ? 72  THR A CA  1 
ATOM   356  C C   . THR A 1 55  ? -11.093 10.825  -2.081  1.00 15.50  ? 72  THR A C   1 
ATOM   357  O O   . THR A 1 55  ? -10.517 11.736  -1.470  1.00 16.85  ? 72  THR A O   1 
ATOM   358  C CB  . THR A 1 55  ? -10.458 8.783   -0.885  1.00 15.50  ? 72  THR A CB  1 
ATOM   359  O OG1 . THR A 1 55  ? -9.833  8.288   -2.064  1.00 15.31  ? 72  THR A OG1 1 
ATOM   360  C CG2 . THR A 1 55  ? -10.848 7.658   0.026   1.00 14.94  ? 72  THR A CG2 1 
ATOM   361  N N   . GLY A 1 56  ? -11.227 10.842  -3.396  1.00 17.23  ? 73  GLY A N   1 
ATOM   362  C CA  . GLY A 1 56  ? -10.556 11.851  -4.204  1.00 19.80  ? 73  GLY A CA  1 
ATOM   363  C C   . GLY A 1 56  ? -9.079  11.597  -4.410  1.00 19.88  ? 73  GLY A C   1 
ATOM   364  O O   . GLY A 1 56  ? -8.419  12.395  -5.060  1.00 22.74  ? 73  GLY A O   1 
ATOM   365  N N   . ILE A 1 57  ? -8.612  10.458  -3.958  1.00 17.85  ? 74  ILE A N   1 
ATOM   366  C CA  . ILE A 1 57  ? -7.184  10.070  -4.158  1.00 16.77  ? 74  ILE A CA  1 
ATOM   367  C C   . ILE A 1 57  ? -7.111  9.225   -5.415  1.00 14.35  ? 74  ILE A C   1 
ATOM   368  O O   . ILE A 1 57  ? -7.805  8.246   -5.511  1.00 16.93  ? 74  ILE A O   1 
ATOM   369  C CB  . ILE A 1 57  ? -6.653  9.264   -2.964  1.00 15.10  ? 74  ILE A CB  1 
ATOM   370  C CG1 . ILE A 1 57  ? -6.644  10.071  -1.658  1.00 15.33  ? 74  ILE A CG1 1 
ATOM   371  C CG2 . ILE A 1 57  ? -5.184  8.803   -3.265  1.00 16.08  ? 74  ILE A CG2 1 
ATOM   372  C CD1 . ILE A 1 57  ? -6.519  9.279   -0.417  1.00 16.44  ? 74  ILE A CD1 1 
ATOM   373  N N   . LYS A 1 58  ? -6.294  9.624   -6.394  1.00 15.89  ? 75  LYS A N   1 
ATOM   374  C CA  . LYS A 1 58  ? -6.118  8.809   -7.616  1.00 16.89  ? 75  LYS A CA  1 
ATOM   375  C C   . LYS A 1 58  ? -5.342  7.531   -7.272  1.00 15.74  ? 75  LYS A C   1 
ATOM   376  O O   . LYS A 1 58  ? -4.334  7.597   -6.580  1.00 15.27  ? 75  LYS A O   1 
ATOM   377  C CB  . LYS A 1 58  ? -5.362  9.601   -8.707  1.00 19.84  ? 75  LYS A CB  1 
ATOM   378  C CG  . LYS A 1 58  ? -5.098  8.871   -10.011 1.00 26.70  ? 75  LYS A CG  1 
ATOM   379  C CD  . LYS A 1 58  ? -6.117  9.222   -11.080 1.00 34.72  ? 75  LYS A CD  1 
ATOM   380  C CE  . LYS A 1 58  ? -5.820  8.477   -12.377 1.00 38.70  ? 75  LYS A CE  1 
ATOM   381  N NZ  . LYS A 1 58  ? -6.561  7.168   -12.415 1.00 39.37  ? 75  LYS A NZ  1 
ATOM   382  N N   . VAL A 1 59  ? -5.895  6.405   -7.669  1.00 14.05  ? 76  VAL A N   1 
ATOM   383  C CA  . VAL A 1 59  ? -5.332  5.064   -7.395  1.00 14.64  ? 76  VAL A CA  1 
ATOM   384  C C   . VAL A 1 59  ? -4.846  4.549   -8.747  1.00 17.46  ? 76  VAL A C   1 
ATOM   385  O O   . VAL A 1 59  ? -5.679  4.190   -9.629  1.00 18.38  ? 76  VAL A O   1 
ATOM   386  C CB  . VAL A 1 59  ? -6.301  4.119   -6.746  1.00 14.57  ? 76  VAL A CB  1 
ATOM   387  C CG1 . VAL A 1 59  ? -5.723  2.705   -6.605  1.00 15.22  ? 76  VAL A CG1 1 
ATOM   388  C CG2 . VAL A 1 59  ? -6.763  4.658   -5.408  1.00 15.23  ? 76  VAL A CG2 1 
ATOM   389  N N   . VAL A 1 60  ? -3.540  4.454   -8.917  1.00 14.56  ? 77  VAL A N   1 
ATOM   390  C CA  . VAL A 1 60  ? -2.952  3.910   -10.159 1.00 13.71  ? 77  VAL A CA  1 
ATOM   391  C C   . VAL A 1 60  ? -2.529  2.465   -9.902  1.00 14.30  ? 77  VAL A C   1 
ATOM   392  O O   . VAL A 1 60  ? -1.707  2.189   -9.019  1.00 14.46  ? 77  VAL A O   1 
ATOM   393  C CB  . VAL A 1 60  ? -1.758  4.737   -10.590 1.00 14.92  ? 77  VAL A CB  1 
ATOM   394  C CG1 . VAL A 1 60  ? -1.199  4.280   -11.924 1.00 16.38  ? 77  VAL A CG1 1 
ATOM   395  C CG2 . VAL A 1 60  ? -2.099  6.217   -10.729 1.00 16.75  ? 77  VAL A CG2 1 
ATOM   396  N N   . VAL A 1 61  ? -3.056  1.542   -10.724 1.00 14.23  ? 78  VAL A N   1 
ATOM   397  C CA  . VAL A 1 61  ? -2.820  0.100   -10.546 1.00 14.31  ? 78  VAL A CA  1 
ATOM   398  C C   . VAL A 1 61  ? -1.837  -0.336  -11.586 1.00 15.46  ? 78  VAL A C   1 
ATOM   399  O O   . VAL A 1 61  ? -2.089  -0.095  -12.772 1.00 18.34  ? 78  VAL A O   1 
ATOM   400  C CB  . VAL A 1 61  ? -4.104  -0.718  -10.564 1.00 15.45  ? 78  VAL A CB  1 
ATOM   401  C CG1 . VAL A 1 61  ? -3.786  -2.212  -10.433 1.00 16.72  ? 78  VAL A CG1 1 
ATOM   402  C CG2 . VAL A 1 61  ? -5.021  -0.247  -9.468  1.00 15.60  ? 78  VAL A CG2 1 
ATOM   403  N N   . ALA A 1 62  ? -0.721  -0.924  -11.168 1.00 15.02  ? 79  ALA A N   1 
ATOM   404  C CA  . ALA A 1 62  ? 0.222   -1.593  -12.094 1.00 14.96  ? 79  ALA A CA  1 
ATOM   405  C C   . ALA A 1 62  ? 0.153   -3.044  -11.802 1.00 15.65  ? 79  ALA A C   1 
ATOM   406  O O   . ALA A 1 62  ? 0.445   -3.477  -10.698 1.00 15.60  ? 79  ALA A O   1 
ATOM   407  C CB  . ALA A 1 62  ? 1.636   -1.069  -11.942 1.00 15.99  ? 79  ALA A CB  1 
ATOM   408  N N   . GLU A 1 63  ? -0.292  -3.848  -12.769 1.00 14.31  ? 80  GLU A N   1 
ATOM   409  C CA  . GLU A 1 63  ? -0.405  -5.256  -12.547 1.00 15.47  ? 80  GLU A CA  1 
ATOM   410  C C   . GLU A 1 63  ? 0.895   -6.005  -12.894 1.00 14.11  ? 80  GLU A C   1 
ATOM   411  O O   . GLU A 1 63  ? 1.576   -5.636  -13.827 1.00 15.65  ? 80  GLU A O   1 
ATOM   412  C CB  . GLU A 1 63  ? -1.558  -5.829  -13.390 1.00 17.19  ? 80  GLU A CB  1 
ATOM   413  C CG  . GLU A 1 63  ? -2.914  -5.184  -13.111 1.00 20.88  ? 80  GLU A CG  1 
ATOM   414  C CD  . GLU A 1 63  ? -4.066  -5.880  -13.796 1.00 25.64  ? 80  GLU A CD  1 
ATOM   415  O OE1 . GLU A 1 63  ? -4.898  -5.145  -14.331 1.00 36.38  ? 80  GLU A OE1 1 
ATOM   416  O OE2 . GLU A 1 63  ? -4.268  -7.106  -13.646 1.00 31.85  ? 80  GLU A OE2 1 
ATOM   417  N N   . VAL A 1 64  ? 1.114   -7.098  -12.181 1.00 14.84  ? 81  VAL A N   1 
ATOM   418  C CA  . VAL A 1 64  ? 2.277   -7.939  -12.344 1.00 15.50  ? 81  VAL A CA  1 
ATOM   419  C C   . VAL A 1 64  ? 1.833   -9.403  -12.381 1.00 15.75  ? 81  VAL A C   1 
ATOM   420  O O   . VAL A 1 64  ? 0.978   -9.816  -11.637 1.00 18.10  ? 81  VAL A O   1 
ATOM   421  C CB  . VAL A 1 64  ? 3.308   -7.744  -11.187 1.00 14.41  ? 81  VAL A CB  1 
ATOM   422  C CG1 . VAL A 1 64  ? 3.913   -6.349  -11.319 1.00 15.01  ? 81  VAL A CG1 1 
ATOM   423  C CG2 . VAL A 1 64  ? 2.736   -7.949  -9.819  1.00 13.85  ? 81  VAL A CG2 1 
ATOM   424  N N   . ALA A 1 65  ? 2.453   -10.139 -13.302 1.00 16.37  ? 82  ALA A N   1 
ATOM   425  C CA  . ALA A 1 65  ? 2.152   -11.558 -13.519 1.00 19.33  ? 82  ALA A CA  1 
ATOM   426  C C   . ALA A 1 65  ? 3.256   -12.452 -13.058 1.00 18.68  ? 82  ALA A C   1 
ATOM   427  O O   . ALA A 1 65  ? 3.039   -13.660 -12.854 1.00 22.77  ? 82  ALA A O   1 
ATOM   428  C CB  . ALA A 1 65  ? 1.925   -11.799 -15.017 1.00 20.28  ? 82  ALA A CB  1 
ATOM   429  N N   . SER A 1 66  ? 4.463   -11.939 -12.945 1.00 14.63  ? 83  SER A N   1 
ATOM   430  C CA  . SER A 1 66  ? 5.575   -12.750 -12.517 1.00 14.94  ? 83  SER A CA  1 
ATOM   431  C C   . SER A 1 66  ? 6.611   -11.859 -11.865 1.00 12.90  ? 83  SER A C   1 
ATOM   432  O O   . SER A 1 66  ? 6.608   -10.663 -12.053 1.00 13.07  ? 83  SER A O   1 
ATOM   433  C CB  . SER A 1 66  ? 6.256   -13.481 -13.724 1.00 15.93  ? 83  SER A CB  1 
ATOM   434  O OG  . SER A 1 66  ? 6.726   -12.610 -14.668 1.00 20.95  ? 83  SER A OG  1 
ATOM   435  N N   . LEU A 1 67  ? 7.573   -12.483 -11.184 1.00 12.40  ? 84  LEU A N   1 
ATOM   436  C CA  . LEU A 1 67  ? 8.604   -11.719 -10.464 1.00 12.79  ? 84  LEU A CA  1 
ATOM   437  C C   . LEU A 1 67  ? 9.338   -10.787 -11.389 1.00 12.47  ? 84  LEU A C   1 
ATOM   438  O O   . LEU A 1 67  ? 9.663   -9.627  -10.976 1.00 12.18  ? 84  LEU A O   1 
ATOM   439  C CB  . LEU A 1 67  ? 9.593   -12.627 -9.761  1.00 14.04  ? 84  LEU A CB  1 
ATOM   440  C CG  . LEU A 1 67  ? 10.600  -11.956 -8.840  1.00 13.16  ? 84  LEU A CG  1 
ATOM   441  C CD1 . LEU A 1 67  ? 9.928   -11.287 -7.667  1.00 14.92  ? 84  LEU A CD1 1 
ATOM   442  C CD2 . LEU A 1 67  ? 11.651  -12.933 -8.350  1.00 14.26  ? 84  LEU A CD2 1 
ATOM   443  N N   . GLN A 1 68  ? 9.651   -11.176 -12.615 1.00 12.36  ? 85  GLN A N   1 
ATOM   444  C CA  . GLN A 1 68  ? 10.409  -10.296 -13.470 1.00 13.57  ? 85  GLN A CA  1 
ATOM   445  C C   . GLN A 1 68  ? 9.697   -8.985  -13.860 1.00 13.25  ? 85  GLN A C   1 
ATOM   446  O O   . GLN A 1 68  ? 10.337  -8.077  -14.349 1.00 14.19  ? 85  GLN A O   1 
ATOM   447  C CB  . GLN A 1 68  ? 10.934  -11.024 -14.709 1.00 14.81  ? 85  GLN A CB  1 
ATOM   448  C CG  . GLN A 1 68  ? 9.899   -11.382 -15.740 1.00 14.83  ? 85  GLN A CG  1 
ATOM   449  C CD  . GLN A 1 68  ? 10.543  -12.189 -16.880 1.00 17.29  ? 85  GLN A CD  1 
ATOM   450  O OE1 . GLN A 1 68  ? 11.740  -12.139 -17.066 1.00 21.69  ? 85  GLN A OE1 1 
ATOM   451  N NE2 . GLN A 1 68  ? 9.773   -12.811 -17.661 1.00 19.15  ? 85  GLN A NE2 1 
ATOM   452  N N   . GLU A 1 69  ? 8.362   -8.935  -13.663 1.00 12.80  ? 86  GLU A N   1 
ATOM   453  C CA  . GLU A 1 69  ? 7.632   -7.763  -13.926 1.00 12.95  ? 86  GLU A CA  1 
ATOM   454  C C   . GLU A 1 69  ? 7.605   -6.796  -12.731 1.00 12.40  ? 86  GLU A C   1 
ATOM   455  O O   . GLU A 1 69  ? 7.143   -5.651  -12.913 1.00 12.72  ? 86  GLU A O   1 
ATOM   456  C CB  . GLU A 1 69  ? 6.175   -8.111  -14.299 1.00 14.88  ? 86  GLU A CB  1 
ATOM   457  C CG  . GLU A 1 69  ? 6.149   -8.985  -15.580 1.00 17.25  ? 86  GLU A CG  1 
ATOM   458  C CD  . GLU A 1 69  ? 4.761   -9.260  -16.088 1.00 21.90  ? 86  GLU A CD  1 
ATOM   459  O OE1 . GLU A 1 69  ? 3.705   -8.967  -15.438 1.00 22.83  ? 86  GLU A OE1 1 
ATOM   460  O OE2 . GLU A 1 69  ? 4.735   -9.875  -17.206 1.00 28.02  ? 86  GLU A OE2 1 
ATOM   461  N N   . VAL A 1 70  ? 7.975   -7.214  -11.542 1.00 11.10  ? 87  VAL A N   1 
ATOM   462  C CA  . VAL A 1 70  ? 7.790   -6.344  -10.328 1.00 11.62  ? 87  VAL A CA  1 
ATOM   463  C C   . VAL A 1 70  ? 8.619   -5.072  -10.463 1.00 11.93  ? 87  VAL A C   1 
ATOM   464  O O   . VAL A 1 70  ? 8.066   -3.977  -10.227 1.00 11.87  ? 87  VAL A O   1 
ATOM   465  C CB  . VAL A 1 70  ? 8.039   -7.128  -9.047  1.00 11.87  ? 87  VAL A CB  1 
ATOM   466  C CG1 . VAL A 1 70  ? 8.023   -6.212  -7.836  1.00 12.14  ? 87  VAL A CG1 1 
ATOM   467  C CG2 . VAL A 1 70  ? 6.977   -8.226  -8.912  1.00 13.11  ? 87  VAL A CG2 1 
ATOM   468  N N   . ALA A 1 71  ? 9.918   -5.204  -10.747 1.00 11.08  ? 88  ALA A N   1 
ATOM   469  C CA  . ALA A 1 71  ? 10.746  -3.965  -10.800 1.00 12.66  ? 88  ALA A CA  1 
ATOM   470  C C   . ALA A 1 71  ? 10.242  -2.988  -11.888 1.00 12.15  ? 88  ALA A C   1 
ATOM   471  O O   . ALA A 1 71  ? 9.986   -1.787  -11.595 1.00 12.47  ? 88  ALA A O   1 
ATOM   472  C CB  . ALA A 1 71  ? 12.222  -4.324  -10.975 1.00 11.82  ? 88  ALA A CB  1 
ATOM   473  N N   . PRO A 1 72  ? 10.059  -3.452  -13.160 1.00 13.11  ? 89  PRO A N   1 
ATOM   474  C CA  . PRO A 1 72  ? 9.633   -2.452  -14.135 1.00 14.73  ? 89  PRO A CA  1 
ATOM   475  C C   . PRO A 1 72  ? 8.234   -1.864  -13.886 1.00 14.28  ? 89  PRO A C   1 
ATOM   476  O O   . PRO A 1 72  ? 8.024   -0.686  -14.114 1.00 14.47  ? 89  PRO A O   1 
ATOM   477  C CB  . PRO A 1 72  ? 9.691   -3.210  -15.446 1.00 15.87  ? 89  PRO A CB  1 
ATOM   478  C CG  . PRO A 1 72  ? 9.678   -4.612  -15.084 1.00 15.96  ? 89  PRO A CG  1 
ATOM   479  C CD  . PRO A 1 72  ? 10.399  -4.728  -13.774 1.00 13.95  ? 89  PRO A CD  1 
ATOM   480  N N   . GLN A 1 73  ? 7.304   -2.663  -13.396 1.00 12.71  ? 90  GLN A N   1 
ATOM   481  C CA  . GLN A 1 73  ? 5.994   -2.123  -13.132 1.00 13.04  ? 90  GLN A CA  1 
ATOM   482  C C   . GLN A 1 73  ? 6.017   -1.129  -11.993 1.00 14.16  ? 90  GLN A C   1 
ATOM   483  O O   . GLN A 1 73  ? 5.347   -0.093  -12.051 1.00 14.25  ? 90  GLN A O   1 
ATOM   484  C CB  . GLN A 1 73  ? 4.972   -3.240  -12.922 1.00 13.69  ? 90  GLN A CB  1 
ATOM   485  C CG  . GLN A 1 73  ? 4.654   -3.961  -14.241 1.00 14.49  ? 90  GLN A CG  1 
ATOM   486  C CD  . GLN A 1 73  ? 3.834   -3.085  -15.167 1.00 17.26  ? 90  GLN A CD  1 
ATOM   487  O OE1 . GLN A 1 73  ? 4.395   -2.269  -15.881 1.00 22.41  ? 90  GLN A OE1 1 
ATOM   488  N NE2 . GLN A 1 73  ? 2.543   -3.199  -15.117 1.00 20.06  ? 90  GLN A NE2 1 
ATOM   489  N N   . PHE A 1 74  ? 6.734   -1.416  -10.900 1.00 12.22  ? 91  PHE A N   1 
ATOM   490  C CA  . PHE A 1 74  ? 6.878   -0.463  -9.801  1.00 11.86  ? 91  PHE A CA  1 
ATOM   491  C C   . PHE A 1 74  ? 7.482   0.835   -10.322 1.00 13.20  ? 91  PHE A C   1 
ATOM   492  O O   . PHE A 1 74  ? 7.017   1.927   -9.962  1.00 12.94  ? 91  PHE A O   1 
ATOM   493  C CB  . PHE A 1 74  ? 7.809   -1.034  -8.719  1.00 12.12  ? 91  PHE A CB  1 
ATOM   494  C CG  . PHE A 1 74  ? 8.139   -0.054  -7.658  1.00 14.29  ? 91  PHE A CG  1 
ATOM   495  C CD1 . PHE A 1 74  ? 7.197   0.269   -6.690  1.00 14.59  ? 91  PHE A CD1 1 
ATOM   496  C CD2 . PHE A 1 74  ? 9.374   0.591   -7.678  1.00 15.75  ? 91  PHE A CD2 1 
ATOM   497  C CE1 . PHE A 1 74  ? 7.547   1.238   -5.716  1.00 16.21  ? 91  PHE A CE1 1 
ATOM   498  C CE2 . PHE A 1 74  ? 9.686   1.495   -6.680  1.00 16.92  ? 91  PHE A CE2 1 
ATOM   499  C CZ  . PHE A 1 74  ? 8.761   1.818   -5.774  1.00 16.16  ? 91  PHE A CZ  1 
ATOM   500  N N   . ARG A 1 75  ? 8.498   0.726   -11.161 1.00 12.09  ? 92  ARG A N   1 
ATOM   501  C CA  . ARG A 1 75  ? 9.165   1.964   -11.619 1.00 13.12  ? 92  ARG A CA  1 
ATOM   502  C C   . ARG A 1 75  ? 8.211   2.745   -12.516 1.00 14.55  ? 92  ARG A C   1 
ATOM   503  O O   . ARG A 1 75  ? 8.312   3.969   -12.551 1.00 15.87  ? 92  ARG A O   1 
ATOM   504  C CB  . ARG A 1 75  ? 10.469  1.590   -12.272 1.00 13.56  ? 92  ARG A CB  1 
ATOM   505  C CG  . ARG A 1 75  ? 11.421  1.058   -11.201 1.00 14.99  ? 92  ARG A CG  1 
ATOM   506  C CD  . ARG A 1 75  ? 12.772  0.704   -11.678 1.00 16.46  ? 92  ARG A CD  1 
ATOM   507  N NE  . ARG A 1 75  ? 13.612  0.432   -10.517 1.00 15.44  ? 92  ARG A NE  1 
ATOM   508  C CZ  . ARG A 1 75  ? 14.547  -0.488  -10.470 1.00 16.09  ? 92  ARG A CZ  1 
ATOM   509  N NH1 . ARG A 1 75  ? 14.734  -1.269  -11.477 1.00 15.91  ? 92  ARG A NH1 1 
ATOM   510  N NH2 . ARG A 1 75  ? 15.282  -0.544  -9.350  1.00 18.75  ? 92  ARG A NH2 1 
ATOM   511  N N   . THR A 1 76  ? 7.281   2.099   -13.181 1.00 14.56  ? 93  THR A N   1 
ATOM   512  C CA  . THR A 1 76  ? 6.271   2.852   -13.952 1.00 16.89  ? 93  THR A CA  1 
ATOM   513  C C   . THR A 1 76  ? 5.428   3.721   -13.094 1.00 16.43  ? 93  THR A C   1 
ATOM   514  O O   . THR A 1 76  ? 5.070   4.872   -13.524 1.00 16.44  ? 93  THR A O   1 
ATOM   515  C CB  . THR A 1 76  ? 5.364   1.919   -14.843 1.00 21.01  ? 93  THR A CB  1 
ATOM   516  O OG1 . THR A 1 76  ? 6.157   1.291   -15.850 1.00 24.34  ? 93  THR A OG1 1 
ATOM   517  C CG2 . THR A 1 76  ? 4.286   2.676   -15.529 1.00 29.28  ? 93  THR A CG2 1 
ATOM   518  N N   . LEU A 1 77  ? 5.034   3.271   -11.916 1.00 15.16  ? 94  LEU A N   1 
ATOM   519  C CA  . LEU A 1 77  ? 4.290   4.081   -10.982 1.00 16.17  ? 94  LEU A CA  1 
ATOM   520  C C   . LEU A 1 77  ? 4.990   5.348   -10.622 1.00 18.56  ? 94  LEU A C   1 
ATOM   521  O O   . LEU A 1 77  ? 4.346   6.410   -10.423 1.00 18.71  ? 94  LEU A O   1 
ATOM   522  C CB  . LEU A 1 77  ? 3.963   3.274   -9.714  1.00 16.05  ? 94  LEU A CB  1 
ATOM   523  C CG  . LEU A 1 77  ? 3.051   2.112   -9.940  1.00 17.00  ? 94  LEU A CG  1 
ATOM   524  C CD1 . LEU A 1 77  ? 2.953   1.342   -8.658  1.00 15.92  ? 94  LEU A CD1 1 
ATOM   525  C CD2 . LEU A 1 77  ? 1.692   2.469   -10.372 1.00 17.54  ? 94  LEU A CD2 1 
ATOM   526  N N   . LEU A 1 78  ? 6.321   5.292   -10.542 1.00 16.93  ? 95  LEU A N   1 
ATOM   527  C CA  . LEU A 1 78  ? 7.084   6.481   -10.214 1.00 18.41  ? 95  LEU A CA  1 
ATOM   528  C C   . LEU A 1 78  ? 7.310   7.345   -11.451 1.00 18.73  ? 95  LEU A C   1 
ATOM   529  O O   . LEU A 1 78  ? 6.997   8.548   -11.371 1.00 21.78  ? 95  LEU A O   1 
ATOM   530  C CB  . LEU A 1 78  ? 8.394   6.088   -9.535  1.00 19.06  ? 95  LEU A CB  1 
ATOM   531  C CG  . LEU A 1 78  ? 8.326   5.540   -8.113  1.00 20.75  ? 95  LEU A CG  1 
ATOM   532  C CD1 . LEU A 1 78  ? 7.422   4.325   -7.968  1.00 22.86  ? 95  LEU A CD1 1 
ATOM   533  C CD2 . LEU A 1 78  ? 9.792   5.173   -7.761  1.00 20.54  ? 95  LEU A CD2 1 
ATOM   534  N N   . ARG A 1 79  ? 7.780   6.754   -12.550 1.00 16.36  ? 96  ARG A N   1 
ATOM   535  C CA  . ARG A 1 79  ? 8.093   7.475   -13.790 1.00 17.85  ? 96  ARG A CA  1 
ATOM   536  C C   . ARG A 1 79  ? 6.884   8.188   -14.383 1.00 19.82  ? 96  ARG A C   1 
ATOM   537  O O   . ARG A 1 79  ? 6.945   9.373   -14.702 1.00 19.20  ? 96  ARG A O   1 
ATOM   538  C CB  . ARG A 1 79  ? 8.708   6.518   -14.834 1.00 18.07  ? 96  ARG A CB  1 
ATOM   539  C CG  . ARG A 1 79  ? 9.104   7.275   -16.132 1.00 22.18  ? 96  ARG A CG  1 
ATOM   540  C CD  . ARG A 1 79  ? 9.641   6.397   -17.223 1.00 24.26  ? 96  ARG A CD  1 
ATOM   541  N NE  . ARG A 1 79  ? 8.871   5.185   -17.370 1.00 33.80  ? 96  ARG A NE  1 
ATOM   542  C CZ  . ARG A 1 79  ? 8.004   4.861   -18.336 1.00 45.12  ? 96  ARG A CZ  1 
ATOM   543  N NH1 . ARG A 1 79  ? 7.360   3.675   -18.250 1.00 42.77  ? 96  ARG A NH1 1 
ATOM   544  N NH2 . ARG A 1 79  ? 7.761   5.674   -19.386 1.00 53.67  ? 96  ARG A NH2 1 
ATOM   545  N N   . ASP A 1 80  ? 5.784   7.476   -14.495 1.00 18.73  ? 97  ASP A N   1 
ATOM   546  C CA  . ASP A 1 80  ? 4.655   7.961   -15.262 1.00 19.35  ? 97  ASP A CA  1 
ATOM   547  C C   . ASP A 1 80  ? 3.605   8.589   -14.406 1.00 21.56  ? 97  ASP A C   1 
ATOM   548  O O   . ASP A 1 80  ? 2.791   9.308   -14.918 1.00 22.69  ? 97  ASP A O   1 
ATOM   549  C CB  . ASP A 1 80  ? 4.045   6.866   -16.114 1.00 21.53  ? 97  ASP A CB  1 
ATOM   550  C CG  . ASP A 1 80  ? 4.983   6.296   -17.117 1.00 22.40  ? 97  ASP A CG  1 
ATOM   551  O OD1 . ASP A 1 80  ? 5.946   6.962   -17.499 1.00 27.06  ? 97  ASP A OD1 1 
ATOM   552  O OD2 . ASP A 1 80  ? 4.765   5.134   -17.552 1.00 30.62  ? 97  ASP A OD2 1 
ATOM   553  N N   . HIS A 1 81  ? 3.589   8.367   -13.083 1.00 19.00  ? 98  HIS A N   1 
ATOM   554  C CA  . HIS A 1 81  ? 2.431   8.762   -12.253 1.00 21.65  ? 98  HIS A CA  1 
ATOM   555  C C   . HIS A 1 81  ? 2.719   9.487   -10.940 1.00 23.98  ? 98  HIS A C   1 
ATOM   556  O O   . HIS A 1 81  ? 1.774   9.869   -10.233 1.00 27.01  ? 98  HIS A O   1 
ATOM   557  C CB  . HIS A 1 81  ? 1.576   7.517   -11.970 1.00 21.47  ? 98  HIS A CB  1 
ATOM   558  C CG  . HIS A 1 81  ? 1.012   6.896   -13.189 1.00 24.88  ? 98  HIS A CG  1 
ATOM   559  N ND1 . HIS A 1 81  ? 1.523   5.756   -13.756 1.00 24.74  ? 98  HIS A ND1 1 
ATOM   560  C CD2 . HIS A 1 81  ? -0.041  7.253   -13.959 1.00 23.73  ? 98  HIS A CD2 1 
ATOM   561  C CE1 . HIS A 1 81  ? 0.817   5.428   -14.818 1.00 25.59  ? 98  HIS A CE1 1 
ATOM   562  N NE2 . HIS A 1 81  ? -0.133  6.323   -14.959 1.00 25.39  ? 98  HIS A NE2 1 
ATOM   563  N N   . GLN A 1 82  ? 3.987   9.695   -10.611 1.00 22.83  ? 99  GLN A N   1 
ATOM   564  C CA  . GLN A 1 82  ? 4.415   10.470  -9.444  1.00 25.28  ? 99  GLN A CA  1 
ATOM   565  C C   . GLN A 1 82  ? 3.560   10.103  -8.252  1.00 20.86  ? 99  GLN A C   1 
ATOM   566  O O   . GLN A 1 82  ? 3.026   10.965  -7.551  1.00 21.44  ? 99  GLN A O   1 
ATOM   567  C CB  . GLN A 1 82  ? 4.350   11.968  -9.698  1.00 31.66  ? 99  GLN A CB  1 
ATOM   568  C CG  . GLN A 1 82  ? 4.512   12.366  -11.168 1.00 39.50  ? 99  GLN A CG  1 
ATOM   569  C CD  . GLN A 1 82  ? 3.155   12.504  -11.921 1.00 46.65  ? 99  GLN A CD  1 
ATOM   570  O OE1 . GLN A 1 82  ? 2.221   13.215  -11.477 1.00 57.35  ? 99  GLN A OE1 1 
ATOM   571  N NE2 . GLN A 1 82  ? 3.048   11.834  -13.067 1.00 52.31  ? 99  GLN A NE2 1 
ATOM   572  N N   . VAL A 1 83  ? 3.435   8.797   -8.027  1.00 17.49  ? 100 VAL A N   1 
ATOM   573  C CA  . VAL A 1 83  ? 2.728   8.334   -6.832  1.00 14.44  ? 100 VAL A CA  1 
ATOM   574  C C   . VAL A 1 83  ? 3.469   8.705   -5.539  1.00 14.59  ? 100 VAL A C   1 
ATOM   575  O O   . VAL A 1 83  ? 4.693   8.800   -5.517  1.00 15.16  ? 100 VAL A O   1 
ATOM   576  C CB  . VAL A 1 83  ? 2.437   6.815   -6.878  1.00 13.83  ? 100 VAL A CB  1 
ATOM   577  C CG1 . VAL A 1 83  ? 1.586   6.458   -8.079  1.00 14.38  ? 100 VAL A CG1 1 
ATOM   578  C CG2 . VAL A 1 83  ? 3.725   5.985   -6.849  1.00 17.24  ? 100 VAL A CG2 1 
ATOM   579  N N   . GLU A 1 84  ? 2.723   8.838   -4.435  1.00 13.16  ? 101 GLU A N   1 
ATOM   580  C CA  . GLU A 1 84  ? 3.242   9.331   -3.170  1.00 13.48  ? 101 GLU A CA  1 
ATOM   581  C C   . GLU A 1 84  ? 3.349   8.276   -2.112  1.00 12.29  ? 101 GLU A C   1 
ATOM   582  O O   . GLU A 1 84  ? 3.904   8.513   -1.046  1.00 13.99  ? 101 GLU A O   1 
ATOM   583  C CB  . GLU A 1 84  ? 2.348   10.438  -2.647  1.00 13.93  ? 101 GLU A CB  1 
ATOM   584  C CG  . GLU A 1 84  ? 2.286   11.668  -3.564  1.00 16.13  ? 101 GLU A CG  1 
ATOM   585  C CD  . GLU A 1 84  ? 1.196   12.598  -3.115  1.00 16.99  ? 101 GLU A CD  1 
ATOM   586  O OE1 . GLU A 1 84  ? 1.348   13.292  -2.080  1.00 24.72  ? 101 GLU A OE1 1 
ATOM   587  O OE2 . GLU A 1 84  ? 0.177   12.617  -3.808  1.00 17.51  ? 101 GLU A OE2 1 
ATOM   588  N N   . ALA A 1 85  ? 2.834   7.109   -2.451  1.00 11.19  ? 102 ALA A N   1 
ATOM   589  C CA  . ALA A 1 85  ? 2.868   5.930   -1.554  1.00 10.93  ? 102 ALA A CA  1 
ATOM   590  C C   . ALA A 1 85  ? 2.594   4.689   -2.368  1.00 10.77  ? 102 ALA A C   1 
ATOM   591  O O   . ALA A 1 85  ? 2.148   4.725   -3.497  1.00 10.99  ? 102 ALA A O   1 
ATOM   592  C CB  . ALA A 1 85  ? 1.892   6.042   -0.437  1.00 13.09  ? 102 ALA A CB  1 
ATOM   593  N N   . LEU A 1 86  ? 2.980   3.535   -1.800  1.00 10.15  ? 103 LEU A N   1 
ATOM   594  C CA  . LEU A 1 86  ? 2.673   2.229   -2.360  1.00 10.22  ? 103 LEU A CA  1 
ATOM   595  C C   . LEU A 1 86  ? 1.657   1.552   -1.466  1.00 10.26  ? 103 LEU A C   1 
ATOM   596  O O   . LEU A 1 86  ? 1.790   1.570   -0.235  1.00 11.73  ? 103 LEU A O   1 
ATOM   597  C CB  . LEU A 1 86  ? 3.929   1.381   -2.476  1.00 10.95  ? 103 LEU A CB  1 
ATOM   598  C CG  . LEU A 1 86  ? 3.775   -0.046  -2.938  1.00 12.26  ? 103 LEU A CG  1 
ATOM   599  C CD1 . LEU A 1 86  ? 3.264   -0.099  -4.385  1.00 13.27  ? 103 LEU A CD1 1 
ATOM   600  C CD2 . LEU A 1 86  ? 5.146   -0.768  -2.821  1.00 12.51  ? 103 LEU A CD2 1 
ATOM   601  N N   . TRP A 1 87  ? 0.689   0.915   -2.083  1.00 10.11  ? 104 TRP A N   1 
ATOM   602  C CA  . TRP A 1 87  ? -0.405  0.195   -1.403  1.00 9.90   ? 104 TRP A CA  1 
ATOM   603  C C   . TRP A 1 87  ? -0.518  -1.186  -1.981  1.00 10.32  ? 104 TRP A C   1 
ATOM   604  O O   . TRP A 1 87  ? -0.634  -1.355  -3.207  1.00 11.70  ? 104 TRP A O   1 
ATOM   605  C CB  . TRP A 1 87  ? -1.688  1.000   -1.574  1.00 10.29  ? 104 TRP A CB  1 
ATOM   606  C CG  . TRP A 1 87  ? -2.921  0.568   -0.920  1.00 10.81  ? 104 TRP A CG  1 
ATOM   607  C CD1 . TRP A 1 87  ? -3.036  -0.209  0.173   1.00 12.45  ? 104 TRP A CD1 1 
ATOM   608  C CD2 . TRP A 1 87  ? -4.263  0.979   -1.295  1.00 12.18  ? 104 TRP A CD2 1 
ATOM   609  N NE1 . TRP A 1 87  ? -4.399  -0.314  0.538   1.00 12.64  ? 104 TRP A NE1 1 
ATOM   610  C CE2 . TRP A 1 87  ? -5.150  0.342   -0.398  1.00 13.32  ? 104 TRP A CE2 1 
ATOM   611  C CE3 . TRP A 1 87  ? -4.796  1.730   -2.379  1.00 12.89  ? 104 TRP A CE3 1 
ATOM   612  C CZ2 . TRP A 1 87  ? -6.537  0.483   -0.480  1.00 13.41  ? 104 TRP A CZ2 1 
ATOM   613  C CZ3 . TRP A 1 87  ? -6.207  1.869   -2.490  1.00 13.77  ? 104 TRP A CZ3 1 
ATOM   614  C CH2 . TRP A 1 87  ? -7.048  1.243   -1.516  1.00 13.41  ? 104 TRP A CH2 1 
ATOM   615  N N   . VAL A 1 88  ? -0.388  -2.186  -1.084  1.00 10.71  ? 105 VAL A N   1 
ATOM   616  C CA  . VAL A 1 88  ? -0.476  -3.605  -1.488  1.00 12.02  ? 105 VAL A CA  1 
ATOM   617  C C   . VAL A 1 88  ? -1.696  -4.162  -0.784  1.00 12.70  ? 105 VAL A C   1 
ATOM   618  O O   . VAL A 1 88  ? -1.816  -4.009  0.425   1.00 12.40  ? 105 VAL A O   1 
ATOM   619  C CB  . VAL A 1 88  ? 0.873   -4.341  -1.211  1.00 12.86  ? 105 VAL A CB  1 
ATOM   620  C CG1 . VAL A 1 88  ? 0.710   -5.837  -1.489  1.00 12.28  ? 105 VAL A CG1 1 
ATOM   621  C CG2 . VAL A 1 88  ? 1.960   -3.751  -2.086  1.00 12.95  ? 105 VAL A CG2 1 
ATOM   622  N N   . LEU A 1 89  ? -2.550  -4.837  -1.527  1.00 12.79  ? 106 LEU A N   1 
ATOM   623  C CA  . LEU A 1 89  ? -3.905  -5.260  -1.011  1.00 13.31  ? 106 LEU A CA  1 
ATOM   624  C C   . LEU A 1 89  ? -3.923  -6.690  -0.546  1.00 14.38  ? 106 LEU A C   1 
ATOM   625  O O   . LEU A 1 89  ? -4.798  -7.033  0.265   1.00 17.55  ? 106 LEU A O   1 
ATOM   626  C CB  . LEU A 1 89  ? -4.966  -5.058  -2.072  1.00 14.30  ? 106 LEU A CB  1 
ATOM   627  C CG  . LEU A 1 89  ? -5.235  -3.582  -1.885  1.00 19.44  ? 106 LEU A CG  1 
ATOM   628  C CD1 . LEU A 1 89  ? -4.556  -2.540  -2.704  1.00 19.26  ? 106 LEU A CD1 1 
ATOM   629  C CD2 . LEU A 1 89  ? -6.592  -3.224  -1.307  1.00 21.66  ? 106 LEU A CD2 1 
ATOM   630  N N   . GLU A 1 90  ? -3.071  -7.549  -1.054  1.00 13.84  ? 107 GLU A N   1 
ATOM   631  C CA  . GLU A 1 90  ? -3.098  -8.942  -0.695  1.00 14.54  ? 107 GLU A CA  1 
ATOM   632  C C   . GLU A 1 90  ? -1.774  -9.571  -1.010  1.00 15.68  ? 107 GLU A C   1 
ATOM   633  O O   . GLU A 1 90  ? -0.892  -8.906  -1.565  1.00 15.80  ? 107 GLU A O   1 
ATOM   634  C CB  . GLU A 1 90  ? -4.257  -9.583  -1.439  1.00 15.86  ? 107 GLU A CB  1 
ATOM   635  C CG  . GLU A 1 90  ? -4.093  -9.650  -2.925  1.00 17.15  ? 107 GLU A CG  1 
ATOM   636  C CD  . GLU A 1 90  ? -3.189  -10.743 -3.423  1.00 19.09  ? 107 GLU A CD  1 
ATOM   637  O OE1 . GLU A 1 90  ? -3.507  -11.944 -3.167  1.00 19.46  ? 107 GLU A OE1 1 
ATOM   638  O OE2 . GLU A 1 90  ? -2.252  -10.436 -4.203  1.00 17.57  ? 107 GLU A OE2 1 
ATOM   639  N N   . GLU A 1 91  ? -1.611  -10.841 -0.692  1.00 16.39  ? 108 GLU A N   1 
ATOM   640  C CA  . GLU A 1 91  ? -0.305  -11.510 -0.790  1.00 15.67  ? 108 GLU A CA  1 
ATOM   641  C C   . GLU A 1 91  ? -0.452  -13.032 -0.939  1.00 17.70  ? 108 GLU A C   1 
ATOM   642  O O   . GLU A 1 91  ? 0.385   -13.730 -0.447  1.00 18.09  ? 108 GLU A O   1 
ATOM   643  C CB  . GLU A 1 91  ? 0.586   -11.107 0.391   1.00 18.71  ? 108 GLU A CB  1 
ATOM   644  C CG  . GLU A 1 91  ? 0.011   -11.428 1.768   1.00 18.50  ? 108 GLU A CG  1 
ATOM   645  C CD  . GLU A 1 91  ? 0.875   -11.123 2.914   1.00 20.27  ? 108 GLU A CD  1 
ATOM   646  O OE1 . GLU A 1 91  ? 0.355   -11.255 4.037   1.00 27.71  ? 108 GLU A OE1 1 
ATOM   647  O OE2 . GLU A 1 91  ? 2.080   -10.912 2.783   1.00 21.19  ? 108 GLU A OE2 1 
ATOM   648  N N   . SER A 1 92  ? -1.437  -13.445 -1.717  1.00 17.48  ? 109 SER A N   1 
ATOM   649  C CA  . SER A 1 92  ? -1.784  -14.895 -1.829  1.00 18.53  ? 109 SER A CA  1 
ATOM   650  C C   . SER A 1 92  ? -0.865  -15.605 -2.769  1.00 21.42  ? 109 SER A C   1 
ATOM   651  O O   . SER A 1 92  ? -0.774  -16.836 -2.744  1.00 21.76  ? 109 SER A O   1 
ATOM   652  C CB  . SER A 1 92  ? -3.201  -15.007 -2.367  1.00 19.12  ? 109 SER A CB  1 
ATOM   653  O OG  . SER A 1 92  ? -3.379  -14.504 -3.686  1.00 23.62  ? 109 SER A OG  1 
ATOM   654  N N   . GLY A 1 93  ? -0.208  -14.877 -3.669  1.00 17.70  ? 110 GLY A N   1 
ATOM   655  C CA  . GLY A 1 93  ? 0.645   -15.420 -4.686  1.00 17.63  ? 110 GLY A CA  1 
ATOM   656  C C   . GLY A 1 93  ? 1.985   -14.728 -4.817  1.00 15.86  ? 110 GLY A C   1 
ATOM   657  O O   . GLY A 1 93  ? 2.812   -14.789 -3.938  1.00 17.04  ? 110 GLY A O   1 
ATOM   658  N N   . LEU A 1 94  ? 2.166   -14.093 -5.956  1.00 15.26  ? 111 LEU A N   1 
ATOM   659  C CA  . LEU A 1 94  ? 3.416   -13.409 -6.233  1.00 16.33  ? 111 LEU A CA  1 
ATOM   660  C C   . LEU A 1 94  ? 3.795   -12.453 -5.125  1.00 14.34  ? 111 LEU A C   1 
ATOM   661  O O   . LEU A 1 94  ? 4.979   -12.347 -4.804  1.00 14.38  ? 111 LEU A O   1 
ATOM   662  C CB  . LEU A 1 94  ? 3.322   -12.656 -7.547  1.00 16.93  ? 111 LEU A CB  1 
ATOM   663  C CG  . LEU A 1 94  ? 4.449   -11.713 -7.984  1.00 16.71  ? 111 LEU A CG  1 
ATOM   664  C CD1 . LEU A 1 94  ? 5.798   -12.460 -7.984  1.00 16.86  ? 111 LEU A CD1 1 
ATOM   665  C CD2 . LEU A 1 94  ? 4.130   -11.143 -9.313  1.00 19.01  ? 111 LEU A CD2 1 
ATOM   666  N N   . LEU A 1 95  ? 2.847   -11.688 -4.607  1.00 13.79  ? 112 LEU A N   1 
ATOM   667  C CA  . LEU A 1 95  ? 3.168   -10.715 -3.583  1.00 13.59  ? 112 LEU A CA  1 
ATOM   668  C C   . LEU A 1 95  ? 3.431   -11.328 -2.216  1.00 15.08  ? 112 LEU A C   1 
ATOM   669  O O   . LEU A 1 95  ? 3.820   -10.649 -1.293  1.00 16.28  ? 112 LEU A O   1 
ATOM   670  C CB  . LEU A 1 95  ? 2.170   -9.576  -3.577  1.00 13.93  ? 112 LEU A CB  1 
ATOM   671  C CG  . LEU A 1 95  ? 2.099   -8.814  -4.882  1.00 15.03  ? 112 LEU A CG  1 
ATOM   672  C CD1 . LEU A 1 95  ? 0.977   -7.816  -4.874  1.00 16.60  ? 112 LEU A CD1 1 
ATOM   673  C CD2 . LEU A 1 95  ? 3.425   -8.122  -5.241  1.00 19.29  ? 112 LEU A CD2 1 
ATOM   674  N N   . GLY A 1 96  ? 3.220   -12.650 -2.095  1.00 15.02  ? 113 GLY A N   1 
ATOM   675  C CA  . GLY A 1 96  ? 3.707   -13.392 -0.971  1.00 15.41  ? 113 GLY A CA  1 
ATOM   676  C C   . GLY A 1 96  ? 5.108   -13.882 -1.105  1.00 15.78  ? 113 GLY A C   1 
ATOM   677  O O   . GLY A 1 96  ? 5.621   -14.443 -0.131  1.00 18.38  ? 113 GLY A O   1 
ATOM   678  N N   . GLN A 1 97  ? 5.750   -13.735 -2.232  1.00 14.26  ? 114 GLN A N   1 
ATOM   679  C CA  . GLN A 1 97  ? 7.153   -14.130 -2.366  1.00 13.46  ? 114 GLN A CA  1 
ATOM   680  C C   . GLN A 1 97  ? 8.047   -13.141 -1.634  1.00 14.99  ? 114 GLN A C   1 
ATOM   681  O O   . GLN A 1 97  ? 7.916   -11.922 -1.815  1.00 14.07  ? 114 GLN A O   1 
ATOM   682  C CB  . GLN A 1 97  ? 7.582   -14.163 -3.806  1.00 15.05  ? 114 GLN A CB  1 
ATOM   683  C CG  . GLN A 1 97  ? 6.897   -15.267 -4.615  1.00 17.26  ? 114 GLN A CG  1 
ATOM   684  C CD  . GLN A 1 97  ? 7.287   -15.195 -6.062  1.00 17.45  ? 114 GLN A CD  1 
ATOM   685  O OE1 . GLN A 1 97  ? 8.258   -14.573 -6.439  1.00 18.90  ? 114 GLN A OE1 1 
ATOM   686  N NE2 . GLN A 1 97  ? 6.500   -15.835 -6.891  1.00 21.04  ? 114 GLN A NE2 1 
ATOM   687  N N   . ALA A 1 98  ? 8.969   -13.631 -0.830  1.00 15.65  ? 115 ALA A N   1 
ATOM   688  C CA  . ALA A 1 98  ? 9.876   -12.766 -0.054  1.00 15.64  ? 115 ALA A CA  1 
ATOM   689  C C   . ALA A 1 98  ? 10.611  -11.838 -0.976  1.00 14.03  ? 115 ALA A C   1 
ATOM   690  O O   . ALA A 1 98  ? 10.836  -10.643 -0.578  1.00 13.18  ? 115 ALA A O   1 
ATOM   691  C CB  . ALA A 1 98  ? 10.877  -13.629 0.728   1.00 17.19  ? 115 ALA A CB  1 
ATOM   692  N N   . ALA A 1 99  ? 11.017  -12.289 -2.162  1.00 14.83  ? 116 ALA A N   1 
ATOM   693  C CA  . ALA A 1 99  ? 11.792  -11.443 -3.078  1.00 12.75  ? 116 ALA A CA  1 
ATOM   694  C C   . ALA A 1 99  ? 10.958  -10.222 -3.562  1.00 12.92  ? 116 ALA A C   1 
ATOM   695  O O   . ALA A 1 99  ? 11.513  -9.135  -3.683  1.00 13.02  ? 116 ALA A O   1 
ATOM   696  C CB  . ALA A 1 99  ? 12.334  -12.206 -4.264  1.00 13.32  ? 116 ALA A CB  1 
ATOM   697  N N   . ALA A 1 100 ? 9.673   -10.465 -3.827  1.00 11.92  ? 117 ALA A N   1 
ATOM   698  C CA  . ALA A 1 100 ? 8.797   -9.420  -4.356  1.00 12.51  ? 117 ALA A CA  1 
ATOM   699  C C   . ALA A 1 100 ? 8.573   -8.428  -3.252  1.00 12.00  ? 117 ALA A C   1 
ATOM   700  O O   . ALA A 1 100 ? 8.650   -7.204  -3.495  1.00 11.33  ? 117 ALA A O   1 
ATOM   701  C CB  . ALA A 1 100 ? 7.475   -9.982  -4.811  1.00 13.17  ? 117 ALA A CB  1 
ATOM   702  N N   . ARG A 1 101 ? 8.315   -8.883  -2.055  1.00 11.57  ? 118 ARG A N   1 
ATOM   703  C CA  . ARG A 1 101 ? 8.046   -8.066  -0.878  1.00 12.07  ? 118 ARG A CA  1 
ATOM   704  C C   . ARG A 1 101 ? 9.259   -7.244  -0.552  1.00 12.82  ? 118 ARG A C   1 
ATOM   705  O O   . ARG A 1 101 ? 9.166   -5.991  -0.366  1.00 12.51  ? 118 ARG A O   1 
ATOM   706  C CB  . ARG A 1 101 ? 7.565   -8.898  0.274   1.00 14.45  ? 118 ARG A CB  1 
ATOM   707  C CG  . ARG A 1 101 ? 7.473   -8.184  1.581   1.00 16.47  ? 118 ARG A CG  1 
ATOM   708  C CD  . ARG A 1 101 ? 6.862   -9.104  2.613   1.00 18.75  ? 118 ARG A CD  1 
ATOM   709  N NE  . ARG A 1 101 ? 7.844   -10.115 3.014   1.00 18.81  ? 118 ARG A NE  1 
ATOM   710  C CZ  . ARG A 1 101 ? 7.709   -11.438 2.907   1.00 20.71  ? 118 ARG A CZ  1 
ATOM   711  N NH1 . ARG A 1 101 ? 6.695   -11.999 2.328   1.00 20.76  ? 118 ARG A NH1 1 
ATOM   712  N NH2 . ARG A 1 101 ? 8.674   -12.203 3.396   1.00 23.72  ? 118 ARG A NH2 1 
ATOM   713  N N   . SER A 1 102 ? 10.447  -7.847  -0.501  1.00 12.89  ? 119 SER A N   1 
ATOM   714  C CA  . SER A 1 102 ? 11.636  -7.085  -0.111  1.00 12.68  ? 119 SER A CA  1 
ATOM   715  C C   . SER A 1 102 ? 11.991  -6.059  -1.193  1.00 11.88  ? 119 SER A C   1 
ATOM   716  O O   . SER A 1 102 ? 12.336  -4.916  -0.864  1.00 13.33  ? 119 SER A O   1 
ATOM   717  C CB  . SER A 1 102 ? 12.752  -8.073  0.203   1.00 17.78  ? 119 SER A CB  1 
ATOM   718  O OG  . SER A 1 102 ? 13.141  -8.725  -0.888  1.00 21.88  ? 119 SER A OG  1 
ATOM   719  N N   . PHE A 1 103 ? 11.827  -6.362  -2.450  1.00 12.70  ? 120 PHE A N   1 
ATOM   720  C CA  . PHE A 1 103 ? 12.119  -5.419  -3.476  1.00 11.53  ? 120 PHE A CA  1 
ATOM   721  C C   . PHE A 1 103 ? 11.228  -4.179  -3.362  1.00 12.37  ? 120 PHE A C   1 
ATOM   722  O O   . PHE A 1 103 ? 11.665  -3.001  -3.438  1.00 10.39  ? 120 PHE A O   1 
ATOM   723  C CB  . PHE A 1 103 ? 11.969  -6.027  -4.898  1.00 12.42  ? 120 PHE A CB  1 
ATOM   724  C CG  . PHE A 1 103 ? 12.107  -4.983  -5.986  1.00 12.25  ? 120 PHE A CG  1 
ATOM   725  C CD1 . PHE A 1 103 ? 13.375  -4.732  -6.569  1.00 14.30  ? 120 PHE A CD1 1 
ATOM   726  C CD2 . PHE A 1 103 ? 11.032  -4.151  -6.372  1.00 11.71  ? 120 PHE A CD2 1 
ATOM   727  C CE1 . PHE A 1 103 ? 13.572  -3.717  -7.468  1.00 14.79  ? 120 PHE A CE1 1 
ATOM   728  C CE2 . PHE A 1 103 ? 11.272  -3.084  -7.303  1.00 13.42  ? 120 PHE A CE2 1 
ATOM   729  C CZ  . PHE A 1 103 ? 12.536  -2.892  -7.857  1.00 14.53  ? 120 PHE A CZ  1 
ATOM   730  N N   . LEU A 1 104 ? 9.943   -4.459  -3.193  1.00 10.44  ? 121 LEU A N   1 
ATOM   731  C CA  . LEU A 1 104 ? 8.994   -3.363  -3.121  1.00 9.83   ? 121 LEU A CA  1 
ATOM   732  C C   . LEU A 1 104 ? 9.226   -2.456  -1.919  1.00 10.21  ? 121 LEU A C   1 
ATOM   733  O O   . LEU A 1 104 ? 9.200   -1.229  -2.047  1.00 10.13  ? 121 LEU A O   1 
ATOM   734  C CB  . LEU A 1 104 ? 7.555   -3.902  -3.151  1.00 10.89  ? 121 LEU A CB  1 
ATOM   735  C CG  . LEU A 1 104 ? 7.079   -4.476  -4.502  1.00 10.18  ? 121 LEU A CG  1 
ATOM   736  C CD1 . LEU A 1 104 ? 5.728   -5.204  -4.329  1.00 11.95  ? 121 LEU A CD1 1 
ATOM   737  C CD2 . LEU A 1 104 ? 6.993   -3.392  -5.540  1.00 11.51  ? 121 LEU A CD2 1 
ATOM   738  N N   . ILE A 1 105 ? 9.464   -3.020  -0.754  1.00 9.40   ? 122 ILE A N   1 
ATOM   739  C CA  . ILE A 1 105 ? 9.669   -2.190  0.426   1.00 10.93  ? 122 ILE A CA  1 
ATOM   740  C C   . ILE A 1 105 ? 10.962  -1.393  0.267   1.00 10.89  ? 122 ILE A C   1 
ATOM   741  O O   . ILE A 1 105 ? 10.968  -0.199  0.567   1.00 9.65   ? 122 ILE A O   1 
ATOM   742  C CB  . ILE A 1 105 ? 9.663   -3.023  1.720   1.00 10.79  ? 122 ILE A CB  1 
ATOM   743  C CG1 . ILE A 1 105 ? 8.324   -3.668  2.007   1.00 10.63  ? 122 ILE A CG1 1 
ATOM   744  C CG2 . ILE A 1 105 ? 10.036  -2.181  2.943   1.00 12.03  ? 122 ILE A CG2 1 
ATOM   745  C CD1 . ILE A 1 105 ? 8.330   -4.806  3.064   1.00 11.37  ? 122 ILE A CD1 1 
ATOM   746  N N   . LYS A 1 106 ? 12.035  -2.043  -0.120  1.00 10.69  ? 123 LYS A N   1 
ATOM   747  C CA  . LYS A 1 106 ? 13.345  -1.337  -0.202  1.00 12.88  ? 123 LYS A CA  1 
ATOM   748  C C   . LYS A 1 106 ? 13.249  -0.196  -1.212  1.00 11.73  ? 123 LYS A C   1 
ATOM   749  O O   . LYS A 1 106 ? 13.674  0.919   -0.944  1.00 10.75  ? 123 LYS A O   1 
ATOM   750  C CB  . LYS A 1 106 ? 14.411  -2.287  -0.695  1.00 16.30  ? 123 LYS A CB  1 
ATOM   751  C CG  . LYS A 1 106 ? 15.794  -1.677  -0.804  1.00 22.55  ? 123 LYS A CG  1 
ATOM   752  C CD  . LYS A 1 106 ? 16.886  -2.753  -0.792  1.00 31.23  ? 123 LYS A CD  1 
ATOM   753  C CE  . LYS A 1 106 ? 17.617  -2.846  0.555   1.00 36.78  ? 123 LYS A CE  1 
ATOM   754  N NZ  . LYS A 1 106 ? 19.063  -3.230  0.523   1.00 40.62  ? 123 LYS A NZ  1 
ATOM   755  N N   . ASN A 1 107 ? 12.641  -0.453  -2.412  1.00 10.76  ? 124 ASN A N   1 
ATOM   756  C CA  . ASN A 1 107 ? 12.625  0.537   -3.451  1.00 10.22  ? 124 ASN A CA  1 
ATOM   757  C C   . ASN A 1 107 ? 11.645  1.672   -3.131  1.00 9.75   ? 124 ASN A C   1 
ATOM   758  O O   . ASN A 1 107 ? 11.938  2.829   -3.441  1.00 11.04  ? 124 ASN A O   1 
ATOM   759  C CB  . ASN A 1 107 ? 12.417  -0.104  -4.792  1.00 10.81  ? 124 ASN A CB  1 
ATOM   760  C CG  . ASN A 1 107 ? 13.683  -0.759  -5.300  1.00 12.49  ? 124 ASN A CG  1 
ATOM   761  O OD1 . ASN A 1 107 ? 14.431  -0.144  -6.061  1.00 16.24  ? 124 ASN A OD1 1 
ATOM   762  N ND2 . ASN A 1 107 ? 13.983  -1.964  -4.767  1.00 13.93  ? 124 ASN A ND2 1 
ATOM   763  N N   . ALA A 1 108 ? 10.487  1.350   -2.540  1.00 9.05   ? 125 ALA A N   1 
ATOM   764  C CA  . ALA A 1 108 ? 9.565   2.397   -2.082  1.00 10.51  ? 125 ALA A CA  1 
ATOM   765  C C   . ALA A 1 108 ? 10.302  3.337   -1.075  1.00 10.73  ? 125 ALA A C   1 
ATOM   766  O O   . ALA A 1 108 ? 10.246  4.542   -1.200  1.00 11.08  ? 125 ALA A O   1 
ATOM   767  C CB  . ALA A 1 108 ? 8.293   1.836   -1.527  1.00 11.42  ? 125 ALA A CB  1 
ATOM   768  N N   . THR A 1 109 ? 11.002  2.691   -0.154  1.00 10.57  ? 126 THR A N   1 
ATOM   769  C CA  . THR A 1 109 ? 11.680  3.454   0.899   1.00 10.30  ? 126 THR A CA  1 
ATOM   770  C C   . THR A 1 109 ? 12.762  4.354   0.251   1.00 11.41  ? 126 THR A C   1 
ATOM   771  O O   . THR A 1 109 ? 12.903  5.550   0.630   1.00 12.19  ? 126 THR A O   1 
ATOM   772  C CB  . THR A 1 109 ? 12.257  2.495   1.927   1.00 10.72  ? 126 THR A CB  1 
ATOM   773  O OG1 . THR A 1 109 ? 11.227  1.714   2.523   1.00 11.57  ? 126 THR A OG1 1 
ATOM   774  C CG2 . THR A 1 109 ? 12.987  3.283   3.039   1.00 11.29  ? 126 THR A CG2 1 
ATOM   775  N N   . GLN A 1 110 ? 13.552  3.798   -0.644  1.00 11.60  ? 127 GLN A N   1 
ATOM   776  C CA  . GLN A 1 110 ? 14.646  4.570   -1.240  1.00 12.72  ? 127 GLN A CA  1 
ATOM   777  C C   . GLN A 1 110 ? 14.044  5.735   -1.973  1.00 12.61  ? 127 GLN A C   1 
ATOM   778  O O   . GLN A 1 110 ? 14.640  6.833   -1.976  1.00 14.11  ? 127 GLN A O   1 
ATOM   779  C CB  . GLN A 1 110 ? 15.430  3.706   -2.242  1.00 13.47  ? 127 GLN A CB  1 
ATOM   780  C CG  . GLN A 1 110 ? 16.256  2.721   -1.476  1.00 14.21  ? 127 GLN A CG  1 
ATOM   781  C CD  . GLN A 1 110 ? 17.002  1.799   -2.419  1.00 20.99  ? 127 GLN A CD  1 
ATOM   782  O OE1 . GLN A 1 110 ? 16.397  1.154   -3.324  1.00 24.05  ? 127 GLN A OE1 1 
ATOM   783  N NE2 . GLN A 1 110 ? 18.315  1.750   -2.240  1.00 27.48  ? 127 GLN A NE2 1 
ATOM   784  N N   . ALA A 1 111 ? 12.848  5.550   -2.586  1.00 12.24  ? 128 ALA A N   1 
ATOM   785  C CA  . ALA A 1 111 ? 12.157  6.605   -3.283  1.00 14.31  ? 128 ALA A CA  1 
ATOM   786  C C   . ALA A 1 111 ? 11.437  7.537   -2.387  1.00 15.08  ? 128 ALA A C   1 
ATOM   787  O O   . ALA A 1 111 ? 10.767  8.469   -2.854  1.00 19.30  ? 128 ALA A O   1 
ATOM   788  C CB  . ALA A 1 111 ? 11.173  6.038   -4.310  1.00 14.94  ? 128 ALA A CB  1 
ATOM   789  N N   . GLY A 1 112 ? 11.453  7.317   -1.095  1.00 12.61  ? 129 GLY A N   1 
ATOM   790  C CA  . GLY A 1 112 ? 10.847  8.256   -0.217  1.00 13.73  ? 129 GLY A CA  1 
ATOM   791  C C   . GLY A 1 112 ? 9.398   8.078   0.102   1.00 14.07  ? 129 GLY A C   1 
ATOM   792  O O   . GLY A 1 112 ? 8.745   9.008   0.603   1.00 19.49  ? 129 GLY A O   1 
ATOM   793  N N   . MET A 1 113 ? 8.838   6.939   -0.185  1.00 13.01  ? 130 MET A N   1 
ATOM   794  C CA  . MET A 1 113 ? 7.432   6.801   -0.016  1.00 14.83  ? 130 MET A CA  1 
ATOM   795  C C   . MET A 1 113 ? 7.114   5.637   0.923   1.00 12.76  ? 130 MET A C   1 
ATOM   796  O O   . MET A 1 113 ? 7.763   4.592   0.886   1.00 14.53  ? 130 MET A O   1 
ATOM   797  C CB  . MET A 1 113 ? 6.722   6.733   -1.321  1.00 19.86  ? 130 MET A CB  1 
ATOM   798  C CG  . MET A 1 113 ? 6.924   5.431   -1.938  1.00 16.64  ? 130 MET A CG  1 
ATOM   799  S SD  . MET A 1 113 ? 6.002   5.315   -3.513  1.00 24.80  ? 130 MET A SD  1 
ATOM   800  C CE  . MET A 1 113 ? 7.296   5.550   -4.580  1.00 14.70  ? 130 MET A CE  1 
ATOM   801  N N   . PRO A 1 114 ? 6.080   5.801   1.741   1.00 10.65  ? 131 PRO A N   1 
ATOM   802  C CA  . PRO A 1 114 ? 5.702   4.767   2.675   1.00 11.20  ? 131 PRO A CA  1 
ATOM   803  C C   . PRO A 1 114 ? 4.954   3.660   1.955   1.00 11.78  ? 131 PRO A C   1 
ATOM   804  O O   . PRO A 1 114 ? 4.371   3.871   0.898   1.00 11.22  ? 131 PRO A O   1 
ATOM   805  C CB  . PRO A 1 114 ? 4.754   5.445   3.651   1.00 11.89  ? 131 PRO A CB  1 
ATOM   806  C CG  . PRO A 1 114 ? 4.223   6.602   2.838   1.00 11.84  ? 131 PRO A CG  1 
ATOM   807  C CD  . PRO A 1 114 ? 5.261   7.018   1.887   1.00 11.05  ? 131 PRO A CD  1 
ATOM   808  N N   . VAL A 1 115 ? 4.902   2.505   2.590   1.00 10.25  ? 132 VAL A N   1 
ATOM   809  C CA  . VAL A 1 115 ? 4.194   1.353   2.107   1.00 10.60  ? 132 VAL A CA  1 
ATOM   810  C C   . VAL A 1 115 ? 3.066   1.017   3.079   1.00 10.65  ? 132 VAL A C   1 
ATOM   811  O O   . VAL A 1 115 ? 3.278   0.818   4.301   1.00 11.25  ? 132 VAL A O   1 
ATOM   812  C CB  . VAL A 1 115 ? 5.139   0.129   1.971   1.00 10.63  ? 132 VAL A CB  1 
ATOM   813  C CG1 . VAL A 1 115 ? 4.393   -1.103  1.525   1.00 11.78  ? 132 VAL A CG1 1 
ATOM   814  C CG2 . VAL A 1 115 ? 6.308   0.453   1.071   1.00 10.58  ? 132 VAL A CG2 1 
ATOM   815  N N   . PHE A 1 116 ? 1.869   0.911   2.557   1.00 10.18  ? 133 PHE A N   1 
ATOM   816  C CA  . PHE A 1 116 ? 0.678   0.459   3.252   1.00 11.52  ? 133 PHE A CA  1 
ATOM   817  C C   . PHE A 1 116 ? 0.443   -0.959  2.771   1.00 12.72  ? 133 PHE A C   1 
ATOM   818  O O   . PHE A 1 116 ? 0.238   -1.198  1.590   1.00 12.04  ? 133 PHE A O   1 
ATOM   819  C CB  . PHE A 1 116 ? -0.487  1.406   2.880   1.00 11.74  ? 133 PHE A CB  1 
ATOM   820  C CG  . PHE A 1 116 ? -0.300  2.783   3.353   1.00 12.40  ? 133 PHE A CG  1 
ATOM   821  C CD1 . PHE A 1 116 ? -0.617  3.123   4.666   1.00 14.47  ? 133 PHE A CD1 1 
ATOM   822  C CD2 . PHE A 1 116 ? 0.156   3.767   2.495   1.00 13.73  ? 133 PHE A CD2 1 
ATOM   823  C CE1 . PHE A 1 116 ? -0.379  4.417   5.126   1.00 16.24  ? 133 PHE A CE1 1 
ATOM   824  C CE2 . PHE A 1 116 ? 0.404   5.055   2.945   1.00 14.34  ? 133 PHE A CE2 1 
ATOM   825  C CZ  . PHE A 1 116 ? 0.144   5.353   4.268   1.00 14.58  ? 133 PHE A CZ  1 
ATOM   826  N N   . ALA A 1 117 ? 0.483   -1.941  3.708   1.00 12.94  ? 134 ALA A N   1 
ATOM   827  C CA  . ALA A 1 117 ? 0.687   -3.372  3.463   1.00 14.65  ? 134 ALA A CA  1 
ATOM   828  C C   . ALA A 1 117 ? -0.429  -4.247  4.010   1.00 13.32  ? 134 ALA A C   1 
ATOM   829  O O   . ALA A 1 117 ? -1.152  -3.817  4.844   1.00 15.08  ? 134 ALA A O   1 
ATOM   830  C CB  . ALA A 1 117 ? 2.005   -3.765  4.074   1.00 13.74  ? 134 ALA A CB  1 
ATOM   831  N N   . PRO A 1 118 ? -0.456  -5.485  3.516   1.00 14.49  ? 135 PRO A N   1 
ATOM   832  C CA  . PRO A 1 118 ? -1.588  -6.322  3.912   1.00 15.80  ? 135 PRO A CA  1 
ATOM   833  C C   . PRO A 1 118 ? -1.348  -7.126  5.172   1.00 18.84  ? 135 PRO A C   1 
ATOM   834  O O   . PRO A 1 118 ? -2.302  -7.798  5.629   1.00 20.74  ? 135 PRO A O   1 
ATOM   835  C CB  . PRO A 1 118 ? -1.699  -7.281  2.725   1.00 15.55  ? 135 PRO A CB  1 
ATOM   836  C CG  . PRO A 1 118 ? -0.394  -7.472  2.236   1.00 14.59  ? 135 PRO A CG  1 
ATOM   837  C CD  . PRO A 1 118 ? 0.208   -6.031  2.330   1.00 15.18  ? 135 PRO A CD  1 
ATOM   838  N N   . SER A 1 119 ? -0.137  -7.205  5.689   1.00 17.69  ? 136 SER A N   1 
ATOM   839  C CA  . SER A 1 119 ? 0.122   -8.047  6.904   1.00 19.72  ? 136 SER A CA  1 
ATOM   840  C C   . SER A 1 119 ? 1.312   -7.524  7.627   1.00 19.29  ? 136 SER A C   1 
ATOM   841  O O   . SER A 1 119 ? 2.105   -6.729  7.067   1.00 17.53  ? 136 SER A O   1 
ATOM   842  C CB  . SER A 1 119 ? 0.305   -9.503  6.533   1.00 20.54  ? 136 SER A CB  1 
ATOM   843  O OG  . SER A 1 119 ? 1.518   -9.727  5.863   1.00 21.20  ? 136 SER A OG  1 
ATOM   844  N N   . GLU A 1 120 ? 1.484   -7.927  8.893   1.00 20.05  ? 137 GLU A N   1 
ATOM   845  C CA  . GLU A 1 120 ? 2.583   -7.481  9.723   1.00 21.50  ? 137 GLU A CA  1 
ATOM   846  C C   . GLU A 1 120 ? 3.968   -7.954  9.284   1.00 18.21  ? 137 GLU A C   1 
ATOM   847  O O   . GLU A 1 120 ? 5.007   -7.345  9.637   1.00 18.65  ? 137 GLU A O   1 
ATOM   848  C CB  . GLU A 1 120 ? 2.368   -7.993  11.167  1.00 26.71  ? 137 GLU A CB  1 
ATOM   849  C CG  . GLU A 1 120 ? 1.286   -7.230  11.902  1.00 33.27  ? 137 GLU A CG  1 
ATOM   850  C CD  . GLU A 1 120 ? 0.947   -7.822  13.298  1.00 46.78  ? 137 GLU A CD  1 
ATOM   851  O OE1 . GLU A 1 120 ? 1.789   -8.589  13.858  1.00 57.34  ? 137 GLU A OE1 1 
ATOM   852  O OE2 . GLU A 1 120 ? -0.161  -7.512  13.844  1.00 48.64  ? 137 GLU A OE2 1 
ATOM   853  N N   . THR A 1 121 ? 4.039   -9.017  8.463   1.00 18.55  ? 138 THR A N   1 
ATOM   854  C CA  . THR A 1 121 ? 5.315   -9.461  7.910   1.00 19.28  ? 138 THR A CA  1 
ATOM   855  C C   . THR A 1 121 ? 6.006   -8.293  7.145   1.00 16.58  ? 138 THR A C   1 
ATOM   856  O O   . THR A 1 121 ? 7.191   -8.112  7.154   1.00 17.06  ? 138 THR A O   1 
ATOM   857  C CB  . THR A 1 121 ? 5.183   -10.684 6.982   1.00 22.74  ? 138 THR A CB  1 
ATOM   858  O OG1 . THR A 1 121 ? 4.765   -11.795 7.787   1.00 27.83  ? 138 THR A OG1 1 
ATOM   859  C CG2 . THR A 1 121 ? 6.489   -11.063 6.325   1.00 25.72  ? 138 THR A CG2 1 
ATOM   860  N N   . TRP A 1 122 ? 5.167   -7.513  6.481   1.00 16.15  ? 139 TRP A N   1 
ATOM   861  C CA  . TRP A 1 122 ? 5.667   -6.380  5.725   1.00 15.02  ? 139 TRP A CA  1 
ATOM   862  C C   . TRP A 1 122 ? 6.210   -5.310  6.668   1.00 12.55  ? 139 TRP A C   1 
ATOM   863  O O   . TRP A 1 122 ? 7.272   -4.744  6.365   1.00 13.90  ? 139 TRP A O   1 
ATOM   864  C CB  . TRP A 1 122 ? 4.484   -5.775  4.920   1.00 15.30  ? 139 TRP A CB  1 
ATOM   865  C CG  . TRP A 1 122 ? 4.097   -6.620  3.746   1.00 14.82  ? 139 TRP A CG  1 
ATOM   866  C CD1 . TRP A 1 122 ? 3.381   -7.798  3.781   1.00 17.01  ? 139 TRP A CD1 1 
ATOM   867  C CD2 . TRP A 1 122 ? 4.254   -6.320  2.363   1.00 13.25  ? 139 TRP A CD2 1 
ATOM   868  N NE1 . TRP A 1 122 ? 3.226   -8.305  2.546   1.00 15.75  ? 139 TRP A NE1 1 
ATOM   869  C CE2 . TRP A 1 122 ? 3.748   -7.435  1.621   1.00 13.71  ? 139 TRP A CE2 1 
ATOM   870  C CE3 . TRP A 1 122 ? 4.877   -5.287  1.653   1.00 13.31  ? 139 TRP A CE3 1 
ATOM   871  C CZ2 . TRP A 1 122 ? 3.855   -7.513  0.237   1.00 13.52  ? 139 TRP A CZ2 1 
ATOM   872  C CZ3 . TRP A 1 122 ? 4.961   -5.385  0.270   1.00 13.56  ? 139 TRP A CZ3 1 
ATOM   873  C CH2 . TRP A 1 122 ? 4.424   -6.428  -0.424  1.00 14.43  ? 139 TRP A CH2 1 
ATOM   874  N N   . LEU A 1 123 ? 5.489   -5.052  7.755   1.00 14.45  ? 140 LEU A N   1 
ATOM   875  C CA  . LEU A 1 123 ? 5.972   -4.046  8.731   1.00 14.82  ? 140 LEU A CA  1 
ATOM   876  C C   . LEU A 1 123 ? 7.351   -4.438  9.284   1.00 15.51  ? 140 LEU A C   1 
ATOM   877  O O   . LEU A 1 123 ? 8.254   -3.599  9.457   1.00 14.80  ? 140 LEU A O   1 
ATOM   878  C CB  . LEU A 1 123 ? 4.993   -3.786  9.876   1.00 16.33  ? 140 LEU A CB  1 
ATOM   879  C CG  . LEU A 1 123 ? 3.881   -2.772  9.485   1.00 18.09  ? 140 LEU A CG  1 
ATOM   880  C CD1 . LEU A 1 123 ? 3.154   -3.167  8.216   1.00 18.10  ? 140 LEU A CD1 1 
ATOM   881  C CD2 . LEU A 1 123 ? 2.985   -2.692  10.689  1.00 21.06  ? 140 LEU A CD2 1 
ATOM   882  N N   . LYS A 1 124 ? 7.526   -5.720  9.630   1.00 16.57  ? 141 LYS A N   1 
ATOM   883  C CA  . LYS A 1 124 ? 8.852   -6.139  10.129  1.00 17.56  ? 141 LYS A CA  1 
ATOM   884  C C   . LYS A 1 124 ? 10.040  -5.893  9.201   1.00 16.89  ? 141 LYS A C   1 
ATOM   885  O O   . LYS A 1 124 ? 11.219  -5.719  9.619   1.00 16.55  ? 141 LYS A O   1 
ATOM   886  C CB  . LYS A 1 124 ? 8.800   -7.648  10.484  1.00 21.83  ? 141 LYS A CB  1 
ATOM   887  C CG  . LYS A 1 124 ? 7.894   -7.963  11.661  1.00 25.68  ? 141 LYS A CG  1 
ATOM   888  C CD  . LYS A 1 124 ? 7.822   -9.454  12.012  1.00 32.40  ? 141 LYS A CD  1 
ATOM   889  C CE  . LYS A 1 124 ? 6.756   -9.759  13.062  1.00 37.40  ? 141 LYS A CE  1 
ATOM   890  N NZ  . LYS A 1 124 ? 5.640   -10.552 12.456  1.00 40.14  ? 141 LYS A NZ  1 
ATOM   891  N N   . GLU A 1 125 ? 9.751   -5.859  7.910   1.00 14.35  ? 142 GLU A N   1 
ATOM   892  C CA  . GLU A 1 125 ? 10.693  -5.620  6.870   1.00 16.47  ? 142 GLU A CA  1 
ATOM   893  C C   . GLU A 1 125 ? 10.757  -4.161  6.380   1.00 13.95  ? 142 GLU A C   1 
ATOM   894  O O   . GLU A 1 125 ? 11.564  -3.875  5.488   1.00 16.73  ? 142 GLU A O   1 
ATOM   895  C CB  . GLU A 1 125 ? 10.395  -6.551  5.674   1.00 17.72  ? 142 GLU A CB  1 
ATOM   896  C CG  . GLU A 1 125 ? 10.534  -8.027  6.075   1.00 19.75  ? 142 GLU A CG  1 
ATOM   897  C CD  . GLU A 1 125 ? 10.351  -9.009  4.924   1.00 24.09  ? 142 GLU A CD  1 
ATOM   898  O OE1 . GLU A 1 125 ? 10.467  -8.563  3.784   1.00 32.38  ? 142 GLU A OE1 1 
ATOM   899  O OE2 . GLU A 1 125 ? 10.252  -10.245 5.191   1.00 27.07  ? 142 GLU A OE2 1 
ATOM   900  N N   . GLY A 1 126 ? 10.048  -3.262  7.060   1.00 12.45  ? 143 GLY A N   1 
ATOM   901  C CA  . GLY A 1 126 ? 10.112  -1.852  6.773   1.00 12.29  ? 143 GLY A CA  1 
ATOM   902  C C   . GLY A 1 126 ? 8.882   -1.182  6.187   1.00 12.40  ? 143 GLY A C   1 
ATOM   903  O O   . GLY A 1 126 ? 8.916   0.042   5.935   1.00 12.65  ? 143 GLY A O   1 
ATOM   904  N N   . ALA A 1 127 ? 7.798   -1.920  5.977   1.00 12.25  ? 144 ALA A N   1 
ATOM   905  C CA  . ALA A 1 127 ? 6.555   -1.227  5.639   1.00 11.74  ? 144 ALA A CA  1 
ATOM   906  C C   . ALA A 1 127 ? 6.024   -0.409  6.762   1.00 11.99  ? 144 ALA A C   1 
ATOM   907  O O   . ALA A 1 127 ? 6.433   -0.619  7.900   1.00 12.67  ? 144 ALA A O   1 
ATOM   908  C CB  . ALA A 1 127 ? 5.479   -2.200  5.114   1.00 11.74  ? 144 ALA A CB  1 
ATOM   909  N N   . CYS A 1 128 ? 5.112   0.506   6.542   1.00 11.91  ? 145 CYS A N   1 
ATOM   910  C CA  . CYS A 1 128 ? 4.736   1.547   7.509   1.00 12.56  ? 145 CYS A CA  1 
ATOM   911  C C   . CYS A 1 128 ? 3.495   1.159   8.306   1.00 13.91  ? 145 CYS A C   1 
ATOM   912  O O   . CYS A 1 128 ? 3.455   1.276   9.542   1.00 13.24  ? 145 CYS A O   1 
ATOM   913  C CB  . CYS A 1 128 ? 4.490   2.870   6.807   1.00 14.64  ? 145 CYS A CB  1 
ATOM   914  S SG  . CYS A 1 128 ? 4.457   4.240   7.936   1.00 20.12  ? 145 CYS A SG  1 
ATOM   915  N N   . VAL A 1 129 ? 2.458   0.760   7.595   1.00 12.40  ? 146 VAL A N   1 
ATOM   916  C CA  . VAL A 1 129 ? 1.127   0.564   8.218   1.00 13.18  ? 146 VAL A CA  1 
ATOM   917  C C   . VAL A 1 129 ? 0.456   -0.636  7.649   1.00 12.70  ? 146 VAL A C   1 
ATOM   918  O O   . VAL A 1 129 ? 0.500   -0.885  6.442   1.00 14.46  ? 146 VAL A O   1 
ATOM   919  C CB  . VAL A 1 129 ? 0.266   1.854   7.969   1.00 13.60  ? 146 VAL A CB  1 
ATOM   920  C CG1 . VAL A 1 129 ? -1.204  1.689   8.305   1.00 16.31  ? 146 VAL A CG1 1 
ATOM   921  C CG2 . VAL A 1 129 ? 0.852   3.065   8.679   1.00 15.17  ? 146 VAL A CG2 1 
ATOM   922  N N   . THR A 1 130 ? -0.272  -1.353  8.526   1.00 14.77  ? 147 THR A N   1 
ATOM   923  C CA  . THR A 1 130 ? -1.285  -2.326  8.125   1.00 14.69  ? 147 THR A CA  1 
ATOM   924  C C   . THR A 1 130 ? -2.489  -2.168  9.072   1.00 15.02  ? 147 THR A C   1 
ATOM   925  O O   . THR A 1 130 ? -2.616  -1.189  9.774   1.00 14.83  ? 147 THR A O   1 
ATOM   926  C CB  . THR A 1 130 ? -0.740  -3.762  8.003   1.00 15.26  ? 147 THR A CB  1 
ATOM   927  O OG1 . THR A 1 130 ? -1.658  -4.631  7.318   1.00 17.38  ? 147 THR A OG1 1 
ATOM   928  C CG2 . THR A 1 130 ? -0.379  -4.423  9.350   1.00 16.51  ? 147 THR A CG2 1 
ATOM   929  N N   . TRP A 1 131 ? -3.407  -3.141  8.954   1.00 17.14  ? 148 TRP A N   1 
ATOM   930  C CA  . TRP A 1 131 ? -4.785  -2.965  9.498   1.00 20.02  ? 148 TRP A CA  1 
ATOM   931  C C   . TRP A 1 131 ? -5.197  -4.239  10.226  1.00 24.17  ? 148 TRP A C   1 
ATOM   932  O O   . TRP A 1 131 ? -4.756  -5.319  9.945   1.00 26.95  ? 148 TRP A O   1 
ATOM   933  C CB  . TRP A 1 131 ? -5.815  -2.678  8.432   1.00 20.93  ? 148 TRP A CB  1 
ATOM   934  C CG  . TRP A 1 131 ? -5.206  -2.296  7.107   1.00 18.05  ? 148 TRP A CG  1 
ATOM   935  C CD1 . TRP A 1 131 ? -4.835  -3.140  6.166   1.00 19.89  ? 148 TRP A CD1 1 
ATOM   936  C CD2 . TRP A 1 131 ? -4.830  -1.002  6.678   1.00 16.41  ? 148 TRP A CD2 1 
ATOM   937  N NE1 . TRP A 1 131 ? -4.244  -2.460  5.113   1.00 17.34  ? 148 TRP A NE1 1 
ATOM   938  C CE2 . TRP A 1 131 ? -4.227  -1.153  5.414   1.00 15.71  ? 148 TRP A CE2 1 
ATOM   939  C CE3 . TRP A 1 131 ? -4.955  0.277   7.209   1.00 17.19  ? 148 TRP A CE3 1 
ATOM   940  C CZ2 . TRP A 1 131 ? -3.758  -0.067  4.678   1.00 16.93  ? 148 TRP A CZ2 1 
ATOM   941  C CZ3 . TRP A 1 131 ? -4.479  1.319   6.493   1.00 18.47  ? 148 TRP A CZ3 1 
ATOM   942  C CH2 . TRP A 1 131 ? -3.916  1.148   5.233   1.00 18.86  ? 148 TRP A CH2 1 
ATOM   943  N N   . ARG A 1 132 ? -6.080  -4.077  11.191  1.00 30.27  ? 149 ARG A N   1 
ATOM   944  C CA  . ARG A 1 132 ? -6.876  -5.231  11.583  1.00 34.92  ? 149 ARG A CA  1 
ATOM   945  C C   . ARG A 1 132 ? -8.251  -4.742  12.011  1.00 33.44  ? 149 ARG A C   1 
ATOM   946  O O   . ARG A 1 132 ? -8.421  -3.575  12.331  1.00 34.22  ? 149 ARG A O   1 
ATOM   947  C CB  . ARG A 1 132 ? -6.206  -6.001  12.687  1.00 41.21  ? 149 ARG A CB  1 
ATOM   948  C CG  . ARG A 1 132 ? -5.657  -5.176  13.830  1.00 45.75  ? 149 ARG A CG  1 
ATOM   949  C CD  . ARG A 1 132 ? -5.321  -6.176  14.935  1.00 54.49  ? 149 ARG A CD  1 
ATOM   950  N NE  . ARG A 1 132 ? -4.129  -5.850  15.707  1.00 62.62  ? 149 ARG A NE  1 
ATOM   951  C CZ  . ARG A 1 132 ? -3.364  -6.759  16.318  1.00 68.02  ? 149 ARG A CZ  1 
ATOM   952  N NH1 . ARG A 1 132 ? -2.303  -6.382  17.011  1.00 70.73  ? 149 ARG A NH1 1 
ATOM   953  N NH2 . ARG A 1 132 ? -3.654  -8.056  16.244  1.00 71.37  ? 149 ARG A NH2 1 
ATOM   954  N N   . LYS A 1 133 ? -9.217  -5.646  12.016  1.00 40.92  ? 150 LYS A N   1 
ATOM   955  C CA  . LYS A 1 133 ? -10.577 -5.300  12.438  1.00 39.06  ? 150 LYS A CA  1 
ATOM   956  C C   . LYS A 1 133 ? -10.925 -6.064  13.727  1.00 41.15  ? 150 LYS A C   1 
ATOM   957  O O   . LYS A 1 133 ? -10.611 -7.248  13.806  1.00 45.33  ? 150 LYS A O   1 
ATOM   958  C CB  . LYS A 1 133 ? -11.551 -5.668  11.331  1.00 42.29  ? 150 LYS A CB  1 
ATOM   959  C CG  . LYS A 1 133 ? -12.800 -4.787  11.273  1.00 42.77  ? 150 LYS A CG  1 
ATOM   960  C CD  . LYS A 1 133 ? -13.899 -5.449  10.445  1.00 44.25  ? 150 LYS A CD  1 
ATOM   961  C CE  . LYS A 1 133 ? -14.769 -4.468  9.675   1.00 46.27  ? 150 LYS A CE  1 
ATOM   962  N NZ  . LYS A 1 133 ? -14.348 -4.291  8.239   1.00 44.55  ? 150 LYS A NZ  1 
ATOM   963  N N   . ILE A 1 138 ? -12.049 -1.355  13.476  1.00 37.78  ? 155 ILE A N   1 
ATOM   964  C CA  . ILE A 1 138 ? -10.830 -1.191  12.666  1.00 37.80  ? 155 ILE A CA  1 
ATOM   965  C C   . ILE A 1 138 ? -9.699  -0.567  13.470  1.00 35.23  ? 155 ILE A C   1 
ATOM   966  O O   . ILE A 1 138 ? -9.858  0.507   14.032  1.00 33.34  ? 155 ILE A O   1 
ATOM   967  C CB  . ILE A 1 138 ? -11.065 -0.326  11.407  1.00 37.09  ? 155 ILE A CB  1 
ATOM   968  C CG1 . ILE A 1 138 ? -12.217 -0.889  10.570  1.00 39.16  ? 155 ILE A CG1 1 
ATOM   969  C CG2 . ILE A 1 138 ? -9.764  -0.231  10.598  1.00 41.15  ? 155 ILE A CG2 1 
ATOM   970  C CD1 . ILE A 1 138 ? -12.526 -0.034  9.368   1.00 39.12  ? 155 ILE A CD1 1 
ATOM   971  N N   . ARG A 1 139 ? -8.536  -1.227  13.462  1.00 33.65  ? 156 ARG A N   1 
ATOM   972  C CA  . ARG A 1 139 ? -7.385  -0.793  14.242  1.00 30.41  ? 156 ARG A CA  1 
ATOM   973  C C   . ARG A 1 139 ? -6.195  -0.726  13.288  1.00 27.35  ? 156 ARG A C   1 
ATOM   974  O O   . ARG A 1 139 ? -6.050  -1.598  12.396  1.00 27.56  ? 156 ARG A O   1 
ATOM   975  C CB  . ARG A 1 139 ? -7.038  -1.821  15.292  1.00 33.44  ? 156 ARG A CB  1 
ATOM   976  C CG  . ARG A 1 139 ? -8.264  -2.441  15.959  1.00 38.75  ? 156 ARG A CG  1 
ATOM   977  C CD  . ARG A 1 139 ? -7.819  -3.494  16.940  1.00 38.66  ? 156 ARG A CD  1 
ATOM   978  N NE  . ARG A 1 139 ? -6.656  -3.028  17.678  1.00 39.28  ? 156 ARG A NE  1 
ATOM   979  C CZ  . ARG A 1 139 ? -5.764  -3.832  18.234  1.00 41.70  ? 156 ARG A CZ  1 
ATOM   980  N NH1 . ARG A 1 139 ? -5.925  -5.141  18.167  1.00 41.99  ? 156 ARG A NH1 1 
ATOM   981  N NH2 . ARG A 1 139 ? -4.723  -3.315  18.879  1.00 43.10  ? 156 ARG A NH2 1 
ATOM   982  N N   . LEU A 1 140 ? -5.416  0.328   13.473  1.00 23.30  ? 157 LEU A N   1 
ATOM   983  C CA  . LEU A 1 140 ? -4.132  0.465   12.742  1.00 22.37  ? 157 LEU A CA  1 
ATOM   984  C C   . LEU A 1 140 ? -3.077  -0.406  13.397  1.00 23.98  ? 157 LEU A C   1 
ATOM   985  O O   . LEU A 1 140 ? -3.130  -0.722  14.570  1.00 23.18  ? 157 LEU A O   1 
ATOM   986  C CB  . LEU A 1 140 ? -3.656  1.907   12.728  1.00 21.38  ? 157 LEU A CB  1 
ATOM   987  C CG  . LEU A 1 140 ? -4.388  3.010   11.966  1.00 22.95  ? 157 LEU A CG  1 
ATOM   988  C CD1 . LEU A 1 140 ? -3.903  4.433   12.114  1.00 25.99  ? 157 LEU A CD1 1 
ATOM   989  C CD2 . LEU A 1 140 ? -4.379  2.600   10.480  1.00 25.62  ? 157 LEU A CD2 1 
ATOM   990  N N   . VAL A 1 141 ? -2.105  -0.788  12.589  1.00 19.56  ? 158 VAL A N   1 
ATOM   991  C CA  . VAL A 1 141 ? -0.918  -1.494  13.042  1.00 20.33  ? 158 VAL A CA  1 
ATOM   992  C C   . VAL A 1 141 ? 0.228   -0.687  12.398  1.00 19.59  ? 158 VAL A C   1 
ATOM   993  O O   . VAL A 1 141 ? 0.281   -0.544  11.203  1.00 18.35  ? 158 VAL A O   1 
ATOM   994  C CB  . VAL A 1 141 ? -0.857  -2.939  12.543  1.00 20.67  ? 158 VAL A CB  1 
ATOM   995  C CG1 . VAL A 1 141 ? 0.282   -3.656  13.208  1.00 22.57  ? 158 VAL A CG1 1 
ATOM   996  C CG2 . VAL A 1 141 ? -2.124  -3.746  12.858  1.00 22.24  ? 158 VAL A CG2 1 
ATOM   997  N N   . VAL A 1 142 ? 1.137   -0.184  13.208  1.00 18.73  ? 159 VAL A N   1 
ATOM   998  C CA  . VAL A 1 142 ? 2.136   0.777   12.735  1.00 17.17  ? 159 VAL A CA  1 
ATOM   999  C C   . VAL A 1 142 ? 3.567   0.381   13.098  1.00 18.92  ? 159 VAL A C   1 
ATOM   1000 O O   . VAL A 1 142 ? 3.845   -0.061  14.225  1.00 20.05  ? 159 VAL A O   1 
ATOM   1001 C CB  . VAL A 1 142 ? 1.825   2.152   13.321  1.00 19.12  ? 159 VAL A CB  1 
ATOM   1002 C CG1 . VAL A 1 142 ? 2.759   3.251   12.813  1.00 20.27  ? 159 VAL A CG1 1 
ATOM   1003 C CG2 . VAL A 1 142 ? 0.398   2.521   12.977  1.00 20.11  ? 159 VAL A CG2 1 
ATOM   1004 N N   . ASN A 1 143 ? 4.485   0.544   12.141  1.00 15.70  ? 160 ASN A N   1 
ATOM   1005 C CA  . ASN A 1 143 ? 5.942   0.544   12.378  1.00 14.92  ? 160 ASN A CA  1 
ATOM   1006 C C   . ASN A 1 143 ? 6.357   1.974   12.710  1.00 13.74  ? 160 ASN A C   1 
ATOM   1007 O O   . ASN A 1 143 ? 6.498   2.887   11.859  1.00 14.74  ? 160 ASN A O   1 
ATOM   1008 C CB  . ASN A 1 143 ? 6.641   0.095   11.110  1.00 14.96  ? 160 ASN A CB  1 
ATOM   1009 C CG  . ASN A 1 143 ? 8.113   -0.029  11.263  1.00 15.13  ? 160 ASN A CG  1 
ATOM   1010 O OD1 . ASN A 1 143 ? 8.759   0.766   11.965  1.00 17.20  ? 160 ASN A OD1 1 
ATOM   1011 N ND2 . ASN A 1 143 ? 8.722   -0.984  10.538  1.00 17.12  ? 160 ASN A ND2 1 
ATOM   1012 N N   . LYS A 1 144 ? 6.437   2.263   13.999  1.00 16.06  ? 161 LYS A N   1 
ATOM   1013 C CA  . LYS A 1 144 ? 6.579   3.632   14.392  1.00 17.11  ? 161 LYS A CA  1 
ATOM   1014 C C   . LYS A 1 144 ? 7.901   4.290   13.956  1.00 15.04  ? 161 LYS A C   1 
ATOM   1015 O O   . LYS A 1 144 ? 7.921   5.433   13.567  1.00 16.96  ? 161 LYS A O   1 
ATOM   1016 C CB  . LYS A 1 144 ? 6.368   3.837   15.914  1.00 22.55  ? 161 LYS A CB  1 
ATOM   1017 C CG  . LYS A 1 144 ? 6.069   5.286   16.219  1.00 29.34  ? 161 LYS A CG  1 
ATOM   1018 C CD  . LYS A 1 144 ? 5.453   5.518   17.575  1.00 33.55  ? 161 LYS A CD  1 
ATOM   1019 C CE  . LYS A 1 144 ? 5.206   7.018   17.711  1.00 35.73  ? 161 LYS A CE  1 
ATOM   1020 N NZ  . LYS A 1 144 ? 4.462   7.264   18.969  1.00 35.28  ? 161 LYS A NZ  1 
ATOM   1021 N N   . ALA A 1 145 ? 8.985   3.497   13.877  1.00 15.15  ? 162 ALA A N   1 
ATOM   1022 C CA  . ALA A 1 145 ? 10.228  4.026   13.409  1.00 15.59  ? 162 ALA A CA  1 
ATOM   1023 C C   . ALA A 1 145 ? 10.190  4.544   11.980  1.00 14.43  ? 162 ALA A C   1 
ATOM   1024 O O   . ALA A 1 145 ? 10.677  5.609   11.672  1.00 14.86  ? 162 ALA A O   1 
ATOM   1025 C CB  . ALA A 1 145 ? 11.311  2.956   13.566  1.00 16.05  ? 162 ALA A CB  1 
ATOM   1026 N N   . VAL A 1 146 ? 9.453   3.798   11.126  1.00 14.19  ? 163 VAL A N   1 
ATOM   1027 C CA  . VAL A 1 146 ? 9.303   4.267   9.736   1.00 15.68  ? 163 VAL A CA  1 
ATOM   1028 C C   . VAL A 1 146 ? 8.335   5.384   9.653   1.00 15.73  ? 163 VAL A C   1 
ATOM   1029 O O   . VAL A 1 146 ? 8.591   6.340   8.971   1.00 14.36  ? 163 VAL A O   1 
ATOM   1030 C CB  . VAL A 1 146 ? 8.844   3.103   8.838   1.00 16.03  ? 163 VAL A CB  1 
ATOM   1031 C CG1 . VAL A 1 146 ? 8.504   3.616   7.447   1.00 14.97  ? 163 VAL A CG1 1 
ATOM   1032 C CG2 . VAL A 1 146 ? 9.940   2.029   8.818   1.00 17.36  ? 163 VAL A CG2 1 
ATOM   1033 N N   . ALA A 1 147 ? 7.206   5.288   10.372  1.00 15.38  ? 164 ALA A N   1 
ATOM   1034 C CA  . ALA A 1 147 ? 6.277   6.466   10.393  1.00 16.31  ? 164 ALA A CA  1 
ATOM   1035 C C   . ALA A 1 147 ? 6.890   7.755   10.807  1.00 15.84  ? 164 ALA A C   1 
ATOM   1036 O O   . ALA A 1 147 ? 6.756   8.780   10.177  1.00 17.86  ? 164 ALA A O   1 
ATOM   1037 C CB  . ALA A 1 147 ? 5.117   6.194   11.317  1.00 15.87  ? 164 ALA A CB  1 
ATOM   1038 N N   . GLU A 1 148 ? 7.696   7.694   11.860  1.00 17.33  ? 165 GLU A N   1 
ATOM   1039 C CA  . GLU A 1 148 ? 8.373   8.851   12.325  1.00 19.91  ? 165 GLU A CA  1 
ATOM   1040 C C   . GLU A 1 148 ? 9.309   9.438   11.260  1.00 19.16  ? 165 GLU A C   1 
ATOM   1041 O O   . GLU A 1 148 ? 9.259   10.617  10.956  1.00 20.03  ? 165 GLU A O   1 
ATOM   1042 C CB  . GLU A 1 148 ? 9.198   8.488   13.571  1.00 21.23  ? 165 GLU A CB  1 
ATOM   1043 C CG  . GLU A 1 148 ? 8.448   8.503   14.872  1.00 27.70  ? 165 GLU A CG  1 
ATOM   1044 C CD  . GLU A 1 148 ? 9.457   8.596   16.008  1.00 29.94  ? 165 GLU A CD  1 
ATOM   1045 O OE1 . GLU A 1 148 ? 9.836   7.515   16.457  1.00 35.35  ? 165 GLU A OE1 1 
ATOM   1046 O OE2 . GLU A 1 148 ? 9.909   9.732   16.337  1.00 35.43  ? 165 GLU A OE2 1 
ATOM   1047 N N   . ALA A 1 149 ? 10.144  8.598   10.657  1.00 18.81  ? 166 ALA A N   1 
ATOM   1048 C CA  . ALA A 1 149 ? 11.025  9.105   9.603   1.00 18.58  ? 166 ALA A CA  1 
ATOM   1049 C C   . ALA A 1 149 ? 10.269  9.644   8.349   1.00 21.06  ? 166 ALA A C   1 
ATOM   1050 O O   . ALA A 1 149 ? 10.719  10.580  7.681   1.00 22.80  ? 166 ALA A O   1 
ATOM   1051 C CB  . ALA A 1 149 ? 11.957  7.988   9.178   1.00 17.74  ? 166 ALA A CB  1 
ATOM   1052 N N   . MET A 1 150 ? 9.125   9.039   8.025   1.00 18.62  ? 167 MET A N   1 
ATOM   1053 C CA  . MET A 1 150 ? 8.334   9.458   6.869   1.00 19.48  ? 167 MET A CA  1 
ATOM   1054 C C   . MET A 1 150 ? 7.422   10.673  7.160   1.00 20.68  ? 167 MET A C   1 
ATOM   1055 O O   . MET A 1 150 ? 6.675   11.064  6.296   1.00 25.11  ? 167 MET A O   1 
ATOM   1056 C CB  . MET A 1 150 ? 7.522   8.294   6.354   1.00 20.19  ? 167 MET A CB  1 
ATOM   1057 C CG  . MET A 1 150 ? 8.337   7.237   5.731   1.00 23.65  ? 167 MET A CG  1 
ATOM   1058 S SD  . MET A 1 150 ? 8.604   7.622   4.006   1.00 23.30  ? 167 MET A SD  1 
ATOM   1059 C CE  . MET A 1 150 ? 9.763   6.324   3.623   1.00 22.00  ? 167 MET A CE  1 
ATOM   1060 N N   . GLY A 1 151 ? 7.507   11.227  8.362   1.00 21.32  ? 168 GLY A N   1 
ATOM   1061 C CA  . GLY A 1 151 ? 6.695   12.370  8.745   1.00 22.73  ? 168 GLY A CA  1 
ATOM   1062 C C   . GLY A 1 151 ? 5.247   12.062  8.914   1.00 23.54  ? 168 GLY A C   1 
ATOM   1063 O O   . GLY A 1 151 ? 4.416   12.990  8.786   1.00 29.02  ? 168 GLY A O   1 
ATOM   1064 N N   . ILE A 1 152 ? 4.890   10.821  9.250   1.00 20.24  ? 169 ILE A N   1 
ATOM   1065 C CA  . ILE A 1 152 ? 3.504   10.415  9.383   1.00 22.86  ? 169 ILE A CA  1 
ATOM   1066 C C   . ILE A 1 152 ? 3.080   10.358  10.830  1.00 23.50  ? 169 ILE A C   1 
ATOM   1067 O O   . ILE A 1 152 ? 3.572   9.524   11.664  1.00 25.14  ? 169 ILE A O   1 
ATOM   1068 C CB  . ILE A 1 152 ? 3.251   9.072   8.736   1.00 23.80  ? 169 ILE A CB  1 
ATOM   1069 C CG1 . ILE A 1 152 ? 3.534   9.186   7.250   1.00 26.05  ? 169 ILE A CG1 1 
ATOM   1070 C CG2 . ILE A 1 152 ? 1.828   8.588   9.006   1.00 24.48  ? 169 ILE A CG2 1 
ATOM   1071 C CD1 . ILE A 1 152 ? 3.406   7.842   6.588   1.00 26.53  ? 169 ILE A CD1 1 
ATOM   1072 N N   . THR A 1 153 ? 2.099   11.203  11.124  1.00 25.71  ? 170 THR A N   1 
ATOM   1073 C CA  . THR A 1 153 ? 1.584   11.279  12.476  1.00 27.82  ? 170 THR A CA  1 
ATOM   1074 C C   . THR A 1 153 ? 0.274   10.480  12.542  1.00 23.99  ? 170 THR A C   1 
ATOM   1075 O O   . THR A 1 153 ? -0.577  10.573  11.655  1.00 24.20  ? 170 THR A O   1 
ATOM   1076 C CB  . THR A 1 153 ? 1.436   12.742  13.009  1.00 31.51  ? 170 THR A CB  1 
ATOM   1077 O OG1 . THR A 1 153 ? 0.159   12.934  13.607  1.00 36.20  ? 170 THR A OG1 1 
ATOM   1078 C CG2 . THR A 1 153 ? 1.572   13.767  11.981  1.00 31.04  ? 170 THR A CG2 1 
ATOM   1079 N N   . ILE A 1 154 ? 0.148   9.656   13.573  1.00 22.55  ? 171 ILE A N   1 
ATOM   1080 C CA  . ILE A 1 154 ? -1.064  8.872   13.772  1.00 24.60  ? 171 ILE A CA  1 
ATOM   1081 C C   . ILE A 1 154 ? -2.037  9.769   14.515  1.00 26.03  ? 171 ILE A C   1 
ATOM   1082 O O   . ILE A 1 154 ? -1.667  10.319  15.549  1.00 23.96  ? 171 ILE A O   1 
ATOM   1083 C CB  . ILE A 1 154 ? -0.766  7.664   14.641  1.00 26.68  ? 171 ILE A CB  1 
ATOM   1084 C CG1 . ILE A 1 154 ? 0.390   6.833   14.044  1.00 30.79  ? 171 ILE A CG1 1 
ATOM   1085 C CG2 . ILE A 1 154 ? -2.029  6.820   14.875  1.00 27.03  ? 171 ILE A CG2 1 
ATOM   1086 C CD1 . ILE A 1 154 ? 0.317   6.558   12.542  1.00 34.47  ? 171 ILE A CD1 1 
ATOM   1087 N N   . PRO A 1 155 ? -3.262  9.910   14.003  1.00 26.10  ? 172 PRO A N   1 
ATOM   1088 C CA  . PRO A 1 155 ? -4.251  10.716  14.705  1.00 26.63  ? 172 PRO A CA  1 
ATOM   1089 C C   . PRO A 1 155 ? -4.479  10.213  16.097  1.00 25.32  ? 172 PRO A C   1 
ATOM   1090 O O   . PRO A 1 155 ? -4.563  9.014   16.314  1.00 25.54  ? 172 PRO A O   1 
ATOM   1091 C CB  . PRO A 1 155 ? -5.497  10.546  13.843  1.00 27.75  ? 172 PRO A CB  1 
ATOM   1092 C CG  . PRO A 1 155 ? -4.951  10.354  12.456  1.00 27.35  ? 172 PRO A CG  1 
ATOM   1093 C CD  . PRO A 1 155 ? -3.731  9.477   12.674  1.00 27.22  ? 172 PRO A CD  1 
ATOM   1094 N N   . ALA A 1 156 ? -4.608  11.157  17.035  1.00 29.32  ? 173 ALA A N   1 
ATOM   1095 C CA  . ALA A 1 156 ? -4.838  10.807  18.449  1.00 32.07  ? 173 ALA A CA  1 
ATOM   1096 C C   . ALA A 1 156 ? -6.020  9.887   18.604  1.00 31.51  ? 173 ALA A C   1 
ATOM   1097 O O   . ALA A 1 156 ? -5.966  8.922   19.366  1.00 35.73  ? 173 ALA A O   1 
ATOM   1098 C CB  . ALA A 1 156 ? -5.067  12.056  19.279  1.00 34.85  ? 173 ALA A CB  1 
ATOM   1099 N N   . LYS A 1 157 ? -7.085  10.173  17.861  1.00 33.11  ? 174 LYS A N   1 
ATOM   1100 C CA  . LYS A 1 157 ? -8.261  9.286   17.815  1.00 38.27  ? 174 LYS A CA  1 
ATOM   1101 C C   . LYS A 1 157 ? -8.018  7.801   17.515  1.00 37.41  ? 174 LYS A C   1 
ATOM   1102 O O   . LYS A 1 157 ? -8.861  6.983   17.898  1.00 34.14  ? 174 LYS A O   1 
ATOM   1103 C CB  . LYS A 1 157 ? -9.336  9.846   16.856  1.00 44.14  ? 174 LYS A CB  1 
ATOM   1104 C CG  . LYS A 1 157 ? -8.917  9.977   15.392  1.00 44.33  ? 174 LYS A CG  1 
ATOM   1105 C CD  . LYS A 1 157 ? -9.995  10.640  14.537  1.00 47.68  ? 174 LYS A CD  1 
ATOM   1106 C CE  . LYS A 1 157 ? -11.234 9.775   14.392  1.00 51.81  ? 174 LYS A CE  1 
ATOM   1107 N NZ  . LYS A 1 157 ? -12.219 10.408  13.467  1.00 56.14  ? 174 LYS A NZ  1 
ATOM   1108 N N   . TYR A 1 158 ? -6.921  7.438   16.810  1.00 33.30  ? 175 TYR A N   1 
ATOM   1109 C CA  . TYR A 1 158 ? -6.582  6.007   16.533  1.00 33.00  ? 175 TYR A CA  1 
ATOM   1110 C C   . TYR A 1 158 ? -5.538  5.482   17.493  1.00 28.05  ? 175 TYR A C   1 
ATOM   1111 O O   . TYR A 1 158 ? -5.285  4.307   17.554  1.00 28.96  ? 175 TYR A O   1 
ATOM   1112 C CB  . TYR A 1 158 ? -6.046  5.774   15.063  1.00 34.80  ? 175 TYR A CB  1 
ATOM   1113 C CG  . TYR A 1 158 ? -7.118  6.057   14.038  1.00 34.84  ? 175 TYR A CG  1 
ATOM   1114 C CD1 . TYR A 1 158 ? -8.241  5.239   13.945  1.00 37.13  ? 175 TYR A CD1 1 
ATOM   1115 C CD2 . TYR A 1 158 ? -7.047  7.167   13.240  1.00 31.39  ? 175 TYR A CD2 1 
ATOM   1116 C CE1 . TYR A 1 158 ? -9.255  5.526   13.045  1.00 33.51  ? 175 TYR A CE1 1 
ATOM   1117 C CE2 . TYR A 1 158 ? -8.048  7.459   12.329  1.00 35.56  ? 175 TYR A CE2 1 
ATOM   1118 C CZ  . TYR A 1 158 ? -9.150  6.639   12.248  1.00 35.18  ? 175 TYR A CZ  1 
ATOM   1119 O OH  . TYR A 1 158 ? -10.156 6.941   11.353  1.00 37.65  ? 175 TYR A OH  1 
ATOM   1120 N N   . GLN A 1 159 ? -4.960  6.368   18.308  1.00 32.82  ? 176 GLN A N   1 
ATOM   1121 C CA  . GLN A 1 159 ? -3.758  6.016   19.072  1.00 30.04  ? 176 GLN A CA  1 
ATOM   1122 C C   . GLN A 1 159 ? -4.011  4.906   20.075  1.00 31.21  ? 176 GLN A C   1 
ATOM   1123 O O   . GLN A 1 159 ? -3.263  3.925   20.133  1.00 32.74  ? 176 GLN A O   1 
ATOM   1124 C CB  . GLN A 1 159 ? -3.269  7.273   19.810  1.00 30.11  ? 176 GLN A CB  1 
ATOM   1125 C CG  . GLN A 1 159 ? -2.119  7.063   20.782  1.00 27.32  ? 176 GLN A CG  1 
ATOM   1126 C CD  . GLN A 1 159 ? -0.810  6.763   20.074  1.00 26.32  ? 176 GLN A CD  1 
ATOM   1127 O OE1 . GLN A 1 159 ? -0.622  7.110   18.872  1.00 29.43  ? 176 GLN A OE1 1 
ATOM   1128 N NE2 . GLN A 1 159 ? 0.096   6.110   20.784  1.00 22.72  ? 176 GLN A NE2 1 
ATOM   1129 N N   . THR A 1 162 ? -4.402  1.323   18.303  1.00 30.36  ? 179 THR A N   1 
ATOM   1130 C CA  . THR A 1 162 ? -3.283  1.006   17.388  1.00 30.62  ? 179 THR A CA  1 
ATOM   1131 C C   . THR A 1 162 ? -2.358  -0.067  17.971  1.00 31.10  ? 179 THR A C   1 
ATOM   1132 O O   . THR A 1 162 ? -1.957  0.001   19.168  1.00 33.51  ? 179 THR A O   1 
ATOM   1133 C CB  . THR A 1 162 ? -2.445  2.289   16.993  1.00 27.26  ? 179 THR A CB  1 
ATOM   1134 O OG1 . THR A 1 162 ? -3.236  3.269   16.309  1.00 27.48  ? 179 THR A OG1 1 
ATOM   1135 C CG2 . THR A 1 162 ? -1.153  1.936   16.163  1.00 24.15  ? 179 THR A CG2 1 
ATOM   1136 N N   . ALA A 1 163 ? -2.056  -1.091  17.161  1.00 33.34  ? 180 ALA A N   1 
ATOM   1137 C CA  . ALA A 1 163 ? -0.991  -2.071  17.461  1.00 31.12  ? 180 ALA A CA  1 
ATOM   1138 C C   . ALA A 1 163 ? 0.367   -1.571  16.984  1.00 34.39  ? 180 ALA A C   1 
ATOM   1139 O O   . ALA A 1 163 ? 0.479   -1.130  15.834  1.00 33.48  ? 180 ALA A O   1 
ATOM   1140 C CB  . ALA A 1 163 ? -1.311  -3.384  16.777  1.00 36.60  ? 180 ALA A CB  1 
ATOM   1141 N N   . PHE A 1 164 ? 1.412   -1.649  17.822  1.00 31.23  ? 181 PHE A N   1 
ATOM   1142 C CA  . PHE A 1 164 ? 2.728   -1.153  17.426  1.00 33.60  ? 181 PHE A CA  1 
ATOM   1143 C C   . PHE A 1 164 ? 3.787   -2.269  17.331  1.00 37.89  ? 181 PHE A C   1 
ATOM   1144 O O   . PHE A 1 164 ? 4.483   -2.396  16.296  1.00 38.29  ? 181 PHE A O   1 
ATOM   1145 C CB  . PHE A 1 164 ? 3.206   -0.025  18.360  1.00 30.40  ? 181 PHE A CB  1 
ATOM   1146 C CG  . PHE A 1 164 ? 2.491   1.286   18.167  1.00 29.74  ? 181 PHE A CG  1 
ATOM   1147 C CD1 . PHE A 1 164 ? 2.934   2.214   17.260  1.00 30.66  ? 181 PHE A CD1 1 
ATOM   1148 C CD2 . PHE A 1 164 ? 1.382   1.620   18.959  1.00 31.05  ? 181 PHE A CD2 1 
ATOM   1149 C CE1 . PHE A 1 164 ? 2.291   3.445   17.112  1.00 30.92  ? 181 PHE A CE1 1 
ATOM   1150 C CE2 . PHE A 1 164 ? 0.742   2.851   18.826  1.00 32.12  ? 181 PHE A CE2 1 
ATOM   1151 C CZ  . PHE A 1 164 ? 1.194   3.773   17.880  1.00 32.94  ? 181 PHE A CZ  1 
HETATM 1152 O O   . HOH B 2 .   ? -11.920 -3.097  14.358  1.00 31.82  ? 201 HOH A O   1 
HETATM 1153 O O   . HOH B 2 .   ? -15.026 -0.040  -11.750 1.00 33.95  ? 202 HOH A O   1 
HETATM 1154 O O   . HOH B 2 .   ? -1.613  -7.848  12.409  1.00 45.68  ? 203 HOH A O   1 
HETATM 1155 O O   . HOH B 2 .   ? -7.907  -11.103 -3.848  1.00 37.32  ? 204 HOH A O   1 
HETATM 1156 O O   . HOH B 2 .   ? -0.409  16.313  1.502   1.00 128.55 ? 205 HOH A O   1 
HETATM 1157 O O   . HOH B 2 .   ? -10.558 -0.244  -14.209 1.00 55.83  ? 206 HOH A O   1 
HETATM 1158 O O   . HOH B 2 .   ? -8.309  11.635  11.421  1.00 51.57  ? 207 HOH A O   1 
HETATM 1159 O O   . HOH B 2 .   ? -0.030  14.769  4.270   1.00 46.74  ? 208 HOH A O   1 
HETATM 1160 O O   . HOH B 2 .   ? 9.238   2.848   -17.143 1.00 42.77  ? 209 HOH A O   1 
HETATM 1161 O O   . HOH B 2 .   ? 5.395   11.620  -13.596 1.00 43.51  ? 210 HOH A O   1 
HETATM 1162 O O   . HOH B 2 .   ? -17.586 1.008   -1.985  1.00 29.26  ? 211 HOH A O   1 
HETATM 1163 O O   . HOH B 2 .   ? 1.394   13.002  0.365   1.00 31.42  ? 212 HOH A O   1 
HETATM 1164 O O   . HOH B 2 .   ? -12.552 13.072  3.657   1.00 32.11  ? 213 HOH A O   1 
HETATM 1165 O O   . HOH B 2 .   ? 2.409   -11.533 8.546   1.00 38.79  ? 214 HOH A O   1 
HETATM 1166 O O   . HOH B 2 .   ? -4.556  -8.052  4.577   1.00 40.11  ? 215 HOH A O   1 
HETATM 1167 O O   . HOH B 2 .   ? 1.001   -14.219 -10.594 1.00 30.30  ? 216 HOH A O   1 
HETATM 1168 O O   . HOH B 2 .   ? 4.801   12.614  5.541   1.00 40.02  ? 217 HOH A O   1 
HETATM 1169 O O   . HOH B 2 .   ? 0.784   -18.818 -3.148  1.00 45.12  ? 218 HOH A O   1 
HETATM 1170 O O   . HOH B 2 .   ? -13.291 -14.060 -0.967  1.00 54.96  ? 219 HOH A O   1 
HETATM 1171 O O   . HOH B 2 .   ? 6.621   -2.718  -17.101 1.00 38.60  ? 220 HOH A O   1 
HETATM 1172 O O   . HOH B 2 .   ? -11.258 6.996   8.096   1.00 34.44  ? 221 HOH A O   1 
HETATM 1173 O O   . HOH B 2 .   ? 4.900   9.334   13.882  1.00 37.33  ? 222 HOH A O   1 
HETATM 1174 O O   . HOH B 2 .   ? -3.536  -6.798  8.197   1.00 31.51  ? 223 HOH A O   1 
HETATM 1175 O O   . HOH B 2 .   ? -2.104  -11.690 4.750   1.00 49.90  ? 224 HOH A O   1 
HETATM 1176 O O   . HOH B 2 .   ? -2.464  -8.210  -5.536  1.00 17.34  ? 225 HOH A O   1 
HETATM 1177 O O   . HOH B 2 .   ? 11.272  -10.369 2.090   1.00 31.78  ? 226 HOH A O   1 
HETATM 1178 O O   . HOH B 2 .   ? 4.233   -10.978 1.262   1.00 20.85  ? 227 HOH A O   1 
HETATM 1179 O O   . HOH B 2 .   ? -0.840  9.542   17.898  1.00 33.93  ? 228 HOH A O   1 
HETATM 1180 O O   . HOH B 2 .   ? -8.674  13.590  -1.444  1.00 36.33  ? 229 HOH A O   1 
HETATM 1181 O O   . HOH B 2 .   ? 9.340   12.478  12.794  1.00 41.62  ? 230 HOH A O   1 
HETATM 1182 O O   . HOH B 2 .   ? 16.780  -0.659  -7.200  1.00 41.72  ? 231 HOH A O   1 
HETATM 1183 O O   . HOH B 2 .   ? -5.198  13.666  16.520  1.00 50.25  ? 232 HOH A O   1 
HETATM 1184 O O   . HOH B 2 .   ? 5.402   10.536  -0.276  1.00 29.69  ? 233 HOH A O   1 
HETATM 1185 O O   . HOH B 2 .   ? 6.913   10.421  1.865   1.00 30.99  ? 234 HOH A O   1 
HETATM 1186 O O   . HOH B 2 .   ? 13.385  7.028   2.759   1.00 17.07  ? 235 HOH A O   1 
HETATM 1187 O O   . HOH B 2 .   ? 11.143  -7.664  -16.831 1.00 28.21  ? 236 HOH A O   1 
HETATM 1188 O O   . HOH B 2 .   ? 2.874   -16.850 -2.277  1.00 25.57  ? 237 HOH A O   1 
HETATM 1189 O O   . HOH B 2 .   ? -15.340 -8.900  7.842   1.00 45.86  ? 238 HOH A O   1 
HETATM 1190 O O   . HOH B 2 .   ? 13.455  1.392   -8.010  1.00 24.79  ? 239 HOH A O   1 
HETATM 1191 O O   . HOH B 2 .   ? 6.259   8.660   20.361  1.00 35.23  ? 240 HOH A O   1 
HETATM 1192 O O   . HOH B 2 .   ? -4.935  -8.267  -15.953 1.00 57.17  ? 241 HOH A O   1 
HETATM 1193 O O   . HOH B 2 .   ? 14.625  -8.052  -3.027  1.00 31.65  ? 242 HOH A O   1 
HETATM 1194 O O   . HOH B 2 .   ? 8.842   3.009   2.774   1.00 21.08  ? 243 HOH A O   1 
HETATM 1195 O O   . HOH B 2 .   ? -6.165  2.433   20.015  1.00 39.26  ? 244 HOH A O   1 
HETATM 1196 O O   . HOH B 2 .   ? -0.172  -12.088 -4.695  1.00 17.41  ? 245 HOH A O   1 
HETATM 1197 O O   . HOH B 2 .   ? -9.734  14.555  -6.050  1.00 38.95  ? 246 HOH A O   1 
HETATM 1198 O O   . HOH B 2 .   ? 1.210   13.206  2.834   1.00 93.91  ? 247 HOH A O   1 
HETATM 1199 O O   . HOH B 2 .   ? 11.487  -7.636  -10.631 1.00 14.07  ? 248 HOH A O   1 
HETATM 1200 O O   . HOH B 2 .   ? -8.153  4.782   19.337  1.00 40.11  ? 249 HOH A O   1 
HETATM 1201 O O   . HOH B 2 .   ? 13.870  -2.484  5.968   1.00 30.40  ? 250 HOH A O   1 
HETATM 1202 O O   . HOH B 2 .   ? -8.370  12.249  -7.796  1.00 34.89  ? 251 HOH A O   1 
HETATM 1203 O O   . HOH B 2 .   ? -3.777  -3.799  2.379   1.00 17.80  ? 252 HOH A O   1 
HETATM 1204 O O   . HOH B 2 .   ? -6.233  2.254   15.250  1.00 32.18  ? 253 HOH A O   1 
HETATM 1205 O O   . HOH B 2 .   ? 0.956   12.817  8.578   1.00 32.51  ? 254 HOH A O   1 
HETATM 1206 O O   . HOH B 2 .   ? -5.821  13.379  9.725   1.00 31.77  ? 255 HOH A O   1 
HETATM 1207 O O   . HOH B 2 .   ? -6.033  13.281  -6.833  1.00 30.73  ? 256 HOH A O   1 
HETATM 1208 O O   . HOH B 2 .   ? -6.091  -12.654 -2.544  1.00 29.61  ? 257 HOH A O   1 
HETATM 1209 O O   . HOH B 2 .   ? -7.177  7.100   21.040  1.00 34.18  ? 258 HOH A O   1 
HETATM 1210 O O   . HOH B 2 .   ? -2.147  12.527  10.185  1.00 30.80  ? 259 HOH A O   1 
HETATM 1211 O O   . HOH B 2 .   ? 11.305  1.316   5.318   1.00 17.58  ? 260 HOH A O   1 
HETATM 1212 O O   . HOH B 2 .   ? -14.655 0.237   -2.500  1.00 32.39  ? 261 HOH A O   1 
HETATM 1213 O O   . HOH B 2 .   ? -16.088 0.059   -9.401  1.00 38.96  ? 262 HOH A O   1 
HETATM 1214 O O   . HOH B 2 .   ? -13.381 11.606  -6.691  1.00 33.27  ? 263 HOH A O   1 
HETATM 1215 O O   . HOH B 2 .   ? -0.610  -9.086  10.322  1.00 29.47  ? 264 HOH A O   1 
HETATM 1216 O O   . HOH B 2 .   ? 5.206   10.034  3.874   1.00 24.97  ? 265 HOH A O   1 
HETATM 1217 O O   . HOH B 2 .   ? 1.395   -7.519  -16.094 1.00 45.58  ? 266 HOH A O   1 
HETATM 1218 O O   . HOH B 2 .   ? 10.856  -13.734 4.273   1.00 45.49  ? 267 HOH A O   1 
HETATM 1219 O O   . HOH B 2 .   ? -2.092  -5.744  -4.179  1.00 14.15  ? 268 HOH A O   1 
HETATM 1220 O O   . HOH B 2 .   ? 17.741  -1.220  -4.009  1.00 28.19  ? 269 HOH A O   1 
HETATM 1221 O O   . HOH B 2 .   ? -11.738 -6.997  -0.696  1.00 34.10  ? 270 HOH A O   1 
HETATM 1222 O O   . HOH B 2 .   ? -6.170  13.385  0.230   1.00 29.82  ? 271 HOH A O   1 
HETATM 1223 O O   . HOH B 2 .   ? 1.972   7.484   17.666  1.00 27.00  ? 272 HOH A O   1 
HETATM 1224 O O   . HOH B 2 .   ? 9.729   -13.898 -13.395 1.00 16.97  ? 273 HOH A O   1 
HETATM 1225 O O   . HOH B 2 .   ? 6.496   -12.671 9.859   1.00 52.31  ? 274 HOH A O   1 
HETATM 1226 O O   . HOH B 2 .   ? 9.652   0.759   -15.940 1.00 25.27  ? 275 HOH A O   1 
HETATM 1227 O O   . HOH B 2 .   ? 14.460  9.334   -0.643  1.00 29.42  ? 276 HOH A O   1 
HETATM 1228 O O   . HOH B 2 .   ? -11.626 3.961   7.405   1.00 27.23  ? 277 HOH A O   1 
HETATM 1229 O O   . HOH B 2 .   ? 13.009  -11.014 -19.378 1.00 29.22  ? 278 HOH A O   1 
HETATM 1230 O O   . HOH B 2 .   ? 12.989  -7.229  3.393   1.00 49.50  ? 279 HOH A O   1 
HETATM 1231 O O   . HOH B 2 .   ? -7.983  6.465   -9.713  1.00 25.36  ? 280 HOH A O   1 
HETATM 1232 O O   . HOH B 2 .   ? 9.132   11.140  -15.357 1.00 26.73  ? 281 HOH A O   1 
HETATM 1233 O O   . HOH B 2 .   ? -2.208  -15.020 -6.568  1.00 42.08  ? 282 HOH A O   1 
HETATM 1234 O O   . HOH B 2 .   ? 7.033   9.135   -7.188  1.00 37.52  ? 283 HOH A O   1 
HETATM 1235 O O   . HOH B 2 .   ? 13.510  -3.089  3.492   1.00 35.53  ? 284 HOH A O   1 
HETATM 1236 O O   . HOH B 2 .   ? -7.273  -5.756  1.074   1.00 31.50  ? 285 HOH A O   1 
HETATM 1237 O O   . HOH B 2 .   ? -7.129  13.922  5.802   1.00 32.14  ? 286 HOH A O   1 
HETATM 1238 O O   . HOH B 2 .   ? 4.158   -4.733  14.600  1.00 50.05  ? 287 HOH A O   1 
HETATM 1239 O O   . HOH B 2 .   ? 1.475   -16.368 0.102   1.00 38.86  ? 288 HOH A O   1 
HETATM 1240 O O   . HOH B 2 .   ? 10.461  -0.992  13.572  1.00 34.50  ? 289 HOH A O   1 
HETATM 1241 O O   . HOH B 2 .   ? -9.793  -6.111  1.843   1.00 48.28  ? 290 HOH A O   1 
HETATM 1242 O O   . HOH B 2 .   ? 7.194   1.965   4.525   1.00 14.14  ? 291 HOH A O   1 
HETATM 1243 O O   . HOH B 2 .   ? 11.145  -15.151 -2.846  1.00 16.25  ? 292 HOH A O   1 
HETATM 1244 O O   . HOH B 2 .   ? -4.771  5.323   -13.853 1.00 40.42  ? 293 HOH A O   1 
HETATM 1245 O O   . HOH B 2 .   ? 9.296   0.848   15.141  1.00 31.41  ? 294 HOH A O   1 
HETATM 1246 O O   . HOH B 2 .   ? 6.279   0.232   16.160  1.00 32.26  ? 295 HOH A O   1 
HETATM 1247 O O   . HOH B 2 .   ? -8.207  -6.616  16.948  1.00 49.92  ? 296 HOH A O   1 
HETATM 1248 O O   . HOH B 2 .   ? -4.971  2.395   -12.855 1.00 34.59  ? 297 HOH A O   1 
HETATM 1249 O O   . HOH B 2 .   ? -5.130  -17.300 -7.178  1.00 50.50  ? 298 HOH A O   1 
HETATM 1250 O O   . HOH B 2 .   ? -5.042  18.113  2.658   1.00 85.06  ? 299 HOH A O   1 
HETATM 1251 O O   . HOH B 2 .   ? 20.901  2.962   -1.296  1.00 66.82  ? 300 HOH A O   1 
HETATM 1252 O O   . HOH B 2 .   ? -3.471  -7.278  11.867  1.00 47.50  ? 301 HOH A O   1 
HETATM 1253 O O   . HOH B 2 .   ? -0.753  -2.790  -15.574 1.00 25.05  ? 302 HOH A O   1 
HETATM 1254 O O   . HOH B 2 .   ? 12.443  -5.838  12.399  1.00 39.38  ? 303 HOH A O   1 
HETATM 1255 O O   . HOH B 2 .   ? 13.953  -6.934  9.054   1.00 34.95  ? 304 HOH A O   1 
HETATM 1256 O O   . HOH B 2 .   ? -3.632  -12.342 1.023   1.00 24.21  ? 305 HOH A O   1 
HETATM 1257 O O   . HOH B 2 .   ? -8.126  2.380   -9.447  1.00 34.37  ? 306 HOH A O   1 
HETATM 1258 O O   . HOH B 2 .   ? 3.582   -16.571 -13.627 1.00 43.68  ? 307 HOH A O   1 
HETATM 1259 O O   . HOH B 2 .   ? -14.055 -1.439  -0.482  1.00 24.18  ? 308 HOH A O   1 
HETATM 1260 O O   . HOH B 2 .   ? 10.662  12.368  14.951  1.00 30.81  ? 309 HOH A O   1 
HETATM 1261 O O   . HOH B 2 .   ? -12.313 15.771  2.013   1.00 12.47  ? 310 HOH A O   1 
HETATM 1262 O O   . HOH B 2 .   ? 2.342   9.766   15.739  1.00 29.77  ? 311 HOH A O   1 
HETATM 1263 O O   . HOH B 2 .   ? -15.088 3.750   -9.741  1.00 29.69  ? 312 HOH A O   1 
HETATM 1264 O O   . HOH B 2 .   ? 9.046   -16.477 0.477   1.00 38.84  ? 313 HOH A O   1 
HETATM 1265 O O   . HOH B 2 .   ? -0.156  1.662   -14.514 1.00 31.88  ? 314 HOH A O   1 
HETATM 1266 O O   . HOH B 2 .   ? 13.632  -4.894  1.999   1.00 35.78  ? 315 HOH A O   1 
HETATM 1267 O O   . HOH B 2 .   ? -18.236 -0.270  -9.018  1.00 34.05  ? 316 HOH A O   1 
HETATM 1268 O O   . HOH B 2 .   ? -10.071 10.318  -7.480  1.00 36.04  ? 317 HOH A O   1 
HETATM 1269 O O   . HOH B 2 .   ? 0.522   14.930  0.907   1.00 41.52  ? 318 HOH A O   1 
HETATM 1270 O O   . HOH B 2 .   ? 3.588   -17.236 -6.395  1.00 19.05  ? 319 HOH A O   1 
HETATM 1271 O O   . HOH B 2 .   ? 11.048  11.021  1.774   1.00 29.41  ? 320 HOH A O   1 
HETATM 1272 O O   . HOH B 2 .   ? -9.412  12.797  5.820   1.00 46.48  ? 321 HOH A O   1 
HETATM 1273 O O   . HOH B 2 .   ? -11.660 -6.757  16.977  1.00 36.67  ? 322 HOH A O   1 
HETATM 1274 O O   . HOH B 2 .   ? 13.642  -0.487  3.429   1.00 27.23  ? 323 HOH A O   1 
HETATM 1275 O O   . HOH B 2 .   ? -7.780  13.025  16.131  1.00 38.20  ? 324 HOH A O   1 
HETATM 1276 O O   . HOH B 2 .   ? -16.825 0.203   4.124   1.00 37.38  ? 325 HOH A O   1 
HETATM 1277 O O   . HOH B 2 .   ? -5.196  -5.980  3.748   1.00 34.54  ? 326 HOH A O   1 
HETATM 1278 O O   . HOH B 2 .   ? -9.486  4.523   -10.327 1.00 45.00  ? 327 HOH A O   1 
HETATM 1279 O O   . HOH B 2 .   ? -14.100 3.205   6.894   1.00 27.24  ? 328 HOH A O   1 
HETATM 1280 O O   . HOH B 2 .   ? -7.889  -8.603  -1.614  1.00 43.43  ? 329 HOH A O   1 
HETATM 1281 O O   . HOH B 2 .   ? -6.382  -12.184 -0.397  1.00 49.47  ? 330 HOH A O   1 
HETATM 1282 O O   . HOH B 2 .   ? -16.614 -2.078  0.557   1.00 42.20  ? 331 HOH A O   1 
HETATM 1283 O O   . HOH B 2 .   ? -8.719  -6.643  -0.935  1.00 47.62  ? 332 HOH A O   1 
HETATM 1284 O O   . HOH B 2 .   ? 12.055  12.062  -0.966  1.00 37.10  ? 333 HOH A O   1 
HETATM 1285 O O   . HOH B 2 .   ? 6.323   11.658  14.211  1.00 39.20  ? 334 HOH A O   1 
HETATM 1286 O O   . HOH B 2 .   ? -12.900 -6.842  1.811   1.00 41.62  ? 335 HOH A O   1 
HETATM 1287 O O   . HOH B 2 .   ? -10.334 -5.517  18.075  1.00 40.21  ? 336 HOH A O   1 
HETATM 1288 O O   . HOH B 2 .   ? -0.673  14.810  9.318   1.00 47.37  ? 337 HOH A O   1 
HETATM 1289 O O   . HOH B 2 .   ? -6.557  15.384  7.971   1.00 59.67  ? 338 HOH A O   1 
HETATM 1290 O O   . HOH B 2 .   ? -18.563 1.019   0.450   1.00 37.15  ? 339 HOH A O   1 
HETATM 1291 O O   . HOH B 2 .   ? 14.533  -6.544  12.768  1.00 37.00  ? 340 HOH A O   1 
# 
loop_
_pdbx_poly_seq_scheme.asym_id 
_pdbx_poly_seq_scheme.entity_id 
_pdbx_poly_seq_scheme.seq_id 
_pdbx_poly_seq_scheme.mon_id 
_pdbx_poly_seq_scheme.ndb_seq_num 
_pdbx_poly_seq_scheme.pdb_seq_num 
_pdbx_poly_seq_scheme.auth_seq_num 
_pdbx_poly_seq_scheme.pdb_mon_id 
_pdbx_poly_seq_scheme.auth_mon_id 
_pdbx_poly_seq_scheme.pdb_strand_id 
_pdbx_poly_seq_scheme.pdb_ins_code 
_pdbx_poly_seq_scheme.hetero 
A 1 1   GLY 1   18  ?   ?   ?   A . n 
A 1 2   SER 2   19  ?   ?   ?   A . n 
A 1 3   HIS 3   20  ?   ?   ?   A . n 
A 1 4   MET 4   21  ?   ?   ?   A . n 
A 1 5   PRO 5   22  ?   ?   ?   A . n 
A 1 6   GLU 6   23  ?   ?   ?   A . n 
A 1 7   THR 7   24  ?   ?   ?   A . n 
A 1 8   GLU 8   25  ?   ?   ?   A . n 
A 1 9   THR 9   26  ?   ?   ?   A . n 
A 1 10  GLU 10  27  27  GLU GLU A . n 
A 1 11  VAL 11  28  28  VAL VAL A . n 
A 1 12  THR 12  29  29  THR THR A . n 
A 1 13  PRO 13  30  30  PRO PRO A . n 
A 1 14  ILE 14  31  31  ILE ILE A . n 
A 1 15  GLN 15  32  32  GLN GLN A . n 
A 1 16  GLN 16  33  33  GLN GLN A . n 
A 1 17  LEU 17  34  34  LEU LEU A . n 
A 1 18  PHE 18  35  35  PHE PHE A . n 
A 1 19  LEU 19  36  36  LEU LEU A . n 
A 1 20  ILE 20  37  37  ILE ILE A . n 
A 1 21  LYS 21  38  38  LYS LYS A . n 
A 1 22  GLU 22  39  39  GLU GLU A . n 
A 1 23  LEU 23  40  40  LEU LEU A . n 
A 1 24  LYS 24  41  41  LYS LYS A . n 
A 1 25  PRO 25  42  42  PRO PRO A . n 
A 1 26  GLY 26  43  43  GLY GLY A . n 
A 1 27  ILE 27  44  44  ILE ILE A . n 
A 1 28  ALA 28  45  45  ALA ALA A . n 
A 1 29  ARG 29  46  46  ARG ARG A . n 
A 1 30  ILE 30  47  47  ILE ILE A . n 
A 1 31  GLY 31  48  48  GLY GLY A . n 
A 1 32  VAL 32  49  49  VAL VAL A . n 
A 1 33  ILE 33  50  50  ILE ILE A . n 
A 1 34  TRP 34  51  51  TRP TRP A . n 
A 1 35  ASP 35  52  52  ASP ASP A . n 
A 1 36  LYS 36  53  53  LYS LYS A . n 
A 1 37  ASN 37  54  54  ASN ASN A . n 
A 1 38  ALA 38  55  55  ALA ALA A . n 
A 1 39  ALA 39  56  56  ALA ALA A . n 
A 1 40  ASN 40  57  57  ASN ASN A . n 
A 1 41  ARG 41  58  58  ARG ARG A . n 
A 1 42  ASP 42  59  59  ASP ASP A . n 
A 1 43  GLU 43  60  60  GLU GLU A . n 
A 1 44  VAL 44  61  61  VAL VAL A . n 
A 1 45  LEU 45  62  62  LEU LEU A . n 
A 1 46  PRO 46  63  63  PRO PRO A . n 
A 1 47  GLN 47  64  64  GLN GLN A . n 
A 1 48  LEU 48  65  65  LEU LEU A . n 
A 1 49  GLN 49  66  66  GLN GLN A . n 
A 1 50  ARG 50  67  67  ARG ARG A . n 
A 1 51  ALA 51  68  68  ALA ALA A . n 
A 1 52  SER 52  69  69  SER SER A . n 
A 1 53  ALA 53  70  70  ALA ALA A . n 
A 1 54  ALA 54  71  71  ALA ALA A . n 
A 1 55  THR 55  72  72  THR THR A . n 
A 1 56  GLY 56  73  73  GLY GLY A . n 
A 1 57  ILE 57  74  74  ILE ILE A . n 
A 1 58  LYS 58  75  75  LYS LYS A . n 
A 1 59  VAL 59  76  76  VAL VAL A . n 
A 1 60  VAL 60  77  77  VAL VAL A . n 
A 1 61  VAL 61  78  78  VAL VAL A . n 
A 1 62  ALA 62  79  79  ALA ALA A . n 
A 1 63  GLU 63  80  80  GLU GLU A . n 
A 1 64  VAL 64  81  81  VAL VAL A . n 
A 1 65  ALA 65  82  82  ALA ALA A . n 
A 1 66  SER 66  83  83  SER SER A . n 
A 1 67  LEU 67  84  84  LEU LEU A . n 
A 1 68  GLN 68  85  85  GLN GLN A . n 
A 1 69  GLU 69  86  86  GLU GLU A . n 
A 1 70  VAL 70  87  87  VAL VAL A . n 
A 1 71  ALA 71  88  88  ALA ALA A . n 
A 1 72  PRO 72  89  89  PRO PRO A . n 
A 1 73  GLN 73  90  90  GLN GLN A . n 
A 1 74  PHE 74  91  91  PHE PHE A . n 
A 1 75  ARG 75  92  92  ARG ARG A . n 
A 1 76  THR 76  93  93  THR THR A . n 
A 1 77  LEU 77  94  94  LEU LEU A . n 
A 1 78  LEU 78  95  95  LEU LEU A . n 
A 1 79  ARG 79  96  96  ARG ARG A . n 
A 1 80  ASP 80  97  97  ASP ASP A . n 
A 1 81  HIS 81  98  98  HIS HIS A . n 
A 1 82  GLN 82  99  99  GLN GLN A . n 
A 1 83  VAL 83  100 100 VAL VAL A . n 
A 1 84  GLU 84  101 101 GLU GLU A . n 
A 1 85  ALA 85  102 102 ALA ALA A . n 
A 1 86  LEU 86  103 103 LEU LEU A . n 
A 1 87  TRP 87  104 104 TRP TRP A . n 
A 1 88  VAL 88  105 105 VAL VAL A . n 
A 1 89  LEU 89  106 106 LEU LEU A . n 
A 1 90  GLU 90  107 107 GLU GLU A . n 
A 1 91  GLU 91  108 108 GLU GLU A . n 
A 1 92  SER 92  109 109 SER SER A . n 
A 1 93  GLY 93  110 110 GLY GLY A . n 
A 1 94  LEU 94  111 111 LEU LEU A . n 
A 1 95  LEU 95  112 112 LEU LEU A . n 
A 1 96  GLY 96  113 113 GLY GLY A . n 
A 1 97  GLN 97  114 114 GLN GLN A . n 
A 1 98  ALA 98  115 115 ALA ALA A . n 
A 1 99  ALA 99  116 116 ALA ALA A . n 
A 1 100 ALA 100 117 117 ALA ALA A . n 
A 1 101 ARG 101 118 118 ARG ARG A . n 
A 1 102 SER 102 119 119 SER SER A . n 
A 1 103 PHE 103 120 120 PHE PHE A . n 
A 1 104 LEU 104 121 121 LEU LEU A . n 
A 1 105 ILE 105 122 122 ILE ILE A . n 
A 1 106 LYS 106 123 123 LYS LYS A . n 
A 1 107 ASN 107 124 124 ASN ASN A . n 
A 1 108 ALA 108 125 125 ALA ALA A . n 
A 1 109 THR 109 126 126 THR THR A . n 
A 1 110 GLN 110 127 127 GLN GLN A . n 
A 1 111 ALA 111 128 128 ALA ALA A . n 
A 1 112 GLY 112 129 129 GLY GLY A . n 
A 1 113 MET 113 130 130 MET MET A . n 
A 1 114 PRO 114 131 131 PRO PRO A . n 
A 1 115 VAL 115 132 132 VAL VAL A . n 
A 1 116 PHE 116 133 133 PHE PHE A . n 
A 1 117 ALA 117 134 134 ALA ALA A . n 
A 1 118 PRO 118 135 135 PRO PRO A . n 
A 1 119 SER 119 136 136 SER SER A . n 
A 1 120 GLU 120 137 137 GLU GLU A . n 
A 1 121 THR 121 138 138 THR THR A . n 
A 1 122 TRP 122 139 139 TRP TRP A . n 
A 1 123 LEU 123 140 140 LEU LEU A . n 
A 1 124 LYS 124 141 141 LYS LYS A . n 
A 1 125 GLU 125 142 142 GLU GLU A . n 
A 1 126 GLY 126 143 143 GLY GLY A . n 
A 1 127 ALA 127 144 144 ALA ALA A . n 
A 1 128 CYS 128 145 145 CYS CYS A . n 
A 1 129 VAL 129 146 146 VAL VAL A . n 
A 1 130 THR 130 147 147 THR THR A . n 
A 1 131 TRP 131 148 148 TRP TRP A . n 
A 1 132 ARG 132 149 149 ARG ARG A . n 
A 1 133 LYS 133 150 150 LYS LYS A . n 
A 1 134 ASP 134 151 ?   ?   ?   A . n 
A 1 135 ALA 135 152 ?   ?   ?   A . n 
A 1 136 GLU 136 153 ?   ?   ?   A . n 
A 1 137 GLY 137 154 ?   ?   ?   A . n 
A 1 138 ILE 138 155 155 ILE ILE A . n 
A 1 139 ARG 139 156 156 ARG ARG A . n 
A 1 140 LEU 140 157 157 LEU LEU A . n 
A 1 141 VAL 141 158 158 VAL VAL A . n 
A 1 142 VAL 142 159 159 VAL VAL A . n 
A 1 143 ASN 143 160 160 ASN ASN A . n 
A 1 144 LYS 144 161 161 LYS LYS A . n 
A 1 145 ALA 145 162 162 ALA ALA A . n 
A 1 146 VAL 146 163 163 VAL VAL A . n 
A 1 147 ALA 147 164 164 ALA ALA A . n 
A 1 148 GLU 148 165 165 GLU GLU A . n 
A 1 149 ALA 149 166 166 ALA ALA A . n 
A 1 150 MET 150 167 167 MET MET A . n 
A 1 151 GLY 151 168 168 GLY GLY A . n 
A 1 152 ILE 152 169 169 ILE ILE A . n 
A 1 153 THR 153 170 170 THR THR A . n 
A 1 154 ILE 154 171 171 ILE ILE A . n 
A 1 155 PRO 155 172 172 PRO PRO A . n 
A 1 156 ALA 156 173 173 ALA ALA A . n 
A 1 157 LYS 157 174 174 LYS LYS A . n 
A 1 158 TYR 158 175 175 TYR TYR A . n 
A 1 159 GLN 159 176 176 GLN GLN A . n 
A 1 160 ASP 160 177 ?   ?   ?   A . n 
A 1 161 ARG 161 178 ?   ?   ?   A . n 
A 1 162 THR 162 179 179 THR THR A . n 
A 1 163 ALA 163 180 180 ALA ALA A . n 
A 1 164 PHE 164 181 181 PHE PHE A . n 
A 1 165 LEU 165 182 ?   ?   ?   A . n 
A 1 166 ALA 166 183 ?   ?   ?   A . n 
A 1 167 MET 167 184 ?   ?   ?   A . n 
A 1 168 ASN 168 185 ?   ?   ?   A . n 
# 
loop_
_pdbx_nonpoly_scheme.asym_id 
_pdbx_nonpoly_scheme.entity_id 
_pdbx_nonpoly_scheme.mon_id 
_pdbx_nonpoly_scheme.ndb_seq_num 
_pdbx_nonpoly_scheme.pdb_seq_num 
_pdbx_nonpoly_scheme.auth_seq_num 
_pdbx_nonpoly_scheme.pdb_mon_id 
_pdbx_nonpoly_scheme.auth_mon_id 
_pdbx_nonpoly_scheme.pdb_strand_id 
_pdbx_nonpoly_scheme.pdb_ins_code 
B 2 HOH 1   201 120 HOH HOH A . 
B 2 HOH 2   202 27  HOH HOH A . 
B 2 HOH 3   203 122 HOH HOH A . 
B 2 HOH 4   204 102 HOH HOH A . 
B 2 HOH 5   205 69  HOH HOH A . 
B 2 HOH 6   206 103 HOH HOH A . 
B 2 HOH 7   207 141 HOH HOH A . 
B 2 HOH 8   208 111 HOH HOH A . 
B 2 HOH 9   209 96  HOH HOH A . 
B 2 HOH 10  210 108 HOH HOH A . 
B 2 HOH 11  211 81  HOH HOH A . 
B 2 HOH 12  212 67  HOH HOH A . 
B 2 HOH 13  213 72  HOH HOH A . 
B 2 HOH 14  214 101 HOH HOH A . 
B 2 HOH 15  215 116 HOH HOH A . 
B 2 HOH 16  216 20  HOH HOH A . 
B 2 HOH 17  217 150 HOH HOH A . 
B 2 HOH 18  218 85  HOH HOH A . 
B 2 HOH 19  219 114 HOH HOH A . 
B 2 HOH 20  220 78  HOH HOH A . 
B 2 HOH 21  221 121 HOH HOH A . 
B 2 HOH 22  222 63  HOH HOH A . 
B 2 HOH 23  223 53  HOH HOH A . 
B 2 HOH 24  224 66  HOH HOH A . 
B 2 HOH 25  225 6   HOH HOH A . 
B 2 HOH 26  226 17  HOH HOH A . 
B 2 HOH 27  227 11  HOH HOH A . 
B 2 HOH 28  228 29  HOH HOH A . 
B 2 HOH 29  229 110 HOH HOH A . 
B 2 HOH 30  230 100 HOH HOH A . 
B 2 HOH 31  231 128 HOH HOH A . 
B 2 HOH 32  232 143 HOH HOH A . 
B 2 HOH 33  233 13  HOH HOH A . 
B 2 HOH 34  234 59  HOH HOH A . 
B 2 HOH 35  235 9   HOH HOH A . 
B 2 HOH 36  236 51  HOH HOH A . 
B 2 HOH 37  237 38  HOH HOH A . 
B 2 HOH 38  238 137 HOH HOH A . 
B 2 HOH 39  239 25  HOH HOH A . 
B 2 HOH 40  240 138 HOH HOH A . 
B 2 HOH 41  241 142 HOH HOH A . 
B 2 HOH 42  242 76  HOH HOH A . 
B 2 HOH 43  243 5   HOH HOH A . 
B 2 HOH 44  244 130 HOH HOH A . 
B 2 HOH 45  245 10  HOH HOH A . 
B 2 HOH 46  246 88  HOH HOH A . 
B 2 HOH 47  247 148 HOH HOH A . 
B 2 HOH 48  248 4   HOH HOH A . 
B 2 HOH 49  249 94  HOH HOH A . 
B 2 HOH 50  250 55  HOH HOH A . 
B 2 HOH 51  251 95  HOH HOH A . 
B 2 HOH 52  252 34  HOH HOH A . 
B 2 HOH 53  253 144 HOH HOH A . 
B 2 HOH 54  254 107 HOH HOH A . 
B 2 HOH 55  255 46  HOH HOH A . 
B 2 HOH 56  256 127 HOH HOH A . 
B 2 HOH 57  257 44  HOH HOH A . 
B 2 HOH 58  258 48  HOH HOH A . 
B 2 HOH 59  259 43  HOH HOH A . 
B 2 HOH 60  260 2   HOH HOH A . 
B 2 HOH 61  261 61  HOH HOH A . 
B 2 HOH 62  262 131 HOH HOH A . 
B 2 HOH 63  263 97  HOH HOH A . 
B 2 HOH 64  264 21  HOH HOH A . 
B 2 HOH 65  265 45  HOH HOH A . 
B 2 HOH 66  266 91  HOH HOH A . 
B 2 HOH 67  267 24  HOH HOH A . 
B 2 HOH 68  268 3   HOH HOH A . 
B 2 HOH 69  269 56  HOH HOH A . 
B 2 HOH 70  270 64  HOH HOH A . 
B 2 HOH 71  271 12  HOH HOH A . 
B 2 HOH 72  272 89  HOH HOH A . 
B 2 HOH 73  273 7   HOH HOH A . 
B 2 HOH 74  274 146 HOH HOH A . 
B 2 HOH 75  275 26  HOH HOH A . 
B 2 HOH 76  276 37  HOH HOH A . 
B 2 HOH 77  277 39  HOH HOH A . 
B 2 HOH 78  278 83  HOH HOH A . 
B 2 HOH 79  279 117 HOH HOH A . 
B 2 HOH 80  280 14  HOH HOH A . 
B 2 HOH 81  281 16  HOH HOH A . 
B 2 HOH 82  282 105 HOH HOH A . 
B 2 HOH 83  283 71  HOH HOH A . 
B 2 HOH 84  284 75  HOH HOH A . 
B 2 HOH 85  285 54  HOH HOH A . 
B 2 HOH 86  286 92  HOH HOH A . 
B 2 HOH 87  287 133 HOH HOH A . 
B 2 HOH 88  288 98  HOH HOH A . 
B 2 HOH 89  289 65  HOH HOH A . 
B 2 HOH 90  290 151 HOH HOH A . 
B 2 HOH 91  291 1   HOH HOH A . 
B 2 HOH 92  292 8   HOH HOH A . 
B 2 HOH 93  293 87  HOH HOH A . 
B 2 HOH 94  294 15  HOH HOH A . 
B 2 HOH 95  295 30  HOH HOH A . 
B 2 HOH 96  296 112 HOH HOH A . 
B 2 HOH 97  297 33  HOH HOH A . 
B 2 HOH 98  298 74  HOH HOH A . 
B 2 HOH 99  299 90  HOH HOH A . 
B 2 HOH 100 300 99  HOH HOH A . 
B 2 HOH 101 301 125 HOH HOH A . 
B 2 HOH 102 302 23  HOH HOH A . 
B 2 HOH 103 303 140 HOH HOH A . 
B 2 HOH 104 304 62  HOH HOH A . 
B 2 HOH 105 305 36  HOH HOH A . 
B 2 HOH 106 306 70  HOH HOH A . 
B 2 HOH 107 307 118 HOH HOH A . 
B 2 HOH 108 308 22  HOH HOH A . 
B 2 HOH 109 309 32  HOH HOH A . 
B 2 HOH 110 310 35  HOH HOH A . 
B 2 HOH 111 311 57  HOH HOH A . 
B 2 HOH 112 312 40  HOH HOH A . 
B 2 HOH 113 313 18  HOH HOH A . 
B 2 HOH 114 314 49  HOH HOH A . 
B 2 HOH 115 315 47  HOH HOH A . 
B 2 HOH 116 316 84  HOH HOH A . 
B 2 HOH 117 317 106 HOH HOH A . 
B 2 HOH 118 318 152 HOH HOH A . 
B 2 HOH 119 319 19  HOH HOH A . 
B 2 HOH 120 320 41  HOH HOH A . 
B 2 HOH 121 321 147 HOH HOH A . 
B 2 HOH 122 322 134 HOH HOH A . 
B 2 HOH 123 323 42  HOH HOH A . 
B 2 HOH 124 324 126 HOH HOH A . 
B 2 HOH 125 325 28  HOH HOH A . 
B 2 HOH 126 326 60  HOH HOH A . 
B 2 HOH 127 327 132 HOH HOH A . 
B 2 HOH 128 328 31  HOH HOH A . 
B 2 HOH 129 329 139 HOH HOH A . 
B 2 HOH 130 330 115 HOH HOH A . 
B 2 HOH 131 331 104 HOH HOH A . 
B 2 HOH 132 332 149 HOH HOH A . 
B 2 HOH 133 333 109 HOH HOH A . 
B 2 HOH 134 334 80  HOH HOH A . 
B 2 HOH 135 335 135 HOH HOH A . 
B 2 HOH 136 336 86  HOH HOH A . 
B 2 HOH 137 337 129 HOH HOH A . 
B 2 HOH 138 338 136 HOH HOH A . 
B 2 HOH 139 339 73  HOH HOH A . 
B 2 HOH 140 340 145 HOH HOH A . 
# 
_pdbx_struct_assembly.id                   1 
_pdbx_struct_assembly.details              author_defined_assembly 
_pdbx_struct_assembly.method_details       ? 
_pdbx_struct_assembly.oligomeric_details   monomeric 
_pdbx_struct_assembly.oligomeric_count     1 
# 
_pdbx_struct_assembly_gen.assembly_id       1 
_pdbx_struct_assembly_gen.oper_expression   1 
_pdbx_struct_assembly_gen.asym_id_list      A,B 
# 
_pdbx_struct_oper_list.id                   1 
_pdbx_struct_oper_list.type                 'identity operation' 
_pdbx_struct_oper_list.name                 1_555 
_pdbx_struct_oper_list.symmetry_operation   x,y,z 
_pdbx_struct_oper_list.matrix[1][1]         1.0000000000 
_pdbx_struct_oper_list.matrix[1][2]         0.0000000000 
_pdbx_struct_oper_list.matrix[1][3]         0.0000000000 
_pdbx_struct_oper_list.vector[1]            0.0000000000 
_pdbx_struct_oper_list.matrix[2][1]         0.0000000000 
_pdbx_struct_oper_list.matrix[2][2]         1.0000000000 
_pdbx_struct_oper_list.matrix[2][3]         0.0000000000 
_pdbx_struct_oper_list.vector[2]            0.0000000000 
_pdbx_struct_oper_list.matrix[3][1]         0.0000000000 
_pdbx_struct_oper_list.matrix[3][2]         0.0000000000 
_pdbx_struct_oper_list.matrix[3][3]         1.0000000000 
_pdbx_struct_oper_list.vector[3]            0.0000000000 
# 
loop_
_pdbx_audit_revision_history.ordinal 
_pdbx_audit_revision_history.data_content_type 
_pdbx_audit_revision_history.major_revision 
_pdbx_audit_revision_history.minor_revision 
_pdbx_audit_revision_history.revision_date 
1 'Structure model' 1 0 2019-08-21 
2 'Structure model' 1 1 2023-11-22 
# 
_pdbx_audit_revision_details.ordinal             1 
_pdbx_audit_revision_details.revision_ordinal    1 
_pdbx_audit_revision_details.data_content_type   'Structure model' 
_pdbx_audit_revision_details.provider            repository 
_pdbx_audit_revision_details.type                'Initial release' 
_pdbx_audit_revision_details.description         ? 
_pdbx_audit_revision_details.details             ? 
# 
loop_
_pdbx_audit_revision_group.ordinal 
_pdbx_audit_revision_group.revision_ordinal 
_pdbx_audit_revision_group.data_content_type 
_pdbx_audit_revision_group.group 
1 2 'Structure model' 'Data collection'        
2 2 'Structure model' 'Database references'    
3 2 'Structure model' 'Refinement description' 
# 
loop_
_pdbx_audit_revision_category.ordinal 
_pdbx_audit_revision_category.revision_ordinal 
_pdbx_audit_revision_category.data_content_type 
_pdbx_audit_revision_category.category 
1 2 'Structure model' chem_comp_atom                
2 2 'Structure model' chem_comp_bond                
3 2 'Structure model' database_2                    
4 2 'Structure model' pdbx_initial_refinement_model 
# 
loop_
_pdbx_audit_revision_item.ordinal 
_pdbx_audit_revision_item.revision_ordinal 
_pdbx_audit_revision_item.data_content_type 
_pdbx_audit_revision_item.item 
1 2 'Structure model' '_database_2.pdbx_DOI'                
2 2 'Structure model' '_database_2.pdbx_database_accession' 
# 
loop_
_software.citation_id 
_software.classification 
_software.compiler_name 
_software.compiler_version 
_software.contact_author 
_software.contact_author_email 
_software.date 
_software.description 
_software.dependencies 
_software.hardware 
_software.language 
_software.location 
_software.mods 
_software.name 
_software.os 
_software.os_version 
_software.type 
_software.version 
_software.pdbx_ordinal 
? 'data scaling'    ? ? ? ? ? ? ? ? ? ? ? HKL-2000    ? ? ? .           1 
? refinement        ? ? ? ? ? ? ? ? ? ? ? PHENIX      ? ? ? 1.11.1_2575 2 
? 'data extraction' ? ? ? ? ? ? ? ? ? ? ? PDB_EXTRACT ? ? ? 3.25        3 
? 'data reduction'  ? ? ? ? ? ? ? ? ? ? ? HKL-2000    ? ? ? .           4 
? phasing           ? ? ? ? ? ? ? ? ? ? ? PHENIX      ? ? ? .           5 
# 
loop_
_pdbx_validate_close_contact.id 
_pdbx_validate_close_contact.PDB_model_num 
_pdbx_validate_close_contact.auth_atom_id_1 
_pdbx_validate_close_contact.auth_asym_id_1 
_pdbx_validate_close_contact.auth_comp_id_1 
_pdbx_validate_close_contact.auth_seq_id_1 
_pdbx_validate_close_contact.PDB_ins_code_1 
_pdbx_validate_close_contact.label_alt_id_1 
_pdbx_validate_close_contact.auth_atom_id_2 
_pdbx_validate_close_contact.auth_asym_id_2 
_pdbx_validate_close_contact.auth_comp_id_2 
_pdbx_validate_close_contact.auth_seq_id_2 
_pdbx_validate_close_contact.PDB_ins_code_2 
_pdbx_validate_close_contact.label_alt_id_2 
_pdbx_validate_close_contact.dist 
1  1 O   A HOH 205 ? ? O A HOH 318 ? ? 1.77 
2  1 N   A ILE 155 ? ? O A HOH 201 ? ? 1.96 
3  1 OE1 A GLN 66  ? ? O A HOH 202 ? ? 1.97 
4  1 O   A HOH 203 ? ? O A HOH 301 ? ? 2.02 
5  1 OE2 A GLU 137 ? ? O A HOH 203 ? ? 2.07 
6  1 O   A ALA 56  ? ? O A HOH 204 ? ? 2.11 
7  1 O   A HOH 322 ? ? O A HOH 336 ? ? 2.12 
8  1 O   A PRO 42  ? ? O A HOH 205 ? ? 2.16 
9  1 NE2 A GLN 66  ? ? O A HOH 206 ? ? 2.18 
10 1 O   A HOH 212 ? ? O A HOH 318 ? ? 2.19 
# 
_pdbx_validate_symm_contact.id                1 
_pdbx_validate_symm_contact.PDB_model_num     1 
_pdbx_validate_symm_contact.auth_atom_id_1    O 
_pdbx_validate_symm_contact.auth_asym_id_1    A 
_pdbx_validate_symm_contact.auth_comp_id_1    HOH 
_pdbx_validate_symm_contact.auth_seq_id_1     300 
_pdbx_validate_symm_contact.PDB_ins_code_1    ? 
_pdbx_validate_symm_contact.label_alt_id_1    ? 
_pdbx_validate_symm_contact.site_symmetry_1   1_555 
_pdbx_validate_symm_contact.auth_atom_id_2    O 
_pdbx_validate_symm_contact.auth_asym_id_2    A 
_pdbx_validate_symm_contact.auth_comp_id_2    HOH 
_pdbx_validate_symm_contact.auth_seq_id_2     319 
_pdbx_validate_symm_contact.PDB_ins_code_2    ? 
_pdbx_validate_symm_contact.label_alt_id_2    ? 
_pdbx_validate_symm_contact.site_symmetry_2   4_446 
_pdbx_validate_symm_contact.dist              2.08 
# 
_pdbx_validate_rmsd_bond.id                        1 
_pdbx_validate_rmsd_bond.PDB_model_num             1 
_pdbx_validate_rmsd_bond.auth_atom_id_1            CB 
_pdbx_validate_rmsd_bond.auth_asym_id_1            A 
_pdbx_validate_rmsd_bond.auth_comp_id_1            SER 
_pdbx_validate_rmsd_bond.auth_seq_id_1             119 
_pdbx_validate_rmsd_bond.PDB_ins_code_1            ? 
_pdbx_validate_rmsd_bond.label_alt_id_1            ? 
_pdbx_validate_rmsd_bond.auth_atom_id_2            OG 
_pdbx_validate_rmsd_bond.auth_asym_id_2            A 
_pdbx_validate_rmsd_bond.auth_comp_id_2            SER 
_pdbx_validate_rmsd_bond.auth_seq_id_2             119 
_pdbx_validate_rmsd_bond.PDB_ins_code_2            ? 
_pdbx_validate_rmsd_bond.label_alt_id_2            ? 
_pdbx_validate_rmsd_bond.bond_value                1.329 
_pdbx_validate_rmsd_bond.bond_target_value         1.418 
_pdbx_validate_rmsd_bond.bond_deviation            -0.089 
_pdbx_validate_rmsd_bond.bond_standard_deviation   0.013 
_pdbx_validate_rmsd_bond.linker_flag               N 
# 
loop_
_pdbx_validate_rmsd_angle.id 
_pdbx_validate_rmsd_angle.PDB_model_num 
_pdbx_validate_rmsd_angle.auth_atom_id_1 
_pdbx_validate_rmsd_angle.auth_asym_id_1 
_pdbx_validate_rmsd_angle.auth_comp_id_1 
_pdbx_validate_rmsd_angle.auth_seq_id_1 
_pdbx_validate_rmsd_angle.PDB_ins_code_1 
_pdbx_validate_rmsd_angle.label_alt_id_1 
_pdbx_validate_rmsd_angle.auth_atom_id_2 
_pdbx_validate_rmsd_angle.auth_asym_id_2 
_pdbx_validate_rmsd_angle.auth_comp_id_2 
_pdbx_validate_rmsd_angle.auth_seq_id_2 
_pdbx_validate_rmsd_angle.PDB_ins_code_2 
_pdbx_validate_rmsd_angle.label_alt_id_2 
_pdbx_validate_rmsd_angle.auth_atom_id_3 
_pdbx_validate_rmsd_angle.auth_asym_id_3 
_pdbx_validate_rmsd_angle.auth_comp_id_3 
_pdbx_validate_rmsd_angle.auth_seq_id_3 
_pdbx_validate_rmsd_angle.PDB_ins_code_3 
_pdbx_validate_rmsd_angle.label_alt_id_3 
_pdbx_validate_rmsd_angle.angle_value 
_pdbx_validate_rmsd_angle.angle_target_value 
_pdbx_validate_rmsd_angle.angle_deviation 
_pdbx_validate_rmsd_angle.angle_standard_deviation 
_pdbx_validate_rmsd_angle.linker_flag 
1 1 NE A ARG 46  ? ? CZ A ARG 46  ? ? NH2 A ARG 46  ? ? 117.11 120.30 -3.19  0.50 N 
2 1 NE A ARG 92  ? ? CZ A ARG 92  ? ? NH2 A ARG 92  ? ? 116.75 120.30 -3.55  0.50 N 
3 1 CA A LEU 106 ? ? CB A LEU 106 ? ? CG  A LEU 106 ? ? 99.71  115.30 -15.59 2.30 N 
4 1 CB A LEU 106 ? ? CG A LEU 106 ? ? CD1 A LEU 106 ? ? 122.29 111.00 11.29  1.70 N 
# 
_pdbx_validate_torsion.id              1 
_pdbx_validate_torsion.PDB_model_num   1 
_pdbx_validate_torsion.auth_comp_id    GLU 
_pdbx_validate_torsion.auth_asym_id    A 
_pdbx_validate_torsion.auth_seq_id     108 
_pdbx_validate_torsion.PDB_ins_code    ? 
_pdbx_validate_torsion.label_alt_id    ? 
_pdbx_validate_torsion.phi             -156.49 
_pdbx_validate_torsion.psi             39.57 
# 
loop_
_pdbx_unobs_or_zero_occ_residues.id 
_pdbx_unobs_or_zero_occ_residues.PDB_model_num 
_pdbx_unobs_or_zero_occ_residues.polymer_flag 
_pdbx_unobs_or_zero_occ_residues.occupancy_flag 
_pdbx_unobs_or_zero_occ_residues.auth_asym_id 
_pdbx_unobs_or_zero_occ_residues.auth_comp_id 
_pdbx_unobs_or_zero_occ_residues.auth_seq_id 
_pdbx_unobs_or_zero_occ_residues.PDB_ins_code 
_pdbx_unobs_or_zero_occ_residues.label_asym_id 
_pdbx_unobs_or_zero_occ_residues.label_comp_id 
_pdbx_unobs_or_zero_occ_residues.label_seq_id 
1  1 Y 1 A GLY 18  ? A GLY 1   
2  1 Y 1 A SER 19  ? A SER 2   
3  1 Y 1 A HIS 20  ? A HIS 3   
4  1 Y 1 A MET 21  ? A MET 4   
5  1 Y 1 A PRO 22  ? A PRO 5   
6  1 Y 1 A GLU 23  ? A GLU 6   
7  1 Y 1 A THR 24  ? A THR 7   
8  1 Y 1 A GLU 25  ? A GLU 8   
9  1 Y 1 A THR 26  ? A THR 9   
10 1 Y 1 A ASP 151 ? A ASP 134 
11 1 Y 1 A ALA 152 ? A ALA 135 
12 1 Y 1 A GLU 153 ? A GLU 136 
13 1 Y 1 A GLY 154 ? A GLY 137 
14 1 Y 1 A ASP 177 ? A ASP 160 
15 1 Y 1 A ARG 178 ? A ARG 161 
16 1 Y 1 A LEU 182 ? A LEU 165 
17 1 Y 1 A ALA 183 ? A ALA 166 
18 1 Y 1 A MET 184 ? A MET 167 
19 1 Y 1 A ASN 185 ? A ASN 168 
# 
loop_
_chem_comp_atom.comp_id 
_chem_comp_atom.atom_id 
_chem_comp_atom.type_symbol 
_chem_comp_atom.pdbx_aromatic_flag 
_chem_comp_atom.pdbx_stereo_config 
_chem_comp_atom.pdbx_ordinal 
ALA N    N N N 1   
ALA CA   C N S 2   
ALA C    C N N 3   
ALA O    O N N 4   
ALA CB   C N N 5   
ALA OXT  O N N 6   
ALA H    H N N 7   
ALA H2   H N N 8   
ALA HA   H N N 9   
ALA HB1  H N N 10  
ALA HB2  H N N 11  
ALA HB3  H N N 12  
ALA HXT  H N N 13  
ARG N    N N N 14  
ARG CA   C N S 15  
ARG C    C N N 16  
ARG O    O N N 17  
ARG CB   C N N 18  
ARG CG   C N N 19  
ARG CD   C N N 20  
ARG NE   N N N 21  
ARG CZ   C N N 22  
ARG NH1  N N N 23  
ARG NH2  N N N 24  
ARG OXT  O N N 25  
ARG H    H N N 26  
ARG H2   H N N 27  
ARG HA   H N N 28  
ARG HB2  H N N 29  
ARG HB3  H N N 30  
ARG HG2  H N N 31  
ARG HG3  H N N 32  
ARG HD2  H N N 33  
ARG HD3  H N N 34  
ARG HE   H N N 35  
ARG HH11 H N N 36  
ARG HH12 H N N 37  
ARG HH21 H N N 38  
ARG HH22 H N N 39  
ARG HXT  H N N 40  
ASN N    N N N 41  
ASN CA   C N S 42  
ASN C    C N N 43  
ASN O    O N N 44  
ASN CB   C N N 45  
ASN CG   C N N 46  
ASN OD1  O N N 47  
ASN ND2  N N N 48  
ASN OXT  O N N 49  
ASN H    H N N 50  
ASN H2   H N N 51  
ASN HA   H N N 52  
ASN HB2  H N N 53  
ASN HB3  H N N 54  
ASN HD21 H N N 55  
ASN HD22 H N N 56  
ASN HXT  H N N 57  
ASP N    N N N 58  
ASP CA   C N S 59  
ASP C    C N N 60  
ASP O    O N N 61  
ASP CB   C N N 62  
ASP CG   C N N 63  
ASP OD1  O N N 64  
ASP OD2  O N N 65  
ASP OXT  O N N 66  
ASP H    H N N 67  
ASP H2   H N N 68  
ASP HA   H N N 69  
ASP HB2  H N N 70  
ASP HB3  H N N 71  
ASP HD2  H N N 72  
ASP HXT  H N N 73  
CYS N    N N N 74  
CYS CA   C N R 75  
CYS C    C N N 76  
CYS O    O N N 77  
CYS CB   C N N 78  
CYS SG   S N N 79  
CYS OXT  O N N 80  
CYS H    H N N 81  
CYS H2   H N N 82  
CYS HA   H N N 83  
CYS HB2  H N N 84  
CYS HB3  H N N 85  
CYS HG   H N N 86  
CYS HXT  H N N 87  
GLN N    N N N 88  
GLN CA   C N S 89  
GLN C    C N N 90  
GLN O    O N N 91  
GLN CB   C N N 92  
GLN CG   C N N 93  
GLN CD   C N N 94  
GLN OE1  O N N 95  
GLN NE2  N N N 96  
GLN OXT  O N N 97  
GLN H    H N N 98  
GLN H2   H N N 99  
GLN HA   H N N 100 
GLN HB2  H N N 101 
GLN HB3  H N N 102 
GLN HG2  H N N 103 
GLN HG3  H N N 104 
GLN HE21 H N N 105 
GLN HE22 H N N 106 
GLN HXT  H N N 107 
GLU N    N N N 108 
GLU CA   C N S 109 
GLU C    C N N 110 
GLU O    O N N 111 
GLU CB   C N N 112 
GLU CG   C N N 113 
GLU CD   C N N 114 
GLU OE1  O N N 115 
GLU OE2  O N N 116 
GLU OXT  O N N 117 
GLU H    H N N 118 
GLU H2   H N N 119 
GLU HA   H N N 120 
GLU HB2  H N N 121 
GLU HB3  H N N 122 
GLU HG2  H N N 123 
GLU HG3  H N N 124 
GLU HE2  H N N 125 
GLU HXT  H N N 126 
GLY N    N N N 127 
GLY CA   C N N 128 
GLY C    C N N 129 
GLY O    O N N 130 
GLY OXT  O N N 131 
GLY H    H N N 132 
GLY H2   H N N 133 
GLY HA2  H N N 134 
GLY HA3  H N N 135 
GLY HXT  H N N 136 
HIS N    N N N 137 
HIS CA   C N S 138 
HIS C    C N N 139 
HIS O    O N N 140 
HIS CB   C N N 141 
HIS CG   C Y N 142 
HIS ND1  N Y N 143 
HIS CD2  C Y N 144 
HIS CE1  C Y N 145 
HIS NE2  N Y N 146 
HIS OXT  O N N 147 
HIS H    H N N 148 
HIS H2   H N N 149 
HIS HA   H N N 150 
HIS HB2  H N N 151 
HIS HB3  H N N 152 
HIS HD1  H N N 153 
HIS HD2  H N N 154 
HIS HE1  H N N 155 
HIS HE2  H N N 156 
HIS HXT  H N N 157 
HOH O    O N N 158 
HOH H1   H N N 159 
HOH H2   H N N 160 
ILE N    N N N 161 
ILE CA   C N S 162 
ILE C    C N N 163 
ILE O    O N N 164 
ILE CB   C N S 165 
ILE CG1  C N N 166 
ILE CG2  C N N 167 
ILE CD1  C N N 168 
ILE OXT  O N N 169 
ILE H    H N N 170 
ILE H2   H N N 171 
ILE HA   H N N 172 
ILE HB   H N N 173 
ILE HG12 H N N 174 
ILE HG13 H N N 175 
ILE HG21 H N N 176 
ILE HG22 H N N 177 
ILE HG23 H N N 178 
ILE HD11 H N N 179 
ILE HD12 H N N 180 
ILE HD13 H N N 181 
ILE HXT  H N N 182 
LEU N    N N N 183 
LEU CA   C N S 184 
LEU C    C N N 185 
LEU O    O N N 186 
LEU CB   C N N 187 
LEU CG   C N N 188 
LEU CD1  C N N 189 
LEU CD2  C N N 190 
LEU OXT  O N N 191 
LEU H    H N N 192 
LEU H2   H N N 193 
LEU HA   H N N 194 
LEU HB2  H N N 195 
LEU HB3  H N N 196 
LEU HG   H N N 197 
LEU HD11 H N N 198 
LEU HD12 H N N 199 
LEU HD13 H N N 200 
LEU HD21 H N N 201 
LEU HD22 H N N 202 
LEU HD23 H N N 203 
LEU HXT  H N N 204 
LYS N    N N N 205 
LYS CA   C N S 206 
LYS C    C N N 207 
LYS O    O N N 208 
LYS CB   C N N 209 
LYS CG   C N N 210 
LYS CD   C N N 211 
LYS CE   C N N 212 
LYS NZ   N N N 213 
LYS OXT  O N N 214 
LYS H    H N N 215 
LYS H2   H N N 216 
LYS HA   H N N 217 
LYS HB2  H N N 218 
LYS HB3  H N N 219 
LYS HG2  H N N 220 
LYS HG3  H N N 221 
LYS HD2  H N N 222 
LYS HD3  H N N 223 
LYS HE2  H N N 224 
LYS HE3  H N N 225 
LYS HZ1  H N N 226 
LYS HZ2  H N N 227 
LYS HZ3  H N N 228 
LYS HXT  H N N 229 
MET N    N N N 230 
MET CA   C N S 231 
MET C    C N N 232 
MET O    O N N 233 
MET CB   C N N 234 
MET CG   C N N 235 
MET SD   S N N 236 
MET CE   C N N 237 
MET OXT  O N N 238 
MET H    H N N 239 
MET H2   H N N 240 
MET HA   H N N 241 
MET HB2  H N N 242 
MET HB3  H N N 243 
MET HG2  H N N 244 
MET HG3  H N N 245 
MET HE1  H N N 246 
MET HE2  H N N 247 
MET HE3  H N N 248 
MET HXT  H N N 249 
PHE N    N N N 250 
PHE CA   C N S 251 
PHE C    C N N 252 
PHE O    O N N 253 
PHE CB   C N N 254 
PHE CG   C Y N 255 
PHE CD1  C Y N 256 
PHE CD2  C Y N 257 
PHE CE1  C Y N 258 
PHE CE2  C Y N 259 
PHE CZ   C Y N 260 
PHE OXT  O N N 261 
PHE H    H N N 262 
PHE H2   H N N 263 
PHE HA   H N N 264 
PHE HB2  H N N 265 
PHE HB3  H N N 266 
PHE HD1  H N N 267 
PHE HD2  H N N 268 
PHE HE1  H N N 269 
PHE HE2  H N N 270 
PHE HZ   H N N 271 
PHE HXT  H N N 272 
PRO N    N N N 273 
PRO CA   C N S 274 
PRO C    C N N 275 
PRO O    O N N 276 
PRO CB   C N N 277 
PRO CG   C N N 278 
PRO CD   C N N 279 
PRO OXT  O N N 280 
PRO H    H N N 281 
PRO HA   H N N 282 
PRO HB2  H N N 283 
PRO HB3  H N N 284 
PRO HG2  H N N 285 
PRO HG3  H N N 286 
PRO HD2  H N N 287 
PRO HD3  H N N 288 
PRO HXT  H N N 289 
SER N    N N N 290 
SER CA   C N S 291 
SER C    C N N 292 
SER O    O N N 293 
SER CB   C N N 294 
SER OG   O N N 295 
SER OXT  O N N 296 
SER H    H N N 297 
SER H2   H N N 298 
SER HA   H N N 299 
SER HB2  H N N 300 
SER HB3  H N N 301 
SER HG   H N N 302 
SER HXT  H N N 303 
THR N    N N N 304 
THR CA   C N S 305 
THR C    C N N 306 
THR O    O N N 307 
THR CB   C N R 308 
THR OG1  O N N 309 
THR CG2  C N N 310 
THR OXT  O N N 311 
THR H    H N N 312 
THR H2   H N N 313 
THR HA   H N N 314 
THR HB   H N N 315 
THR HG1  H N N 316 
THR HG21 H N N 317 
THR HG22 H N N 318 
THR HG23 H N N 319 
THR HXT  H N N 320 
TRP N    N N N 321 
TRP CA   C N S 322 
TRP C    C N N 323 
TRP O    O N N 324 
TRP CB   C N N 325 
TRP CG   C Y N 326 
TRP CD1  C Y N 327 
TRP CD2  C Y N 328 
TRP NE1  N Y N 329 
TRP CE2  C Y N 330 
TRP CE3  C Y N 331 
TRP CZ2  C Y N 332 
TRP CZ3  C Y N 333 
TRP CH2  C Y N 334 
TRP OXT  O N N 335 
TRP H    H N N 336 
TRP H2   H N N 337 
TRP HA   H N N 338 
TRP HB2  H N N 339 
TRP HB3  H N N 340 
TRP HD1  H N N 341 
TRP HE1  H N N 342 
TRP HE3  H N N 343 
TRP HZ2  H N N 344 
TRP HZ3  H N N 345 
TRP HH2  H N N 346 
TRP HXT  H N N 347 
TYR N    N N N 348 
TYR CA   C N S 349 
TYR C    C N N 350 
TYR O    O N N 351 
TYR CB   C N N 352 
TYR CG   C Y N 353 
TYR CD1  C Y N 354 
TYR CD2  C Y N 355 
TYR CE1  C Y N 356 
TYR CE2  C Y N 357 
TYR CZ   C Y N 358 
TYR OH   O N N 359 
TYR OXT  O N N 360 
TYR H    H N N 361 
TYR H2   H N N 362 
TYR HA   H N N 363 
TYR HB2  H N N 364 
TYR HB3  H N N 365 
TYR HD1  H N N 366 
TYR HD2  H N N 367 
TYR HE1  H N N 368 
TYR HE2  H N N 369 
TYR HH   H N N 370 
TYR HXT  H N N 371 
VAL N    N N N 372 
VAL CA   C N S 373 
VAL C    C N N 374 
VAL O    O N N 375 
VAL CB   C N N 376 
VAL CG1  C N N 377 
VAL CG2  C N N 378 
VAL OXT  O N N 379 
VAL H    H N N 380 
VAL H2   H N N 381 
VAL HA   H N N 382 
VAL HB   H N N 383 
VAL HG11 H N N 384 
VAL HG12 H N N 385 
VAL HG13 H N N 386 
VAL HG21 H N N 387 
VAL HG22 H N N 388 
VAL HG23 H N N 389 
VAL HXT  H N N 390 
# 
loop_
_chem_comp_bond.comp_id 
_chem_comp_bond.atom_id_1 
_chem_comp_bond.atom_id_2 
_chem_comp_bond.value_order 
_chem_comp_bond.pdbx_aromatic_flag 
_chem_comp_bond.pdbx_stereo_config 
_chem_comp_bond.pdbx_ordinal 
ALA N   CA   sing N N 1   
ALA N   H    sing N N 2   
ALA N   H2   sing N N 3   
ALA CA  C    sing N N 4   
ALA CA  CB   sing N N 5   
ALA CA  HA   sing N N 6   
ALA C   O    doub N N 7   
ALA C   OXT  sing N N 8   
ALA CB  HB1  sing N N 9   
ALA CB  HB2  sing N N 10  
ALA CB  HB3  sing N N 11  
ALA OXT HXT  sing N N 12  
ARG N   CA   sing N N 13  
ARG N   H    sing N N 14  
ARG N   H2   sing N N 15  
ARG CA  C    sing N N 16  
ARG CA  CB   sing N N 17  
ARG CA  HA   sing N N 18  
ARG C   O    doub N N 19  
ARG C   OXT  sing N N 20  
ARG CB  CG   sing N N 21  
ARG CB  HB2  sing N N 22  
ARG CB  HB3  sing N N 23  
ARG CG  CD   sing N N 24  
ARG CG  HG2  sing N N 25  
ARG CG  HG3  sing N N 26  
ARG CD  NE   sing N N 27  
ARG CD  HD2  sing N N 28  
ARG CD  HD3  sing N N 29  
ARG NE  CZ   sing N N 30  
ARG NE  HE   sing N N 31  
ARG CZ  NH1  sing N N 32  
ARG CZ  NH2  doub N N 33  
ARG NH1 HH11 sing N N 34  
ARG NH1 HH12 sing N N 35  
ARG NH2 HH21 sing N N 36  
ARG NH2 HH22 sing N N 37  
ARG OXT HXT  sing N N 38  
ASN N   CA   sing N N 39  
ASN N   H    sing N N 40  
ASN N   H2   sing N N 41  
ASN CA  C    sing N N 42  
ASN CA  CB   sing N N 43  
ASN CA  HA   sing N N 44  
ASN C   O    doub N N 45  
ASN C   OXT  sing N N 46  
ASN CB  CG   sing N N 47  
ASN CB  HB2  sing N N 48  
ASN CB  HB3  sing N N 49  
ASN CG  OD1  doub N N 50  
ASN CG  ND2  sing N N 51  
ASN ND2 HD21 sing N N 52  
ASN ND2 HD22 sing N N 53  
ASN OXT HXT  sing N N 54  
ASP N   CA   sing N N 55  
ASP N   H    sing N N 56  
ASP N   H2   sing N N 57  
ASP CA  C    sing N N 58  
ASP CA  CB   sing N N 59  
ASP CA  HA   sing N N 60  
ASP C   O    doub N N 61  
ASP C   OXT  sing N N 62  
ASP CB  CG   sing N N 63  
ASP CB  HB2  sing N N 64  
ASP CB  HB3  sing N N 65  
ASP CG  OD1  doub N N 66  
ASP CG  OD2  sing N N 67  
ASP OD2 HD2  sing N N 68  
ASP OXT HXT  sing N N 69  
CYS N   CA   sing N N 70  
CYS N   H    sing N N 71  
CYS N   H2   sing N N 72  
CYS CA  C    sing N N 73  
CYS CA  CB   sing N N 74  
CYS CA  HA   sing N N 75  
CYS C   O    doub N N 76  
CYS C   OXT  sing N N 77  
CYS CB  SG   sing N N 78  
CYS CB  HB2  sing N N 79  
CYS CB  HB3  sing N N 80  
CYS SG  HG   sing N N 81  
CYS OXT HXT  sing N N 82  
GLN N   CA   sing N N 83  
GLN N   H    sing N N 84  
GLN N   H2   sing N N 85  
GLN CA  C    sing N N 86  
GLN CA  CB   sing N N 87  
GLN CA  HA   sing N N 88  
GLN C   O    doub N N 89  
GLN C   OXT  sing N N 90  
GLN CB  CG   sing N N 91  
GLN CB  HB2  sing N N 92  
GLN CB  HB3  sing N N 93  
GLN CG  CD   sing N N 94  
GLN CG  HG2  sing N N 95  
GLN CG  HG3  sing N N 96  
GLN CD  OE1  doub N N 97  
GLN CD  NE2  sing N N 98  
GLN NE2 HE21 sing N N 99  
GLN NE2 HE22 sing N N 100 
GLN OXT HXT  sing N N 101 
GLU N   CA   sing N N 102 
GLU N   H    sing N N 103 
GLU N   H2   sing N N 104 
GLU CA  C    sing N N 105 
GLU CA  CB   sing N N 106 
GLU CA  HA   sing N N 107 
GLU C   O    doub N N 108 
GLU C   OXT  sing N N 109 
GLU CB  CG   sing N N 110 
GLU CB  HB2  sing N N 111 
GLU CB  HB3  sing N N 112 
GLU CG  CD   sing N N 113 
GLU CG  HG2  sing N N 114 
GLU CG  HG3  sing N N 115 
GLU CD  OE1  doub N N 116 
GLU CD  OE2  sing N N 117 
GLU OE2 HE2  sing N N 118 
GLU OXT HXT  sing N N 119 
GLY N   CA   sing N N 120 
GLY N   H    sing N N 121 
GLY N   H2   sing N N 122 
GLY CA  C    sing N N 123 
GLY CA  HA2  sing N N 124 
GLY CA  HA3  sing N N 125 
GLY C   O    doub N N 126 
GLY C   OXT  sing N N 127 
GLY OXT HXT  sing N N 128 
HIS N   CA   sing N N 129 
HIS N   H    sing N N 130 
HIS N   H2   sing N N 131 
HIS CA  C    sing N N 132 
HIS CA  CB   sing N N 133 
HIS CA  HA   sing N N 134 
HIS C   O    doub N N 135 
HIS C   OXT  sing N N 136 
HIS CB  CG   sing N N 137 
HIS CB  HB2  sing N N 138 
HIS CB  HB3  sing N N 139 
HIS CG  ND1  sing Y N 140 
HIS CG  CD2  doub Y N 141 
HIS ND1 CE1  doub Y N 142 
HIS ND1 HD1  sing N N 143 
HIS CD2 NE2  sing Y N 144 
HIS CD2 HD2  sing N N 145 
HIS CE1 NE2  sing Y N 146 
HIS CE1 HE1  sing N N 147 
HIS NE2 HE2  sing N N 148 
HIS OXT HXT  sing N N 149 
HOH O   H1   sing N N 150 
HOH O   H2   sing N N 151 
ILE N   CA   sing N N 152 
ILE N   H    sing N N 153 
ILE N   H2   sing N N 154 
ILE CA  C    sing N N 155 
ILE CA  CB   sing N N 156 
ILE CA  HA   sing N N 157 
ILE C   O    doub N N 158 
ILE C   OXT  sing N N 159 
ILE CB  CG1  sing N N 160 
ILE CB  CG2  sing N N 161 
ILE CB  HB   sing N N 162 
ILE CG1 CD1  sing N N 163 
ILE CG1 HG12 sing N N 164 
ILE CG1 HG13 sing N N 165 
ILE CG2 HG21 sing N N 166 
ILE CG2 HG22 sing N N 167 
ILE CG2 HG23 sing N N 168 
ILE CD1 HD11 sing N N 169 
ILE CD1 HD12 sing N N 170 
ILE CD1 HD13 sing N N 171 
ILE OXT HXT  sing N N 172 
LEU N   CA   sing N N 173 
LEU N   H    sing N N 174 
LEU N   H2   sing N N 175 
LEU CA  C    sing N N 176 
LEU CA  CB   sing N N 177 
LEU CA  HA   sing N N 178 
LEU C   O    doub N N 179 
LEU C   OXT  sing N N 180 
LEU CB  CG   sing N N 181 
LEU CB  HB2  sing N N 182 
LEU CB  HB3  sing N N 183 
LEU CG  CD1  sing N N 184 
LEU CG  CD2  sing N N 185 
LEU CG  HG   sing N N 186 
LEU CD1 HD11 sing N N 187 
LEU CD1 HD12 sing N N 188 
LEU CD1 HD13 sing N N 189 
LEU CD2 HD21 sing N N 190 
LEU CD2 HD22 sing N N 191 
LEU CD2 HD23 sing N N 192 
LEU OXT HXT  sing N N 193 
LYS N   CA   sing N N 194 
LYS N   H    sing N N 195 
LYS N   H2   sing N N 196 
LYS CA  C    sing N N 197 
LYS CA  CB   sing N N 198 
LYS CA  HA   sing N N 199 
LYS C   O    doub N N 200 
LYS C   OXT  sing N N 201 
LYS CB  CG   sing N N 202 
LYS CB  HB2  sing N N 203 
LYS CB  HB3  sing N N 204 
LYS CG  CD   sing N N 205 
LYS CG  HG2  sing N N 206 
LYS CG  HG3  sing N N 207 
LYS CD  CE   sing N N 208 
LYS CD  HD2  sing N N 209 
LYS CD  HD3  sing N N 210 
LYS CE  NZ   sing N N 211 
LYS CE  HE2  sing N N 212 
LYS CE  HE3  sing N N 213 
LYS NZ  HZ1  sing N N 214 
LYS NZ  HZ2  sing N N 215 
LYS NZ  HZ3  sing N N 216 
LYS OXT HXT  sing N N 217 
MET N   CA   sing N N 218 
MET N   H    sing N N 219 
MET N   H2   sing N N 220 
MET CA  C    sing N N 221 
MET CA  CB   sing N N 222 
MET CA  HA   sing N N 223 
MET C   O    doub N N 224 
MET C   OXT  sing N N 225 
MET CB  CG   sing N N 226 
MET CB  HB2  sing N N 227 
MET CB  HB3  sing N N 228 
MET CG  SD   sing N N 229 
MET CG  HG2  sing N N 230 
MET CG  HG3  sing N N 231 
MET SD  CE   sing N N 232 
MET CE  HE1  sing N N 233 
MET CE  HE2  sing N N 234 
MET CE  HE3  sing N N 235 
MET OXT HXT  sing N N 236 
PHE N   CA   sing N N 237 
PHE N   H    sing N N 238 
PHE N   H2   sing N N 239 
PHE CA  C    sing N N 240 
PHE CA  CB   sing N N 241 
PHE CA  HA   sing N N 242 
PHE C   O    doub N N 243 
PHE C   OXT  sing N N 244 
PHE CB  CG   sing N N 245 
PHE CB  HB2  sing N N 246 
PHE CB  HB3  sing N N 247 
PHE CG  CD1  doub Y N 248 
PHE CG  CD2  sing Y N 249 
PHE CD1 CE1  sing Y N 250 
PHE CD1 HD1  sing N N 251 
PHE CD2 CE2  doub Y N 252 
PHE CD2 HD2  sing N N 253 
PHE CE1 CZ   doub Y N 254 
PHE CE1 HE1  sing N N 255 
PHE CE2 CZ   sing Y N 256 
PHE CE2 HE2  sing N N 257 
PHE CZ  HZ   sing N N 258 
PHE OXT HXT  sing N N 259 
PRO N   CA   sing N N 260 
PRO N   CD   sing N N 261 
PRO N   H    sing N N 262 
PRO CA  C    sing N N 263 
PRO CA  CB   sing N N 264 
PRO CA  HA   sing N N 265 
PRO C   O    doub N N 266 
PRO C   OXT  sing N N 267 
PRO CB  CG   sing N N 268 
PRO CB  HB2  sing N N 269 
PRO CB  HB3  sing N N 270 
PRO CG  CD   sing N N 271 
PRO CG  HG2  sing N N 272 
PRO CG  HG3  sing N N 273 
PRO CD  HD2  sing N N 274 
PRO CD  HD3  sing N N 275 
PRO OXT HXT  sing N N 276 
SER N   CA   sing N N 277 
SER N   H    sing N N 278 
SER N   H2   sing N N 279 
SER CA  C    sing N N 280 
SER CA  CB   sing N N 281 
SER CA  HA   sing N N 282 
SER C   O    doub N N 283 
SER C   OXT  sing N N 284 
SER CB  OG   sing N N 285 
SER CB  HB2  sing N N 286 
SER CB  HB3  sing N N 287 
SER OG  HG   sing N N 288 
SER OXT HXT  sing N N 289 
THR N   CA   sing N N 290 
THR N   H    sing N N 291 
THR N   H2   sing N N 292 
THR CA  C    sing N N 293 
THR CA  CB   sing N N 294 
THR CA  HA   sing N N 295 
THR C   O    doub N N 296 
THR C   OXT  sing N N 297 
THR CB  OG1  sing N N 298 
THR CB  CG2  sing N N 299 
THR CB  HB   sing N N 300 
THR OG1 HG1  sing N N 301 
THR CG2 HG21 sing N N 302 
THR CG2 HG22 sing N N 303 
THR CG2 HG23 sing N N 304 
THR OXT HXT  sing N N 305 
TRP N   CA   sing N N 306 
TRP N   H    sing N N 307 
TRP N   H2   sing N N 308 
TRP CA  C    sing N N 309 
TRP CA  CB   sing N N 310 
TRP CA  HA   sing N N 311 
TRP C   O    doub N N 312 
TRP C   OXT  sing N N 313 
TRP CB  CG   sing N N 314 
TRP CB  HB2  sing N N 315 
TRP CB  HB3  sing N N 316 
TRP CG  CD1  doub Y N 317 
TRP CG  CD2  sing Y N 318 
TRP CD1 NE1  sing Y N 319 
TRP CD1 HD1  sing N N 320 
TRP CD2 CE2  doub Y N 321 
TRP CD2 CE3  sing Y N 322 
TRP NE1 CE2  sing Y N 323 
TRP NE1 HE1  sing N N 324 
TRP CE2 CZ2  sing Y N 325 
TRP CE3 CZ3  doub Y N 326 
TRP CE3 HE3  sing N N 327 
TRP CZ2 CH2  doub Y N 328 
TRP CZ2 HZ2  sing N N 329 
TRP CZ3 CH2  sing Y N 330 
TRP CZ3 HZ3  sing N N 331 
TRP CH2 HH2  sing N N 332 
TRP OXT HXT  sing N N 333 
TYR N   CA   sing N N 334 
TYR N   H    sing N N 335 
TYR N   H2   sing N N 336 
TYR CA  C    sing N N 337 
TYR CA  CB   sing N N 338 
TYR CA  HA   sing N N 339 
TYR C   O    doub N N 340 
TYR C   OXT  sing N N 341 
TYR CB  CG   sing N N 342 
TYR CB  HB2  sing N N 343 
TYR CB  HB3  sing N N 344 
TYR CG  CD1  doub Y N 345 
TYR CG  CD2  sing Y N 346 
TYR CD1 CE1  sing Y N 347 
TYR CD1 HD1  sing N N 348 
TYR CD2 CE2  doub Y N 349 
TYR CD2 HD2  sing N N 350 
TYR CE1 CZ   doub Y N 351 
TYR CE1 HE1  sing N N 352 
TYR CE2 CZ   sing Y N 353 
TYR CE2 HE2  sing N N 354 
TYR CZ  OH   sing N N 355 
TYR OH  HH   sing N N 356 
TYR OXT HXT  sing N N 357 
VAL N   CA   sing N N 358 
VAL N   H    sing N N 359 
VAL N   H2   sing N N 360 
VAL CA  C    sing N N 361 
VAL CA  CB   sing N N 362 
VAL CA  HA   sing N N 363 
VAL C   O    doub N N 364 
VAL C   OXT  sing N N 365 
VAL CB  CG1  sing N N 366 
VAL CB  CG2  sing N N 367 
VAL CB  HB   sing N N 368 
VAL CG1 HG11 sing N N 369 
VAL CG1 HG12 sing N N 370 
VAL CG1 HG13 sing N N 371 
VAL CG2 HG21 sing N N 372 
VAL CG2 HG22 sing N N 373 
VAL CG2 HG23 sing N N 374 
VAL OXT HXT  sing N N 375 
# 
loop_
_pdbx_audit_support.funding_organization 
_pdbx_audit_support.country 
_pdbx_audit_support.grant_number 
_pdbx_audit_support.ordinal 
'National Research Foundation (Korea)' 'Korea, Republic Of' NRF-2017R1D1A1B03033087 1 
'National Research Foundation (Korea)' 'Korea, Republic Of' NRF-2017M3A9F6029736    2 
# 
_pdbx_entity_nonpoly.entity_id   2 
_pdbx_entity_nonpoly.name        water 
_pdbx_entity_nonpoly.comp_id     HOH 
# 
_pdbx_initial_refinement_model.id               1 
_pdbx_initial_refinement_model.entity_id_list   ? 
_pdbx_initial_refinement_model.type             'experimental model' 
_pdbx_initial_refinement_model.source_name      PDB 
_pdbx_initial_refinement_model.accession_code   5Z6V 
_pdbx_initial_refinement_model.details          ? 
# 
_pdbx_struct_assembly_auth_evidence.id                     1 
_pdbx_struct_assembly_auth_evidence.assembly_id            1 
_pdbx_struct_assembly_auth_evidence.experimental_support   'gel filtration' 
_pdbx_struct_assembly_auth_evidence.details                ? 
# 
